data_7CS2
#
_entry.id   7CS2
#
_cell.length_a   148.758
_cell.length_b   242.458
_cell.length_c   77.562
_cell.angle_alpha   90.000
_cell.angle_beta   110.532
_cell.angle_gamma   90.000
#
_symmetry.space_group_name_H-M   'C 1 2 1'
#
loop_
_entity.id
_entity.type
_entity.pdbx_description
1 polymer 'Pinoresinol-lariciresinol reductase'
2 water water
#
_entity_poly.entity_id   1
_entity_poly.type   'polypeptide(L)'
_entity_poly.pdbx_seq_one_letter_code
;MRENNSGEKTRVLVVGGTGTMGRRIVRACLAEGHETYVLQQPETRVDIEKVQLLYSYKRLGARLIEASFSDHQSLVSAVK
QVDIVVAAMSGVHFRSHSILVQLKLVEAIKEAGNIKRFLPSEFGMDPSRMGHAMPPGRETFDQKLEVRNAIEAAGIPHTY
VVGACFAAYFAGNLSQMGTLIPPKKKVNIYGDGNVKVVYVDEDDIAEYTAKTLDDPRTINKTVYVRPTENVLTQMELVQI
WEKLTGKELEKTNISANDFLADIEDKEIPHQAGLGHFYHIFYEGCLTDHEVGDDEEASKLYPDVKYTRMDEYLKIFL
;
_entity_poly.pdbx_strand_id   A,C,B,D,E,F
#
# COMPACT_ATOMS: atom_id res chain seq x y z
N GLU A 8 -3.07 -6.52 -15.92
CA GLU A 8 -2.44 -6.67 -17.23
C GLU A 8 -3.28 -6.05 -18.35
N LYS A 9 -4.53 -5.71 -18.03
CA LYS A 9 -5.38 -4.96 -18.95
C LYS A 9 -5.20 -3.46 -18.75
N THR A 10 -5.12 -2.73 -19.87
CA THR A 10 -4.92 -1.29 -19.85
C THR A 10 -6.26 -0.56 -19.71
N ARG A 11 -6.33 0.37 -18.74
CA ARG A 11 -7.48 1.22 -18.58
C ARG A 11 -7.30 2.47 -19.45
N VAL A 12 -8.18 2.66 -20.42
CA VAL A 12 -8.11 3.78 -21.38
C VAL A 12 -9.30 4.70 -21.16
N LEU A 13 -9.03 5.99 -20.96
CA LEU A 13 -10.04 7.03 -21.01
C LEU A 13 -10.09 7.65 -22.42
N VAL A 14 -11.25 7.60 -23.06
CA VAL A 14 -11.47 8.26 -24.34
C VAL A 14 -12.17 9.59 -24.11
N VAL A 15 -11.50 10.68 -24.47
CA VAL A 15 -12.06 12.02 -24.34
C VAL A 15 -12.56 12.44 -25.71
N GLY A 16 -13.84 12.83 -25.78
CA GLY A 16 -14.49 13.02 -27.06
C GLY A 16 -15.16 11.77 -27.61
N GLY A 17 -15.57 10.85 -26.73
CA GLY A 17 -16.19 9.59 -27.12
C GLY A 17 -17.48 9.68 -27.92
N THR A 18 -18.09 10.87 -28.09
CA THR A 18 -19.31 10.94 -28.89
C THR A 18 -19.13 11.64 -30.23
N GLY A 19 -17.91 11.90 -30.66
CA GLY A 19 -17.69 12.48 -31.97
C GLY A 19 -17.53 11.43 -33.04
N THR A 20 -17.35 11.90 -34.27
CA THR A 20 -17.11 11.01 -35.40
C THR A 20 -15.97 10.05 -35.12
N MET A 21 -14.79 10.59 -34.82
CA MET A 21 -13.62 9.76 -34.58
C MET A 21 -13.57 9.24 -33.15
N GLY A 22 -14.20 9.96 -32.21
CA GLY A 22 -14.15 9.52 -30.82
C GLY A 22 -14.85 8.20 -30.61
N ARG A 23 -16.04 8.04 -31.21
CA ARG A 23 -16.83 6.83 -31.00
C ARG A 23 -16.17 5.59 -31.60
N ARG A 24 -15.40 5.74 -32.69
CA ARG A 24 -14.69 4.56 -33.19
C ARG A 24 -13.58 4.14 -32.22
N ILE A 25 -12.91 5.12 -31.61
CA ILE A 25 -11.83 4.81 -30.68
C ILE A 25 -12.38 4.10 -29.45
N VAL A 26 -13.56 4.52 -28.96
CA VAL A 26 -14.21 3.81 -27.85
C VAL A 26 -14.46 2.36 -28.22
N ARG A 27 -14.99 2.13 -29.43
CA ARG A 27 -15.31 0.77 -29.84
C ARG A 27 -14.08 -0.05 -30.16
N ALA A 28 -13.03 0.57 -30.71
CA ALA A 28 -11.79 -0.16 -30.97
C ALA A 28 -11.14 -0.60 -29.66
N CYS A 29 -11.04 0.33 -28.69
CA CYS A 29 -10.50 0.01 -27.38
C CYS A 29 -11.25 -1.14 -26.71
N LEU A 30 -12.58 -1.21 -26.88
CA LEU A 30 -13.32 -2.34 -26.31
C LEU A 30 -13.01 -3.63 -27.04
N ALA A 31 -12.96 -3.60 -28.37
CA ALA A 31 -12.64 -4.78 -29.15
C ALA A 31 -11.23 -5.30 -28.87
N GLU A 32 -10.33 -4.47 -28.34
CA GLU A 32 -8.95 -4.87 -28.09
C GLU A 32 -8.75 -5.39 -26.67
N GLY A 33 -9.81 -5.43 -25.85
CA GLY A 33 -9.72 -5.92 -24.50
C GLY A 33 -9.40 -4.89 -23.46
N HIS A 34 -9.27 -3.62 -23.85
CA HIS A 34 -8.97 -2.57 -22.89
C HIS A 34 -10.17 -2.31 -21.99
N GLU A 35 -9.92 -2.10 -20.70
CA GLU A 35 -10.94 -1.51 -19.84
C GLU A 35 -11.14 -0.06 -20.27
N THR A 36 -12.31 0.27 -20.84
CA THR A 36 -12.50 1.54 -21.52
C THR A 36 -13.40 2.46 -20.73
N TYR A 37 -12.93 3.67 -20.45
CA TYR A 37 -13.70 4.68 -19.76
C TYR A 37 -14.01 5.82 -20.74
N VAL A 38 -15.21 6.39 -20.64
CA VAL A 38 -15.64 7.41 -21.60
C VAL A 38 -16.04 8.65 -20.82
N LEU A 39 -15.35 9.76 -21.08
CA LEU A 39 -15.72 11.01 -20.43
C LEU A 39 -17.09 11.45 -20.92
N GLN A 40 -17.96 11.82 -19.97
CA GLN A 40 -19.29 12.31 -20.28
C GLN A 40 -19.49 13.61 -19.51
N GLN A 41 -19.77 14.69 -20.24
CA GLN A 41 -19.84 15.96 -19.53
C GLN A 41 -21.21 16.14 -18.88
N PRO A 42 -21.30 16.97 -17.85
CA PRO A 42 -22.62 17.32 -17.33
C PRO A 42 -23.66 17.63 -18.40
N GLU A 43 -23.35 18.41 -19.44
CA GLU A 43 -24.40 18.89 -20.34
C GLU A 43 -24.95 17.82 -21.30
N THR A 44 -24.53 16.56 -21.21
CA THR A 44 -25.07 15.53 -22.09
C THR A 44 -26.30 14.83 -21.52
N ARG A 45 -26.86 15.29 -20.39
CA ARG A 45 -28.07 14.66 -19.87
C ARG A 45 -29.34 15.16 -20.54
N VAL A 46 -29.23 16.13 -21.44
CA VAL A 46 -30.38 16.69 -22.17
C VAL A 46 -30.37 16.31 -23.66
N ASP A 47 -29.40 15.49 -24.09
CA ASP A 47 -29.10 15.21 -25.49
C ASP A 47 -29.43 13.75 -25.78
N ILE A 48 -30.53 13.51 -26.50
CA ILE A 48 -31.08 12.15 -26.65
C ILE A 48 -30.07 11.24 -27.35
N GLU A 49 -29.38 11.73 -28.37
CA GLU A 49 -28.48 10.86 -29.09
C GLU A 49 -27.17 10.66 -28.33
N LYS A 50 -26.73 11.65 -27.56
CA LYS A 50 -25.51 11.48 -26.78
C LYS A 50 -25.73 10.50 -25.63
N VAL A 51 -26.89 10.55 -24.97
CA VAL A 51 -27.17 9.60 -23.89
C VAL A 51 -27.29 8.17 -24.45
N GLN A 52 -28.07 7.99 -25.51
CA GLN A 52 -28.21 6.65 -26.08
C GLN A 52 -26.86 6.13 -26.59
N LEU A 53 -26.03 7.02 -27.13
CA LEU A 53 -24.69 6.63 -27.55
C LEU A 53 -23.82 6.26 -26.35
N LEU A 54 -23.72 7.14 -25.36
CA LEU A 54 -22.88 6.84 -24.19
C LEU A 54 -23.32 5.55 -23.52
N TYR A 55 -24.64 5.39 -23.29
CA TYR A 55 -25.09 4.19 -22.59
C TYR A 55 -25.02 2.94 -23.46
N SER A 56 -24.83 3.08 -24.78
CA SER A 56 -24.54 1.89 -25.56
C SER A 56 -23.10 1.41 -25.35
N TYR A 57 -22.16 2.32 -25.06
CA TYR A 57 -20.82 1.87 -24.66
C TYR A 57 -20.89 1.07 -23.36
N LYS A 58 -21.78 1.48 -22.44
CA LYS A 58 -21.93 0.78 -21.18
C LYS A 58 -22.35 -0.68 -21.42
N ARG A 59 -23.28 -0.92 -22.35
CA ARG A 59 -23.68 -2.30 -22.66
C ARG A 59 -22.47 -3.16 -23.02
N LEU A 60 -21.48 -2.58 -23.71
CA LEU A 60 -20.30 -3.32 -24.15
C LEU A 60 -19.19 -3.35 -23.11
N GLY A 61 -19.39 -2.80 -21.92
CA GLY A 61 -18.40 -2.87 -20.86
C GLY A 61 -17.72 -1.56 -20.52
N ALA A 62 -17.93 -0.51 -21.30
CA ALA A 62 -17.27 0.75 -21.00
C ALA A 62 -17.77 1.29 -19.66
N ARG A 63 -17.09 2.31 -19.16
CA ARG A 63 -17.52 2.95 -17.94
C ARG A 63 -17.65 4.44 -18.21
N LEU A 64 -18.67 5.05 -17.61
CA LEU A 64 -18.90 6.48 -17.76
C LEU A 64 -18.37 7.18 -16.52
N ILE A 65 -17.47 8.13 -16.73
CA ILE A 65 -17.03 9.01 -15.64
C ILE A 65 -17.41 10.43 -16.03
N GLU A 66 -18.21 11.08 -15.18
CA GLU A 66 -18.64 12.43 -15.49
C GLU A 66 -17.58 13.41 -15.00
N ALA A 67 -17.31 14.42 -15.82
CA ALA A 67 -16.41 15.52 -15.48
C ALA A 67 -16.67 16.64 -16.48
N SER A 68 -16.26 17.84 -16.10
CA SER A 68 -16.27 18.98 -17.00
C SER A 68 -14.84 19.42 -17.28
N PHE A 69 -14.67 20.15 -18.38
CA PHE A 69 -13.36 20.71 -18.70
C PHE A 69 -13.05 21.96 -17.89
N SER A 70 -14.09 22.72 -17.55
CA SER A 70 -13.92 23.90 -16.72
C SER A 70 -13.56 23.56 -15.27
N ASP A 71 -13.89 22.33 -14.83
CA ASP A 71 -13.74 21.88 -13.43
C ASP A 71 -12.51 20.99 -13.35
N HIS A 72 -11.40 21.56 -12.85
CA HIS A 72 -10.10 20.89 -12.87
C HIS A 72 -10.06 19.67 -11.97
N GLN A 73 -10.78 19.69 -10.84
CA GLN A 73 -10.69 18.57 -9.92
C GLN A 73 -11.42 17.35 -10.47
N SER A 74 -12.57 17.56 -11.11
CA SER A 74 -13.25 16.43 -11.75
C SER A 74 -12.44 15.84 -12.89
N LEU A 75 -11.64 16.65 -13.60
CA LEU A 75 -10.73 16.09 -14.60
C LEU A 75 -9.64 15.22 -13.98
N VAL A 76 -9.00 15.68 -12.89
CA VAL A 76 -7.95 14.86 -12.26
C VAL A 76 -8.57 13.66 -11.55
N SER A 77 -9.71 13.87 -10.92
CA SER A 77 -10.48 12.75 -10.39
C SER A 77 -10.75 11.71 -11.46
N ALA A 78 -10.89 12.14 -12.72
CA ALA A 78 -11.22 11.23 -13.82
C ALA A 78 -9.98 10.50 -14.33
N VAL A 79 -8.88 11.19 -14.59
CA VAL A 79 -7.74 10.52 -15.23
C VAL A 79 -6.96 9.64 -14.26
N LYS A 80 -7.23 9.71 -12.96
CA LYS A 80 -6.51 8.80 -12.07
C LYS A 80 -7.22 7.46 -11.94
N GLN A 81 -8.39 7.28 -12.56
CA GLN A 81 -9.00 5.97 -12.70
C GLN A 81 -8.47 5.19 -13.89
N VAL A 82 -7.47 5.72 -14.61
CA VAL A 82 -7.03 5.13 -15.86
C VAL A 82 -5.51 5.14 -15.94
N ASP A 83 -4.99 4.41 -16.92
CA ASP A 83 -3.58 4.39 -17.24
C ASP A 83 -3.25 5.27 -18.44
N ILE A 84 -4.20 5.42 -19.37
CA ILE A 84 -3.95 6.08 -20.64
C ILE A 84 -5.14 6.98 -20.97
N VAL A 85 -4.86 8.08 -21.65
CA VAL A 85 -5.88 9.02 -22.11
C VAL A 85 -5.73 9.15 -23.62
N VAL A 86 -6.85 9.04 -24.33
CA VAL A 86 -6.89 9.30 -25.76
C VAL A 86 -7.89 10.42 -25.98
N ALA A 87 -7.48 11.46 -26.70
CA ALA A 87 -8.37 12.55 -27.04
C ALA A 87 -8.66 12.53 -28.53
N ALA A 88 -9.91 12.78 -28.88
CA ALA A 88 -10.38 12.72 -30.27
C ALA A 88 -11.40 13.85 -30.37
N MET A 89 -10.94 15.04 -30.74
CA MET A 89 -11.63 16.28 -30.40
C MET A 89 -11.82 17.19 -31.62
N SER A 90 -11.90 16.63 -32.81
CA SER A 90 -11.97 17.46 -34.01
C SER A 90 -13.09 16.95 -34.90
N GLY A 91 -13.91 17.88 -35.38
CA GLY A 91 -14.92 17.54 -36.37
C GLY A 91 -16.33 17.40 -35.84
N VAL A 92 -17.14 18.43 -36.09
CA VAL A 92 -18.58 18.26 -36.35
C VAL A 92 -19.42 18.16 -35.07
N HIS A 93 -18.88 17.67 -33.97
CA HIS A 93 -19.51 17.96 -32.69
C HIS A 93 -18.61 18.83 -31.82
N PHE A 94 -17.65 19.50 -32.46
CA PHE A 94 -16.59 20.25 -31.84
C PHE A 94 -16.55 21.66 -32.44
N ARG A 95 -15.56 22.45 -32.02
CA ARG A 95 -15.49 23.87 -32.38
C ARG A 95 -14.12 24.21 -32.94
N SER A 96 -13.98 25.45 -33.42
CA SER A 96 -12.72 25.88 -34.04
C SER A 96 -11.53 25.77 -33.11
N HIS A 97 -11.74 25.85 -31.78
CA HIS A 97 -10.63 25.84 -30.82
C HIS A 97 -10.70 24.70 -29.78
N SER A 98 -11.61 23.73 -29.92
CA SER A 98 -11.63 22.73 -28.86
C SER A 98 -10.42 21.78 -28.88
N ILE A 99 -9.52 21.88 -29.87
CA ILE A 99 -8.20 21.23 -29.75
C ILE A 99 -7.47 21.75 -28.52
N LEU A 100 -7.49 23.08 -28.35
CA LEU A 100 -6.83 23.75 -27.24
C LEU A 100 -7.35 23.34 -25.88
N VAL A 101 -8.59 22.80 -25.79
CA VAL A 101 -9.16 22.37 -24.52
C VAL A 101 -8.34 21.23 -23.92
N GLN A 102 -7.59 20.50 -24.76
CA GLN A 102 -6.68 19.48 -24.27
C GLN A 102 -5.60 20.03 -23.34
N LEU A 103 -5.34 21.36 -23.36
CA LEU A 103 -4.44 21.91 -22.35
C LEU A 103 -5.03 21.81 -20.95
N LYS A 104 -6.36 21.83 -20.80
CA LYS A 104 -6.95 21.51 -19.49
C LYS A 104 -6.65 20.07 -19.10
N LEU A 105 -6.66 19.17 -20.08
CA LEU A 105 -6.40 17.76 -19.85
C LEU A 105 -4.94 17.51 -19.47
N VAL A 106 -3.99 18.16 -20.17
CA VAL A 106 -2.58 18.02 -19.84
C VAL A 106 -2.29 18.49 -18.43
N GLU A 107 -2.91 19.59 -18.02
CA GLU A 107 -2.65 20.14 -16.69
C GLU A 107 -3.26 19.27 -15.60
N ALA A 108 -4.37 18.59 -15.92
CA ALA A 108 -4.98 17.60 -15.03
C ALA A 108 -4.20 16.28 -15.02
N ILE A 109 -3.64 15.88 -16.16
CA ILE A 109 -2.90 14.63 -16.24
C ILE A 109 -1.62 14.72 -15.43
N LYS A 110 -0.99 15.89 -15.42
CA LYS A 110 0.27 16.02 -14.72
C LYS A 110 0.05 16.05 -13.21
N GLU A 111 -1.00 16.74 -12.75
CA GLU A 111 -1.35 16.70 -11.34
C GLU A 111 -1.66 15.29 -10.84
N ALA A 112 -2.20 14.42 -11.69
CA ALA A 112 -2.55 13.07 -11.23
C ALA A 112 -1.32 12.18 -11.13
N GLY A 113 -0.38 12.33 -12.07
CA GLY A 113 0.88 11.64 -12.02
C GLY A 113 0.86 10.19 -12.45
N ASN A 114 -0.31 9.54 -12.48
CA ASN A 114 -0.37 8.12 -12.79
C ASN A 114 -0.45 7.79 -14.28
N ILE A 115 -0.53 8.77 -15.17
CA ILE A 115 -0.80 8.49 -16.58
C ILE A 115 0.45 7.95 -17.26
N LYS A 116 0.35 6.72 -17.80
CA LYS A 116 1.43 6.09 -18.57
C LYS A 116 1.56 6.66 -19.98
N ARG A 117 0.47 7.10 -20.60
CA ARG A 117 0.57 7.70 -21.94
C ARG A 117 -0.63 8.60 -22.23
N PHE A 118 -0.38 9.62 -23.03
CA PHE A 118 -1.42 10.52 -23.54
C PHE A 118 -1.33 10.53 -25.06
N LEU A 119 -2.43 10.17 -25.73
CA LEU A 119 -2.50 10.29 -27.19
C LEU A 119 -3.41 11.45 -27.52
N PRO A 120 -2.86 12.62 -27.85
CA PRO A 120 -3.72 13.78 -28.13
C PRO A 120 -4.43 13.63 -29.47
N SER A 121 -5.32 14.60 -29.73
CA SER A 121 -6.15 14.63 -30.92
C SER A 121 -5.28 14.99 -32.13
N GLU A 122 -4.80 13.97 -32.84
CA GLU A 122 -3.79 14.15 -33.88
C GLU A 122 -4.07 13.47 -35.22
N PHE A 123 -5.22 12.86 -35.42
CA PHE A 123 -5.41 11.86 -36.49
C PHE A 123 -5.60 12.59 -37.82
N GLY A 124 -4.52 12.79 -38.56
CA GLY A 124 -4.59 13.65 -39.73
C GLY A 124 -3.19 13.96 -40.22
N MET A 125 -3.07 15.07 -40.95
CA MET A 125 -1.75 15.54 -41.35
C MET A 125 -0.91 15.81 -40.12
N ASP A 126 0.33 15.33 -40.16
CA ASP A 126 1.31 15.58 -39.12
C ASP A 126 1.65 17.07 -39.09
N PRO A 127 1.18 17.84 -38.11
CA PRO A 127 1.66 19.22 -37.97
C PRO A 127 3.12 19.18 -37.57
N SER A 128 3.83 20.29 -37.80
CA SER A 128 5.29 20.38 -37.71
C SER A 128 5.97 19.80 -38.94
N ARG A 129 5.24 19.12 -39.82
CA ARG A 129 5.57 19.04 -41.25
C ARG A 129 4.98 20.22 -42.00
N MET A 130 4.28 21.13 -41.32
CA MET A 130 3.47 22.17 -41.96
C MET A 130 3.98 23.56 -41.63
N GLY A 131 5.30 23.67 -41.40
CA GLY A 131 5.93 24.96 -41.17
C GLY A 131 5.77 25.95 -42.31
N HIS A 132 5.54 25.46 -43.53
CA HIS A 132 5.35 26.30 -44.72
C HIS A 132 3.95 26.01 -45.30
N ALA A 133 2.93 26.67 -44.75
CA ALA A 133 1.55 26.40 -45.17
C ALA A 133 1.03 27.40 -46.21
N GLU A 139 -5.19 28.57 -36.81
CA GLU A 139 -4.66 27.41 -37.54
C GLU A 139 -4.72 26.10 -36.75
N THR A 140 -5.17 25.05 -37.44
CA THR A 140 -5.26 23.71 -36.87
C THR A 140 -3.90 23.19 -36.40
N PHE A 141 -2.85 23.39 -37.21
CA PHE A 141 -1.54 22.84 -36.85
C PHE A 141 -0.94 23.56 -35.66
N ASP A 142 -1.27 24.85 -35.49
CA ASP A 142 -0.73 25.60 -34.36
C ASP A 142 -1.36 25.15 -33.05
N GLN A 143 -2.67 24.89 -33.05
CA GLN A 143 -3.31 24.37 -31.84
C GLN A 143 -2.79 22.97 -31.49
N LYS A 144 -2.57 22.11 -32.50
CA LYS A 144 -2.03 20.80 -32.20
C LYS A 144 -0.57 20.87 -31.79
N LEU A 145 0.19 21.80 -32.35
CA LEU A 145 1.57 22.01 -31.91
C LEU A 145 1.64 22.58 -30.52
N GLU A 146 0.71 23.46 -30.15
CA GLU A 146 0.69 23.97 -28.78
C GLU A 146 0.30 22.88 -27.78
N VAL A 147 -0.60 21.96 -28.15
CA VAL A 147 -0.93 20.88 -27.24
C VAL A 147 0.23 19.92 -27.08
N ARG A 148 1.02 19.70 -28.15
CA ARG A 148 2.20 18.83 -28.01
C ARG A 148 3.26 19.47 -27.12
N ASN A 149 3.50 20.76 -27.30
CA ASN A 149 4.48 21.46 -26.47
C ASN A 149 4.10 21.41 -24.99
N ALA A 150 2.80 21.45 -24.68
CA ALA A 150 2.41 21.31 -23.27
C ALA A 150 2.61 19.89 -22.77
N ILE A 151 2.23 18.88 -23.57
CA ILE A 151 2.47 17.47 -23.25
C ILE A 151 3.94 17.25 -22.92
N GLU A 152 4.83 17.71 -23.80
CA GLU A 152 6.24 17.39 -23.64
C GLU A 152 6.84 18.15 -22.46
N ALA A 153 6.51 19.43 -22.31
CA ALA A 153 6.96 20.17 -21.12
C ALA A 153 6.52 19.49 -19.83
N ALA A 154 5.27 19.05 -19.75
CA ALA A 154 4.80 18.40 -18.53
C ALA A 154 5.42 17.02 -18.31
N GLY A 155 6.22 16.49 -19.23
CA GLY A 155 6.75 15.15 -19.05
C GLY A 155 5.75 14.03 -19.14
N ILE A 156 4.67 14.22 -19.89
CA ILE A 156 3.71 13.13 -20.11
C ILE A 156 4.20 12.33 -21.31
N PRO A 157 4.31 11.01 -21.21
CA PRO A 157 4.67 10.23 -22.41
C PRO A 157 3.52 10.23 -23.39
N HIS A 158 3.86 10.24 -24.67
CA HIS A 158 2.88 10.44 -25.71
C HIS A 158 3.04 9.41 -26.82
N THR A 159 1.98 9.22 -27.59
CA THR A 159 2.09 8.75 -28.96
C THR A 159 1.32 9.75 -29.82
N TYR A 160 1.88 10.17 -30.94
CA TYR A 160 1.14 10.96 -31.91
C TYR A 160 0.82 10.03 -33.09
N VAL A 161 -0.47 9.88 -33.37
CA VAL A 161 -0.96 9.08 -34.49
C VAL A 161 -1.32 10.06 -35.59
N VAL A 162 -0.65 9.95 -36.73
CA VAL A 162 -0.70 10.94 -37.78
C VAL A 162 -0.73 10.23 -39.14
N GLY A 163 -0.86 11.02 -40.20
CA GLY A 163 -0.52 10.58 -41.52
C GLY A 163 -1.66 10.06 -42.34
N ALA A 164 -2.89 10.25 -41.90
CA ALA A 164 -4.04 9.65 -42.56
C ALA A 164 -4.95 10.71 -43.15
N CYS A 165 -5.61 10.32 -44.22
CA CYS A 165 -6.65 11.09 -44.89
C CYS A 165 -7.96 10.33 -44.65
N PHE A 166 -8.94 10.99 -44.02
CA PHE A 166 -10.12 10.28 -43.57
C PHE A 166 -10.96 9.83 -44.77
N ALA A 167 -11.25 8.54 -44.86
CA ALA A 167 -11.93 8.02 -46.05
C ALA A 167 -13.35 8.58 -46.20
N ALA A 168 -14.07 8.78 -45.08
CA ALA A 168 -15.41 9.38 -45.14
C ALA A 168 -15.41 10.81 -45.64
N TYR A 169 -14.25 11.45 -45.73
CA TYR A 169 -14.18 12.85 -46.11
C TYR A 169 -13.46 13.09 -47.43
N PHE A 170 -12.60 12.17 -47.85
CA PHE A 170 -11.83 12.31 -49.08
C PHE A 170 -11.94 11.12 -50.03
N ALA A 171 -12.33 9.94 -49.56
CA ALA A 171 -12.44 8.77 -50.44
C ALA A 171 -13.86 8.54 -50.94
N GLY A 172 -14.83 8.44 -50.04
CA GLY A 172 -16.21 8.22 -50.46
C GLY A 172 -16.80 9.28 -51.35
N ASN A 173 -16.25 10.50 -51.35
CA ASN A 173 -16.69 11.55 -52.27
C ASN A 173 -15.76 11.71 -53.47
N LEU A 174 -14.88 10.74 -53.72
CA LEU A 174 -13.87 10.83 -54.78
C LEU A 174 -13.02 12.11 -54.67
N SER A 175 -12.79 12.55 -53.43
CA SER A 175 -12.05 13.77 -53.06
C SER A 175 -12.77 15.02 -53.57
N GLN A 176 -14.05 14.90 -53.86
CA GLN A 176 -14.84 16.06 -54.25
C GLN A 176 -15.20 16.89 -53.02
N MET A 177 -15.12 18.20 -53.16
CA MET A 177 -15.66 19.04 -52.11
C MET A 177 -17.17 19.18 -52.31
N GLY A 178 -17.84 19.65 -51.25
CA GLY A 178 -19.27 19.90 -51.30
C GLY A 178 -20.18 18.72 -51.00
N THR A 179 -19.64 17.50 -50.91
CA THR A 179 -20.45 16.29 -50.78
C THR A 179 -19.62 15.19 -50.14
N LEU A 180 -20.33 14.18 -49.62
CA LEU A 180 -19.71 13.03 -49.00
C LEU A 180 -19.97 11.73 -49.75
N ILE A 181 -20.57 11.78 -50.95
CA ILE A 181 -20.89 10.59 -51.74
C ILE A 181 -20.45 10.80 -53.19
N PRO A 182 -20.19 9.72 -53.92
CA PRO A 182 -19.65 9.86 -55.29
C PRO A 182 -20.55 10.67 -56.17
N PRO A 183 -19.98 11.47 -57.05
CA PRO A 183 -20.79 12.28 -57.97
C PRO A 183 -21.31 11.45 -59.15
N LYS A 184 -22.41 11.93 -59.74
CA LYS A 184 -23.11 11.15 -60.75
C LYS A 184 -22.44 11.21 -62.13
N LYS A 185 -22.00 12.41 -62.58
CA LYS A 185 -21.41 12.53 -63.92
C LYS A 185 -20.00 13.16 -63.91
N LYS A 186 -19.76 14.22 -63.14
CA LYS A 186 -18.46 14.92 -63.16
C LYS A 186 -17.60 14.58 -61.95
N VAL A 187 -16.31 14.88 -62.08
CA VAL A 187 -15.37 14.83 -60.96
C VAL A 187 -14.27 15.85 -61.27
N ASN A 188 -13.99 16.73 -60.31
CA ASN A 188 -12.86 17.66 -60.45
C ASN A 188 -11.61 16.96 -59.98
N ILE A 189 -10.56 17.01 -60.79
CA ILE A 189 -9.31 16.35 -60.45
C ILE A 189 -8.25 17.42 -60.21
N TYR A 190 -7.48 17.23 -59.14
CA TYR A 190 -6.63 18.29 -58.62
C TYR A 190 -5.23 18.13 -59.19
N GLY A 191 -4.81 19.12 -59.98
CA GLY A 191 -3.55 19.04 -60.69
C GLY A 191 -3.67 18.08 -61.84
N ASP A 192 -3.03 16.93 -61.72
CA ASP A 192 -3.12 15.84 -62.69
C ASP A 192 -3.51 14.54 -62.02
N GLY A 193 -4.19 14.64 -60.87
CA GLY A 193 -4.53 13.50 -60.06
C GLY A 193 -3.34 12.61 -59.78
N ASN A 194 -2.14 13.19 -59.85
CA ASN A 194 -0.92 12.40 -59.77
C ASN A 194 -0.28 12.40 -58.39
N VAL A 195 -0.78 13.18 -57.44
CA VAL A 195 -0.21 13.29 -56.11
C VAL A 195 -0.69 12.11 -55.25
N LYS A 196 0.25 11.31 -54.76
CA LYS A 196 -0.05 10.22 -53.83
C LYS A 196 -0.68 10.74 -52.54
N VAL A 197 -1.75 10.06 -52.09
CA VAL A 197 -2.52 10.39 -50.90
C VAL A 197 -2.67 9.11 -50.09
N VAL A 198 -2.93 9.24 -48.79
CA VAL A 198 -3.13 8.07 -47.94
C VAL A 198 -4.58 8.02 -47.46
N TYR A 199 -5.46 7.42 -48.26
CA TYR A 199 -6.86 7.23 -47.88
C TYR A 199 -6.97 6.06 -46.90
N VAL A 200 -7.56 6.29 -45.73
CA VAL A 200 -7.65 5.28 -44.67
C VAL A 200 -9.07 5.29 -44.10
N ASP A 201 -9.64 4.10 -43.95
CA ASP A 201 -10.89 3.95 -43.21
C ASP A 201 -10.66 4.37 -41.76
N GLU A 202 -11.49 5.30 -41.26
CA GLU A 202 -11.32 5.75 -39.87
C GLU A 202 -11.41 4.60 -38.86
N ASP A 203 -12.10 3.50 -39.19
CA ASP A 203 -12.08 2.35 -38.28
C ASP A 203 -10.68 1.77 -38.17
N ASP A 204 -9.91 1.83 -39.25
CA ASP A 204 -8.53 1.35 -39.21
C ASP A 204 -7.65 2.28 -38.38
N ILE A 205 -7.77 3.60 -38.57
CA ILE A 205 -7.13 4.54 -37.66
C ILE A 205 -7.48 4.23 -36.20
N ALA A 206 -8.75 3.96 -35.91
CA ALA A 206 -9.13 3.65 -34.53
C ALA A 206 -8.55 2.31 -34.06
N GLU A 207 -8.49 1.29 -34.93
CA GLU A 207 -7.91 0.01 -34.52
C GLU A 207 -6.39 0.13 -34.32
N TYR A 208 -5.70 0.84 -35.23
CA TYR A 208 -4.29 1.13 -35.05
C TYR A 208 -4.06 1.94 -33.77
N THR A 209 -4.93 2.92 -33.47
CA THR A 209 -4.77 3.69 -32.24
C THR A 209 -4.86 2.80 -31.00
N ALA A 210 -5.80 1.85 -30.98
CA ALA A 210 -5.99 1.00 -29.80
C ALA A 210 -4.94 -0.09 -29.70
N LYS A 211 -4.25 -0.41 -30.79
CA LYS A 211 -3.13 -1.34 -30.67
C LYS A 211 -1.84 -0.63 -30.26
N THR A 212 -1.73 0.67 -30.52
CA THR A 212 -0.47 1.36 -30.27
C THR A 212 -0.41 2.00 -28.89
N LEU A 213 -1.55 2.33 -28.30
CA LEU A 213 -1.54 3.17 -27.10
C LEU A 213 -0.81 2.51 -25.92
N ASP A 214 -0.59 1.19 -25.96
CA ASP A 214 0.17 0.54 -24.89
C ASP A 214 1.30 -0.33 -25.45
N ASP A 215 1.61 -0.23 -26.73
CA ASP A 215 2.77 -0.87 -27.33
C ASP A 215 4.03 -0.17 -26.87
N PRO A 216 4.97 -0.85 -26.21
CA PRO A 216 6.19 -0.15 -25.74
C PRO A 216 7.07 0.35 -26.86
N ARG A 217 6.92 -0.16 -28.09
CA ARG A 217 7.70 0.36 -29.21
C ARG A 217 7.33 1.79 -29.62
N THR A 218 6.15 2.28 -29.24
CA THR A 218 5.69 3.56 -29.77
C THR A 218 5.61 4.66 -28.73
N ILE A 219 6.06 4.40 -27.49
CA ILE A 219 6.01 5.42 -26.45
C ILE A 219 6.99 6.53 -26.81
N ASN A 220 6.53 7.79 -26.72
CA ASN A 220 7.32 8.99 -27.05
C ASN A 220 7.75 9.03 -28.50
N LYS A 221 7.00 8.38 -29.38
CA LYS A 221 7.27 8.35 -30.81
C LYS A 221 6.04 8.83 -31.56
N THR A 222 6.25 9.16 -32.83
CA THR A 222 5.16 9.38 -33.76
C THR A 222 4.89 8.10 -34.55
N VAL A 223 3.61 7.76 -34.73
CA VAL A 223 3.20 6.57 -35.48
C VAL A 223 2.48 7.04 -36.75
N TYR A 224 3.06 6.75 -37.91
CA TYR A 224 2.43 7.08 -39.18
C TYR A 224 1.44 5.99 -39.58
N VAL A 225 0.25 6.40 -40.04
CA VAL A 225 -0.77 5.49 -40.54
C VAL A 225 -0.72 5.59 -42.06
N ARG A 226 -0.02 4.62 -42.67
CA ARG A 226 0.10 4.54 -44.12
C ARG A 226 0.08 3.07 -44.52
N PRO A 227 -1.10 2.46 -44.59
CA PRO A 227 -1.18 1.09 -45.12
C PRO A 227 -0.90 1.10 -46.63
N THR A 228 0.05 0.26 -47.04
CA THR A 228 0.75 0.47 -48.32
C THR A 228 -0.20 0.53 -49.49
N GLU A 229 -1.08 -0.47 -49.64
CA GLU A 229 -1.98 -0.57 -50.80
C GLU A 229 -2.98 0.57 -50.90
N ASN A 230 -3.13 1.38 -49.86
CA ASN A 230 -4.05 2.51 -49.92
C ASN A 230 -3.35 3.82 -50.14
N VAL A 231 -2.03 3.80 -50.31
CA VAL A 231 -1.31 4.94 -50.85
C VAL A 231 -1.68 5.04 -52.33
N LEU A 232 -2.41 6.08 -52.69
CA LEU A 232 -3.11 6.13 -53.96
C LEU A 232 -3.21 7.58 -54.39
N THR A 233 -3.00 7.83 -55.68
CA THR A 233 -3.26 9.15 -56.21
C THR A 233 -4.77 9.32 -56.37
N GLN A 234 -5.20 10.56 -56.66
CA GLN A 234 -6.63 10.80 -56.76
C GLN A 234 -7.23 10.18 -58.00
N MET A 235 -6.49 10.21 -59.11
CA MET A 235 -6.97 9.57 -60.34
C MET A 235 -6.96 8.05 -60.21
N GLU A 236 -5.95 7.48 -59.55
CA GLU A 236 -6.02 6.05 -59.22
C GLU A 236 -7.26 5.72 -58.39
N LEU A 237 -7.72 6.64 -57.54
CA LEU A 237 -8.88 6.37 -56.71
C LEU A 237 -10.16 6.42 -57.53
N VAL A 238 -10.36 7.51 -58.30
CA VAL A 238 -11.55 7.60 -59.14
C VAL A 238 -11.52 6.59 -60.28
N GLN A 239 -10.37 5.97 -60.56
CA GLN A 239 -10.36 4.86 -61.50
C GLN A 239 -10.78 3.55 -60.84
N ILE A 240 -10.55 3.40 -59.53
CA ILE A 240 -11.13 2.29 -58.79
C ILE A 240 -12.65 2.40 -58.81
N TRP A 241 -13.16 3.63 -58.80
CA TRP A 241 -14.59 3.87 -58.87
C TRP A 241 -15.12 3.63 -60.28
N GLU A 242 -14.55 4.33 -61.28
CA GLU A 242 -14.97 4.16 -62.68
C GLU A 242 -15.04 2.70 -63.06
N LYS A 243 -14.05 1.91 -62.64
CA LYS A 243 -14.08 0.47 -62.90
C LYS A 243 -15.29 -0.20 -62.27
N LEU A 244 -15.56 0.08 -60.98
CA LEU A 244 -16.67 -0.54 -60.26
C LEU A 244 -18.02 -0.20 -60.91
N THR A 245 -18.22 1.07 -61.29
CA THR A 245 -19.48 1.47 -61.91
C THR A 245 -19.56 1.10 -63.38
N GLY A 246 -18.42 0.78 -64.00
CA GLY A 246 -18.35 0.63 -65.43
C GLY A 246 -18.63 1.88 -66.23
N LYS A 247 -18.59 3.06 -65.61
CA LYS A 247 -18.92 4.32 -66.29
C LYS A 247 -17.77 5.31 -66.11
N GLU A 248 -17.23 5.82 -67.21
CA GLU A 248 -16.15 6.80 -67.12
C GLU A 248 -16.73 8.18 -66.81
N LEU A 249 -16.11 8.88 -65.86
CA LEU A 249 -16.58 10.16 -65.36
C LEU A 249 -15.95 11.28 -66.19
N GLU A 250 -16.68 12.38 -66.34
CA GLU A 250 -16.10 13.57 -66.97
C GLU A 250 -15.15 14.27 -66.00
N LYS A 251 -13.95 14.60 -66.48
CA LYS A 251 -12.83 15.01 -65.64
C LYS A 251 -12.36 16.39 -66.05
N THR A 252 -12.61 17.38 -65.20
CA THR A 252 -12.03 18.72 -65.30
C THR A 252 -10.79 18.77 -64.41
N ASN A 253 -9.61 18.87 -65.04
CA ASN A 253 -8.38 19.06 -64.26
C ASN A 253 -8.32 20.48 -63.71
N ILE A 254 -8.03 20.62 -62.41
CA ILE A 254 -7.93 21.93 -61.76
C ILE A 254 -6.46 22.19 -61.44
N SER A 255 -5.92 23.27 -62.01
CA SER A 255 -4.49 23.54 -61.89
C SER A 255 -4.17 24.15 -60.53
N ALA A 256 -2.90 23.95 -60.11
CA ALA A 256 -2.38 24.62 -58.92
C ALA A 256 -2.68 26.12 -58.95
N ASN A 257 -2.70 26.73 -60.14
CA ASN A 257 -2.88 28.18 -60.25
C ASN A 257 -4.23 28.63 -59.71
N ASP A 258 -5.30 27.95 -60.10
CA ASP A 258 -6.63 28.45 -59.77
C ASP A 258 -6.85 28.48 -58.27
N PHE A 259 -6.72 29.68 -57.69
CA PHE A 259 -6.50 29.87 -56.26
C PHE A 259 -7.58 30.74 -55.65
N LEU A 260 -8.53 30.08 -55.03
CA LEU A 260 -9.33 30.70 -54.00
C LEU A 260 -8.38 30.90 -52.81
N ALA A 261 -7.84 32.10 -52.72
CA ALA A 261 -7.00 32.58 -51.61
C ALA A 261 -7.43 34.00 -51.32
N ASP A 262 -8.74 34.17 -51.14
CA ASP A 262 -9.42 35.45 -51.26
C ASP A 262 -10.84 35.28 -50.75
N ILE A 263 -11.62 36.36 -50.82
CA ILE A 263 -12.80 36.51 -49.98
C ILE A 263 -14.09 36.15 -50.73
N GLU A 264 -14.16 34.87 -51.13
CA GLU A 264 -15.40 34.12 -51.31
C GLU A 264 -15.71 33.45 -49.98
N ASP A 265 -16.34 32.28 -49.98
CA ASP A 265 -16.64 31.56 -48.74
C ASP A 265 -16.17 30.10 -48.82
N LYS A 266 -15.31 29.69 -47.90
CA LYS A 266 -15.06 28.25 -47.74
C LYS A 266 -16.19 27.66 -46.91
N LEU A 274 -10.23 22.49 -47.34
CA LEU A 274 -10.28 23.95 -47.29
C LEU A 274 -9.36 24.49 -48.39
N GLY A 275 -8.17 23.90 -48.42
CA GLY A 275 -6.91 24.57 -48.63
C GLY A 275 -6.03 23.82 -47.66
N HIS A 276 -6.73 23.03 -46.83
CA HIS A 276 -6.18 21.74 -46.39
C HIS A 276 -6.12 20.78 -47.57
N PHE A 277 -7.06 20.90 -48.52
CA PHE A 277 -6.99 20.12 -49.76
C PHE A 277 -5.69 20.39 -50.51
N TYR A 278 -5.27 21.66 -50.56
CA TYR A 278 -4.06 22.00 -51.29
C TYR A 278 -2.85 21.29 -50.69
N HIS A 279 -2.82 21.13 -49.36
CA HIS A 279 -1.68 20.46 -48.73
C HIS A 279 -1.60 18.99 -49.13
N ILE A 280 -2.76 18.34 -49.30
CA ILE A 280 -2.78 16.90 -49.55
C ILE A 280 -2.60 16.61 -51.03
N PHE A 281 -3.41 17.24 -51.89
CA PHE A 281 -3.54 16.86 -53.29
C PHE A 281 -2.61 17.62 -54.23
N TYR A 282 -1.98 18.69 -53.76
CA TYR A 282 -0.98 19.46 -54.50
C TYR A 282 0.41 19.38 -53.89
N GLU A 283 0.55 19.65 -52.58
CA GLU A 283 1.86 19.57 -51.93
C GLU A 283 2.34 18.13 -51.83
N GLY A 284 1.42 17.17 -51.73
CA GLY A 284 1.79 15.79 -51.55
C GLY A 284 2.19 15.41 -50.15
N CYS A 285 1.76 16.19 -49.17
CA CYS A 285 2.40 16.18 -47.86
C CYS A 285 2.04 14.98 -46.99
N LEU A 286 1.13 14.12 -47.41
CA LEU A 286 0.94 12.85 -46.71
C LEU A 286 1.91 11.77 -47.15
N THR A 287 2.54 11.93 -48.32
CA THR A 287 3.47 10.95 -48.88
C THR A 287 4.78 11.58 -49.38
N ASP A 288 5.19 12.73 -48.83
CA ASP A 288 6.45 13.36 -49.21
C ASP A 288 7.59 13.03 -48.23
N HIS A 289 7.51 11.86 -47.57
CA HIS A 289 8.48 11.48 -46.55
C HIS A 289 8.36 9.98 -46.32
N GLU A 290 9.36 9.22 -46.74
CA GLU A 290 9.33 7.78 -46.48
C GLU A 290 9.26 7.52 -44.98
N VAL A 291 8.59 6.43 -44.61
CA VAL A 291 8.39 6.04 -43.22
C VAL A 291 9.10 4.70 -42.98
N GLY A 292 9.84 4.63 -41.88
CA GLY A 292 10.34 3.34 -41.45
C GLY A 292 9.21 2.38 -41.13
N ASP A 293 9.53 1.10 -41.17
CA ASP A 293 8.54 0.11 -40.78
C ASP A 293 8.43 -0.06 -39.27
N ASP A 294 9.25 0.67 -38.50
CA ASP A 294 9.10 0.79 -37.06
C ASP A 294 8.35 2.07 -36.66
N GLU A 295 7.99 2.91 -37.63
CA GLU A 295 7.18 4.11 -37.43
C GLU A 295 5.81 4.05 -38.12
N GLU A 296 5.45 2.92 -38.76
CA GLU A 296 4.25 2.83 -39.59
C GLU A 296 3.28 1.78 -39.05
N ALA A 297 1.98 2.09 -39.10
CA ALA A 297 0.99 1.30 -38.38
C ALA A 297 0.70 -0.03 -39.08
N SER A 298 0.60 -0.02 -40.42
CA SER A 298 0.41 -1.28 -41.15
C SER A 298 1.53 -2.27 -40.85
N LYS A 299 2.76 -1.78 -40.63
CA LYS A 299 3.87 -2.70 -40.38
C LYS A 299 3.96 -3.12 -38.93
N LEU A 300 3.72 -2.21 -37.98
CA LEU A 300 3.75 -2.63 -36.58
C LEU A 300 2.57 -3.53 -36.22
N TYR A 301 1.44 -3.37 -36.91
CA TYR A 301 0.22 -4.16 -36.67
C TYR A 301 -0.22 -4.76 -38.00
N PRO A 302 0.53 -5.78 -38.49
CA PRO A 302 0.14 -6.43 -39.76
C PRO A 302 -1.10 -7.27 -39.66
N ASP A 303 -1.58 -7.55 -38.44
CA ASP A 303 -2.82 -8.31 -38.26
C ASP A 303 -4.08 -7.50 -38.51
N VAL A 304 -3.96 -6.19 -38.68
CA VAL A 304 -5.10 -5.32 -38.96
C VAL A 304 -5.36 -5.40 -40.46
N LYS A 305 -6.37 -6.19 -40.84
CA LYS A 305 -6.75 -6.31 -42.24
C LYS A 305 -7.50 -5.04 -42.60
N TYR A 306 -6.74 -3.99 -42.91
CA TYR A 306 -7.30 -2.68 -43.21
C TYR A 306 -8.15 -2.75 -44.46
N THR A 307 -8.96 -1.71 -44.69
CA THR A 307 -9.93 -1.71 -45.77
C THR A 307 -9.32 -1.01 -46.99
N ARG A 308 -9.11 -1.77 -48.06
CA ARG A 308 -8.71 -1.18 -49.32
C ARG A 308 -9.82 -0.30 -49.86
N MET A 309 -9.47 0.61 -50.75
CA MET A 309 -10.47 1.59 -51.17
C MET A 309 -11.44 1.03 -52.20
N ASP A 310 -11.11 -0.10 -52.82
CA ASP A 310 -12.05 -0.73 -53.75
C ASP A 310 -13.22 -1.35 -52.98
N GLU A 311 -12.94 -1.88 -51.78
CA GLU A 311 -14.01 -2.36 -50.92
C GLU A 311 -14.71 -1.21 -50.21
N TYR A 312 -13.96 -0.20 -49.75
CA TYR A 312 -14.58 0.94 -49.08
C TYR A 312 -15.66 1.56 -49.94
N LEU A 313 -15.40 1.72 -51.24
CA LEU A 313 -16.33 2.45 -52.09
C LEU A 313 -17.54 1.62 -52.50
N LYS A 314 -17.49 0.29 -52.36
CA LYS A 314 -18.58 -0.58 -52.85
C LYS A 314 -19.92 -0.23 -52.22
N ILE A 315 -19.94 0.20 -50.96
CA ILE A 315 -21.15 0.55 -50.24
C ILE A 315 -21.91 1.67 -50.92
N PHE A 316 -21.29 2.37 -51.87
CA PHE A 316 -21.91 3.54 -52.50
C PHE A 316 -22.59 3.24 -53.82
N LEU A 317 -22.26 2.11 -54.46
CA LEU A 317 -22.77 1.77 -55.79
C LEU A 317 -24.28 1.59 -55.78
N LYS B 9 -43.42 -10.81 -49.16
CA LYS B 9 -42.48 -9.79 -48.70
C LYS B 9 -42.95 -8.38 -48.98
N THR B 10 -43.29 -7.65 -47.91
CA THR B 10 -43.74 -6.26 -48.01
C THR B 10 -42.55 -5.32 -48.22
N ARG B 11 -42.70 -4.39 -49.15
CA ARG B 11 -41.78 -3.25 -49.26
C ARG B 11 -42.35 -2.10 -48.40
N VAL B 12 -41.46 -1.40 -47.68
CA VAL B 12 -41.84 -0.32 -46.76
C VAL B 12 -40.90 0.89 -46.98
N LEU B 13 -41.47 2.05 -47.32
CA LEU B 13 -40.71 3.31 -47.34
C LEU B 13 -40.85 4.05 -46.00
N VAL B 14 -39.73 4.24 -45.30
CA VAL B 14 -39.67 4.87 -43.97
C VAL B 14 -39.22 6.31 -44.18
N VAL B 15 -40.14 7.28 -44.10
CA VAL B 15 -39.78 8.70 -44.20
C VAL B 15 -39.40 9.21 -42.82
N GLY B 16 -38.23 9.85 -42.72
CA GLY B 16 -37.66 10.20 -41.44
C GLY B 16 -36.79 9.11 -40.84
N GLY B 17 -36.18 8.27 -41.66
CA GLY B 17 -35.38 7.17 -41.19
C GLY B 17 -34.11 7.54 -40.45
N THR B 18 -33.76 8.84 -40.37
CA THR B 18 -32.59 9.26 -39.60
C THR B 18 -32.92 9.91 -38.27
N GLY B 19 -34.21 10.10 -37.96
CA GLY B 19 -34.61 10.58 -36.65
C GLY B 19 -34.42 9.52 -35.57
N THR B 20 -34.70 9.91 -34.32
CA THR B 20 -34.48 8.92 -33.26
C THR B 20 -35.50 7.80 -33.33
N MET B 21 -36.75 8.10 -33.70
CA MET B 21 -37.74 7.05 -33.84
C MET B 21 -37.71 6.41 -35.23
N GLY B 22 -37.49 7.20 -36.28
CA GLY B 22 -37.37 6.63 -37.61
C GLY B 22 -36.33 5.53 -37.70
N ARG B 23 -35.13 5.80 -37.18
CA ARG B 23 -34.03 4.84 -37.27
C ARG B 23 -34.33 3.54 -36.54
N ARG B 24 -35.21 3.57 -35.53
CA ARG B 24 -35.59 2.32 -34.87
C ARG B 24 -36.57 1.53 -35.74
N ILE B 25 -37.44 2.26 -36.45
CA ILE B 25 -38.42 1.64 -37.33
C ILE B 25 -37.72 0.98 -38.52
N VAL B 26 -36.79 1.69 -39.19
CA VAL B 26 -35.98 1.10 -40.25
C VAL B 26 -35.34 -0.21 -39.80
N ARG B 27 -34.76 -0.24 -38.59
CA ARG B 27 -34.13 -1.48 -38.14
C ARG B 27 -35.18 -2.52 -37.79
N ALA B 28 -36.35 -2.10 -37.28
CA ALA B 28 -37.38 -3.07 -36.94
C ALA B 28 -37.99 -3.68 -38.21
N CYS B 29 -38.28 -2.86 -39.22
CA CYS B 29 -38.70 -3.38 -40.52
C CYS B 29 -37.68 -4.38 -41.08
N LEU B 30 -36.41 -3.96 -41.21
CA LEU B 30 -35.41 -4.90 -41.73
C LEU B 30 -35.36 -6.20 -40.92
N ALA B 31 -35.49 -6.11 -39.59
CA ALA B 31 -35.44 -7.33 -38.76
C ALA B 31 -36.63 -8.25 -39.00
N GLU B 32 -37.81 -7.68 -39.31
CA GLU B 32 -39.02 -8.46 -39.56
C GLU B 32 -38.99 -9.14 -40.94
N GLY B 33 -38.12 -8.70 -41.84
CA GLY B 33 -38.01 -9.27 -43.17
C GLY B 33 -38.54 -8.39 -44.26
N HIS B 34 -39.18 -7.28 -43.93
CA HIS B 34 -39.64 -6.37 -44.97
C HIS B 34 -38.48 -5.89 -45.83
N GLU B 35 -38.79 -5.55 -47.06
CA GLU B 35 -37.83 -4.91 -47.95
C GLU B 35 -37.89 -3.43 -47.67
N THR B 36 -36.94 -2.93 -46.87
CA THR B 36 -37.03 -1.61 -46.29
C THR B 36 -36.32 -0.59 -47.16
N TYR B 37 -37.00 0.52 -47.43
CA TYR B 37 -36.47 1.65 -48.16
C TYR B 37 -36.39 2.85 -47.23
N VAL B 38 -35.38 3.70 -47.44
CA VAL B 38 -35.20 4.93 -46.67
C VAL B 38 -34.95 6.04 -47.67
N LEU B 39 -35.57 7.21 -47.45
CA LEU B 39 -35.26 8.36 -48.30
C LEU B 39 -33.94 9.00 -47.91
N GLN B 40 -33.21 9.49 -48.92
CA GLN B 40 -32.02 10.30 -48.67
C GLN B 40 -32.21 11.58 -49.45
N GLN B 41 -32.59 12.66 -48.75
CA GLN B 41 -32.81 13.93 -49.40
C GLN B 41 -31.50 14.62 -49.74
N PRO B 42 -31.51 15.55 -50.69
CA PRO B 42 -30.24 16.14 -51.14
C PRO B 42 -29.52 16.94 -50.07
N GLU B 43 -30.21 17.46 -49.05
CA GLU B 43 -29.51 18.12 -47.95
C GLU B 43 -28.65 17.14 -47.13
N THR B 44 -28.80 15.84 -47.34
CA THR B 44 -28.09 14.84 -46.55
C THR B 44 -26.62 14.69 -46.94
N ARG B 45 -26.22 15.11 -48.15
CA ARG B 45 -24.92 14.69 -48.68
C ARG B 45 -23.75 15.37 -48.01
N VAL B 46 -23.97 16.47 -47.28
CA VAL B 46 -22.92 17.11 -46.51
C VAL B 46 -22.96 16.70 -45.03
N ASP B 47 -24.05 16.10 -44.56
CA ASP B 47 -24.26 15.79 -43.13
C ASP B 47 -23.70 14.40 -42.81
N ILE B 48 -22.55 14.38 -42.11
CA ILE B 48 -21.81 13.14 -41.90
C ILE B 48 -22.58 12.16 -41.01
N GLU B 49 -23.38 12.63 -40.06
CA GLU B 49 -24.07 11.68 -39.19
C GLU B 49 -25.22 10.99 -39.90
N LYS B 50 -25.96 11.76 -40.71
CA LYS B 50 -27.00 11.18 -41.53
C LYS B 50 -26.42 10.21 -42.56
N VAL B 51 -25.29 10.58 -43.18
CA VAL B 51 -24.66 9.74 -44.20
C VAL B 51 -24.20 8.42 -43.61
N GLN B 52 -23.51 8.45 -42.45
CA GLN B 52 -23.15 7.18 -41.78
C GLN B 52 -24.37 6.33 -41.51
N LEU B 53 -25.46 6.97 -41.06
CA LEU B 53 -26.68 6.26 -40.71
C LEU B 53 -27.29 5.60 -41.95
N LEU B 54 -27.58 6.41 -42.98
CA LEU B 54 -28.16 5.92 -44.23
C LEU B 54 -27.38 4.74 -44.83
N TYR B 55 -26.06 4.89 -45.00
CA TYR B 55 -25.31 3.78 -45.58
C TYR B 55 -25.10 2.65 -44.59
N SER B 56 -25.31 2.89 -43.30
CA SER B 56 -25.36 1.77 -42.38
C SER B 56 -26.62 0.95 -42.58
N TYR B 57 -27.70 1.58 -43.12
CA TYR B 57 -28.89 0.82 -43.51
C TYR B 57 -28.63 -0.01 -44.77
N LYS B 58 -28.02 0.57 -45.81
CA LYS B 58 -27.64 -0.22 -46.98
C LYS B 58 -26.86 -1.46 -46.57
N ARG B 59 -25.92 -1.33 -45.63
CA ARG B 59 -25.13 -2.49 -45.26
C ARG B 59 -26.01 -3.58 -44.66
N LEU B 60 -27.16 -3.23 -44.08
CA LEU B 60 -28.06 -4.22 -43.48
C LEU B 60 -29.19 -4.65 -44.43
N GLY B 61 -29.17 -4.21 -45.68
CA GLY B 61 -30.13 -4.69 -46.66
C GLY B 61 -31.08 -3.64 -47.20
N ALA B 62 -31.17 -2.47 -46.60
CA ALA B 62 -32.09 -1.44 -47.04
C ALA B 62 -31.61 -0.82 -48.34
N ARG B 63 -32.54 -0.25 -49.07
CA ARG B 63 -32.20 0.50 -50.26
C ARG B 63 -32.58 1.94 -50.02
N LEU B 64 -31.74 2.86 -50.48
CA LEU B 64 -31.98 4.28 -50.39
C LEU B 64 -32.63 4.78 -51.68
N ILE B 65 -33.55 5.74 -51.55
CA ILE B 65 -34.17 6.41 -52.68
C ILE B 65 -33.86 7.89 -52.54
N GLU B 66 -33.16 8.45 -53.52
CA GLU B 66 -32.91 9.88 -53.53
C GLU B 66 -34.19 10.62 -53.92
N ALA B 67 -34.53 11.69 -53.18
CA ALA B 67 -35.73 12.48 -53.40
C ALA B 67 -35.65 13.71 -52.51
N SER B 68 -36.52 14.69 -52.76
CA SER B 68 -36.61 15.88 -51.95
C SER B 68 -38.08 16.19 -51.70
N PHE B 69 -38.35 16.93 -50.63
CA PHE B 69 -39.73 17.27 -50.30
C PHE B 69 -40.26 18.46 -51.09
N SER B 70 -39.38 19.25 -51.71
CA SER B 70 -39.79 20.39 -52.52
C SER B 70 -39.87 20.06 -54.00
N ASP B 71 -39.66 18.79 -54.36
CA ASP B 71 -39.80 18.30 -55.73
C ASP B 71 -40.86 17.20 -55.71
N HIS B 72 -42.06 17.50 -56.22
CA HIS B 72 -43.18 16.60 -55.99
C HIS B 72 -42.99 15.26 -56.70
N GLN B 73 -42.36 15.25 -57.88
CA GLN B 73 -42.35 14.03 -58.68
C GLN B 73 -41.41 12.97 -58.12
N SER B 74 -40.33 13.36 -57.43
CA SER B 74 -39.47 12.34 -56.83
C SER B 74 -40.14 11.62 -55.67
N LEU B 75 -40.99 12.33 -54.90
CA LEU B 75 -41.79 11.70 -53.86
C LEU B 75 -42.80 10.73 -54.46
N VAL B 76 -43.53 11.18 -55.50
CA VAL B 76 -44.39 10.27 -56.25
C VAL B 76 -43.57 9.08 -56.73
N SER B 77 -42.46 9.36 -57.42
CA SER B 77 -41.57 8.31 -57.90
C SER B 77 -41.11 7.40 -56.77
N ALA B 78 -40.87 7.97 -55.57
CA ALA B 78 -40.33 7.18 -54.47
C ALA B 78 -41.40 6.26 -53.85
N VAL B 79 -42.65 6.73 -53.77
CA VAL B 79 -43.68 5.89 -53.16
C VAL B 79 -44.17 4.79 -54.10
N LYS B 80 -43.99 4.95 -55.43
CA LYS B 80 -44.34 3.88 -56.38
C LYS B 80 -43.44 2.66 -56.24
N GLN B 81 -42.23 2.83 -55.70
CA GLN B 81 -41.27 1.73 -55.54
C GLN B 81 -41.61 0.81 -54.36
N VAL B 82 -42.71 1.04 -53.66
CA VAL B 82 -42.90 0.42 -52.37
C VAL B 82 -44.39 0.29 -52.07
N ASP B 83 -44.74 -0.65 -51.19
CA ASP B 83 -46.14 -0.90 -50.88
C ASP B 83 -46.65 -0.02 -49.73
N ILE B 84 -45.88 0.09 -48.65
CA ILE B 84 -46.36 0.71 -47.42
C ILE B 84 -45.44 1.87 -47.02
N VAL B 85 -46.04 2.99 -46.60
CA VAL B 85 -45.28 4.17 -46.19
C VAL B 85 -45.44 4.36 -44.68
N VAL B 86 -44.32 4.42 -43.96
CA VAL B 86 -44.31 4.74 -42.53
C VAL B 86 -43.55 6.05 -42.35
N ALA B 87 -44.23 7.07 -41.83
CA ALA B 87 -43.58 8.33 -41.54
C ALA B 87 -43.26 8.41 -40.05
N ALA B 88 -42.10 9.01 -39.73
CA ALA B 88 -41.64 9.17 -38.34
C ALA B 88 -40.90 10.50 -38.27
N MET B 89 -41.56 11.53 -37.75
CA MET B 89 -41.03 12.88 -37.82
C MET B 89 -40.28 13.26 -36.54
N SER B 90 -39.03 13.70 -36.72
CA SER B 90 -38.14 14.25 -35.70
C SER B 90 -37.02 14.97 -36.43
N GLY B 91 -37.33 16.10 -37.05
CA GLY B 91 -36.37 16.83 -37.85
C GLY B 91 -36.63 18.31 -37.99
N SER B 98 -43.61 20.84 -38.94
CA SER B 98 -42.79 19.81 -39.58
C SER B 98 -43.55 18.48 -39.64
N ILE B 99 -44.51 18.29 -38.73
CA ILE B 99 -45.48 17.19 -38.87
C ILE B 99 -46.33 17.39 -40.13
N LEU B 100 -46.50 18.63 -40.56
CA LEU B 100 -47.35 18.95 -41.70
C LEU B 100 -46.66 18.75 -43.05
N VAL B 101 -45.41 18.30 -43.09
CA VAL B 101 -44.82 17.91 -44.36
C VAL B 101 -45.38 16.56 -44.79
N GLN B 102 -45.97 15.80 -43.85
CA GLN B 102 -46.73 14.61 -44.21
C GLN B 102 -47.89 14.89 -45.15
N LEU B 103 -48.33 16.14 -45.28
CA LEU B 103 -49.37 16.44 -46.26
C LEU B 103 -48.83 16.37 -47.69
N LYS B 104 -47.57 16.80 -47.91
CA LYS B 104 -46.95 16.63 -49.22
C LYS B 104 -46.77 15.16 -49.53
N LEU B 105 -46.41 14.38 -48.52
CA LEU B 105 -46.34 12.94 -48.66
C LEU B 105 -47.71 12.38 -49.03
N VAL B 106 -48.77 12.84 -48.36
CA VAL B 106 -50.14 12.37 -48.62
C VAL B 106 -50.58 12.67 -50.05
N GLU B 107 -50.14 13.81 -50.61
CA GLU B 107 -50.52 14.13 -51.99
C GLU B 107 -49.71 13.33 -53.01
N ALA B 108 -48.49 12.92 -52.66
CA ALA B 108 -47.73 12.07 -53.56
C ALA B 108 -48.26 10.65 -53.53
N ILE B 109 -48.67 10.23 -52.33
CA ILE B 109 -49.19 8.89 -52.17
C ILE B 109 -50.55 8.77 -52.87
N LYS B 110 -51.33 9.85 -52.86
CA LYS B 110 -52.54 9.92 -53.70
C LYS B 110 -52.19 9.78 -55.18
N GLU B 111 -51.24 10.57 -55.66
CA GLU B 111 -50.92 10.58 -57.10
C GLU B 111 -50.36 9.25 -57.57
N ALA B 112 -49.65 8.51 -56.72
CA ALA B 112 -49.11 7.24 -57.16
C ALA B 112 -50.10 6.09 -56.99
N GLY B 113 -51.02 6.19 -56.03
CA GLY B 113 -52.12 5.26 -55.92
C GLY B 113 -51.77 3.81 -55.59
N ASN B 114 -50.50 3.45 -55.43
CA ASN B 114 -50.15 2.05 -55.26
C ASN B 114 -49.98 1.61 -53.82
N ILE B 115 -50.21 2.49 -52.85
CA ILE B 115 -49.81 2.21 -51.47
C ILE B 115 -50.99 1.54 -50.74
N LYS B 116 -50.78 0.28 -50.34
CA LYS B 116 -51.75 -0.48 -49.54
C LYS B 116 -51.98 0.12 -48.17
N ARG B 117 -51.01 0.88 -47.63
CA ARG B 117 -51.20 1.43 -46.28
C ARG B 117 -50.16 2.50 -45.96
N PHE B 118 -50.61 3.50 -45.21
CA PHE B 118 -49.82 4.62 -44.71
C PHE B 118 -49.90 4.64 -43.20
N LEU B 119 -48.76 4.65 -42.53
CA LEU B 119 -48.71 4.91 -41.09
C LEU B 119 -48.11 6.29 -40.86
N PRO B 120 -48.91 7.31 -40.51
CA PRO B 120 -48.34 8.64 -40.31
C PRO B 120 -47.66 8.75 -38.94
N SER B 121 -46.91 9.85 -38.77
CA SER B 121 -46.08 10.05 -37.58
C SER B 121 -46.96 10.30 -36.37
N GLU B 122 -47.09 9.30 -35.49
CA GLU B 122 -48.04 9.45 -34.43
C GLU B 122 -47.73 8.74 -33.12
N PHE B 123 -46.51 8.28 -32.91
CA PHE B 123 -46.31 7.18 -31.97
C PHE B 123 -46.48 7.58 -30.51
N GLY B 124 -46.60 8.88 -30.24
CA GLY B 124 -46.86 9.41 -28.90
C GLY B 124 -48.28 9.21 -28.42
N MET B 125 -48.91 10.25 -27.88
CA MET B 125 -50.27 10.10 -27.37
C MET B 125 -51.28 10.46 -28.46
N ASP B 126 -52.41 9.72 -28.45
CA ASP B 126 -53.44 9.70 -29.47
C ASP B 126 -54.12 11.06 -29.58
N PRO B 127 -54.07 11.76 -30.73
CA PRO B 127 -54.62 13.13 -30.75
C PRO B 127 -56.14 13.21 -30.82
N SER B 128 -56.89 12.16 -30.43
CA SER B 128 -58.34 12.29 -30.29
C SER B 128 -58.70 12.72 -28.89
N ARG B 129 -57.92 12.32 -27.90
CA ARG B 129 -57.96 13.03 -26.63
C ARG B 129 -57.81 14.56 -26.75
N MET B 130 -57.38 15.10 -27.89
CA MET B 130 -56.60 16.37 -27.95
C MET B 130 -57.58 17.57 -28.16
N GLU B 139 -49.01 23.63 -32.64
CA GLU B 139 -49.27 22.69 -31.56
C GLU B 139 -49.49 21.35 -32.31
N THR B 140 -48.79 20.29 -31.87
CA THR B 140 -48.51 19.16 -32.75
C THR B 140 -49.72 18.23 -32.98
N PHE B 141 -50.81 18.38 -32.23
CA PHE B 141 -51.97 17.52 -32.47
C PHE B 141 -52.97 18.06 -33.44
N ASP B 142 -53.12 19.39 -33.49
CA ASP B 142 -53.84 19.93 -34.61
C ASP B 142 -53.14 19.46 -35.87
N GLN B 143 -51.82 19.27 -35.80
CA GLN B 143 -51.05 18.88 -36.96
C GLN B 143 -51.25 17.40 -37.28
N LYS B 144 -51.21 16.53 -36.28
CA LYS B 144 -51.43 15.10 -36.52
C LYS B 144 -52.85 14.82 -37.03
N LEU B 145 -53.84 15.57 -36.53
CA LEU B 145 -55.22 15.38 -36.98
C LEU B 145 -55.43 15.93 -38.39
N GLU B 146 -54.81 17.07 -38.72
CA GLU B 146 -54.83 17.56 -40.10
C GLU B 146 -54.24 16.54 -41.05
N VAL B 147 -53.15 15.87 -40.64
CA VAL B 147 -52.58 14.81 -41.46
C VAL B 147 -53.54 13.63 -41.58
N ARG B 148 -54.24 13.28 -40.49
CA ARG B 148 -55.18 12.17 -40.59
C ARG B 148 -56.32 12.49 -41.54
N ASN B 149 -56.84 13.72 -41.46
CA ASN B 149 -57.95 14.08 -42.31
C ASN B 149 -57.53 14.15 -43.77
N ALA B 150 -56.28 14.56 -44.06
CA ALA B 150 -55.79 14.40 -45.42
C ALA B 150 -55.76 12.93 -45.83
N ILE B 151 -55.27 12.06 -44.93
CA ILE B 151 -55.14 10.63 -45.25
C ILE B 151 -56.50 10.06 -45.62
N GLU B 152 -57.52 10.33 -44.79
CA GLU B 152 -58.81 9.70 -44.98
C GLU B 152 -59.64 10.39 -46.06
N ALA B 153 -59.53 11.72 -46.20
CA ALA B 153 -60.08 12.37 -47.40
C ALA B 153 -59.52 11.75 -48.66
N ALA B 154 -58.23 11.42 -48.67
CA ALA B 154 -57.56 10.98 -49.88
C ALA B 154 -57.80 9.51 -50.20
N GLY B 155 -58.41 8.74 -49.30
CA GLY B 155 -58.70 7.34 -49.55
C GLY B 155 -57.65 6.35 -49.08
N ILE B 156 -56.56 6.81 -48.47
CA ILE B 156 -55.42 5.93 -48.22
C ILE B 156 -55.65 5.06 -46.99
N PRO B 157 -55.71 3.75 -47.14
CA PRO B 157 -55.81 2.89 -45.96
C PRO B 157 -54.64 3.17 -45.03
N HIS B 158 -54.93 3.17 -43.73
CA HIS B 158 -54.04 3.73 -42.73
C HIS B 158 -53.95 2.80 -41.53
N THR B 159 -52.93 3.01 -40.70
CA THR B 159 -52.91 2.53 -39.32
C THR B 159 -52.32 3.63 -38.44
N TYR B 160 -52.95 3.89 -37.30
CA TYR B 160 -52.44 4.86 -36.33
C TYR B 160 -51.92 4.06 -35.15
N VAL B 161 -50.60 4.11 -34.95
CA VAL B 161 -49.94 3.51 -33.80
C VAL B 161 -49.76 4.61 -32.74
N VAL B 162 -50.41 4.43 -31.57
CA VAL B 162 -50.52 5.47 -30.56
C VAL B 162 -50.43 4.85 -29.16
N GLY B 163 -50.40 5.75 -28.15
CA GLY B 163 -50.67 5.40 -26.77
C GLY B 163 -49.49 5.04 -25.90
N ALA B 164 -48.41 5.80 -25.95
CA ALA B 164 -47.21 5.40 -25.24
C ALA B 164 -46.37 6.60 -24.83
N CYS B 165 -45.80 6.52 -23.61
CA CYS B 165 -44.69 7.37 -23.17
C CYS B 165 -43.38 6.69 -23.56
N PHE B 166 -42.57 7.37 -24.37
CA PHE B 166 -41.29 6.79 -24.76
C PHE B 166 -40.39 6.69 -23.53
N ALA B 167 -39.86 5.49 -23.27
CA ALA B 167 -39.13 5.25 -22.03
C ALA B 167 -37.88 6.13 -21.95
N ALA B 168 -37.28 6.52 -23.08
CA ALA B 168 -36.08 7.36 -23.00
C ALA B 168 -36.37 8.79 -22.57
N TYR B 169 -37.63 9.23 -22.62
CA TYR B 169 -37.96 10.57 -22.15
C TYR B 169 -38.69 10.59 -20.80
N PHE B 170 -39.29 9.47 -20.37
CA PHE B 170 -40.12 9.45 -19.19
C PHE B 170 -39.76 8.37 -18.18
N ALA B 171 -38.90 7.42 -18.53
CA ALA B 171 -38.58 6.31 -17.65
C ALA B 171 -37.13 6.29 -17.18
N GLY B 172 -36.17 6.35 -18.11
CA GLY B 172 -34.79 6.40 -17.71
C GLY B 172 -34.51 7.51 -16.71
N ASN B 173 -35.18 8.66 -16.86
CA ASN B 173 -35.02 9.77 -15.93
C ASN B 173 -35.97 9.68 -14.73
N LEU B 174 -36.67 8.56 -14.55
CA LEU B 174 -37.74 8.44 -13.54
C LEU B 174 -38.74 9.59 -13.61
N SER B 175 -38.97 10.11 -14.82
CA SER B 175 -39.93 11.16 -15.12
C SER B 175 -39.53 12.52 -14.56
N GLN B 176 -38.25 12.68 -14.24
CA GLN B 176 -37.70 13.98 -13.94
C GLN B 176 -37.54 14.80 -15.23
N MET B 177 -37.75 16.11 -15.13
CA MET B 177 -37.49 16.98 -16.25
C MET B 177 -36.06 17.53 -16.20
N GLY B 178 -35.54 17.87 -17.36
CA GLY B 178 -34.20 18.40 -17.47
C GLY B 178 -33.10 17.37 -17.47
N THR B 179 -33.44 16.07 -17.52
CA THR B 179 -32.43 15.01 -17.50
C THR B 179 -32.97 13.74 -18.18
N LEU B 180 -32.05 12.86 -18.55
CA LEU B 180 -32.46 11.60 -19.12
C LEU B 180 -31.94 10.42 -18.34
N ILE B 181 -31.15 10.65 -17.29
CA ILE B 181 -30.61 9.57 -16.47
C ILE B 181 -31.21 9.69 -15.07
N PRO B 182 -31.29 8.61 -14.31
CA PRO B 182 -32.04 8.65 -13.06
C PRO B 182 -31.40 9.60 -12.06
N PRO B 183 -32.19 10.15 -11.15
CA PRO B 183 -31.64 10.97 -10.06
C PRO B 183 -30.68 10.19 -9.15
N LYS B 184 -29.68 10.91 -8.63
CA LYS B 184 -28.73 10.35 -7.67
C LYS B 184 -29.39 10.14 -6.29
N LYS B 185 -30.02 11.19 -5.71
CA LYS B 185 -30.60 11.00 -4.37
C LYS B 185 -31.96 11.64 -4.16
N LYS B 186 -32.33 12.70 -4.89
CA LYS B 186 -33.63 13.35 -4.75
C LYS B 186 -34.47 13.06 -5.98
N VAL B 187 -35.74 12.65 -5.78
CA VAL B 187 -36.68 12.52 -6.88
C VAL B 187 -37.92 13.38 -6.63
N ASN B 188 -38.49 13.93 -7.70
CA ASN B 188 -39.75 14.67 -7.64
C ASN B 188 -40.90 13.75 -8.00
N ILE B 189 -41.96 13.80 -7.20
CA ILE B 189 -43.14 12.97 -7.42
C ILE B 189 -44.30 13.89 -7.81
N TYR B 190 -44.90 13.64 -8.97
CA TYR B 190 -45.98 14.50 -9.43
C TYR B 190 -47.26 14.08 -8.74
N GLY B 191 -47.73 14.95 -7.84
CA GLY B 191 -48.94 14.67 -7.08
C GLY B 191 -48.64 13.66 -6.01
N ASP B 192 -49.49 12.64 -5.92
CA ASP B 192 -49.18 11.46 -5.13
C ASP B 192 -48.40 10.42 -5.93
N GLY B 193 -48.06 10.72 -7.19
CA GLY B 193 -47.45 9.75 -8.07
C GLY B 193 -48.28 8.50 -8.26
N ASN B 194 -49.60 8.56 -8.07
CA ASN B 194 -50.45 7.38 -8.22
C ASN B 194 -51.33 7.46 -9.44
N VAL B 195 -50.90 8.25 -10.42
CA VAL B 195 -51.54 8.38 -11.71
C VAL B 195 -50.86 7.41 -12.68
N LYS B 196 -51.64 6.47 -13.25
CA LYS B 196 -51.07 5.45 -14.14
C LYS B 196 -50.63 6.05 -15.47
N VAL B 197 -49.45 5.62 -15.93
CA VAL B 197 -48.76 6.08 -17.13
C VAL B 197 -48.38 4.81 -17.87
N VAL B 198 -48.17 4.90 -19.19
CA VAL B 198 -47.75 3.75 -19.96
C VAL B 198 -46.33 3.99 -20.45
N TYR B 199 -45.40 3.13 -20.05
CA TYR B 199 -43.98 3.34 -20.31
C TYR B 199 -43.52 2.27 -21.30
N VAL B 200 -43.10 2.68 -22.49
CA VAL B 200 -42.74 1.72 -23.53
C VAL B 200 -41.36 2.08 -24.08
N ASP B 201 -40.44 1.13 -23.99
CA ASP B 201 -39.25 1.11 -24.83
C ASP B 201 -39.59 1.47 -26.28
N GLU B 202 -38.89 2.46 -26.84
CA GLU B 202 -39.19 2.84 -28.22
C GLU B 202 -38.89 1.74 -29.22
N ASP B 203 -38.01 0.79 -28.90
CA ASP B 203 -37.74 -0.29 -29.84
C ASP B 203 -38.92 -1.26 -29.96
N ASP B 204 -39.72 -1.41 -28.90
CA ASP B 204 -40.96 -2.17 -28.99
C ASP B 204 -42.06 -1.40 -29.72
N ILE B 205 -42.08 -0.06 -29.62
CA ILE B 205 -42.95 0.71 -30.52
C ILE B 205 -42.56 0.44 -31.97
N ALA B 206 -41.25 0.42 -32.26
CA ALA B 206 -40.83 0.17 -33.64
C ALA B 206 -41.18 -1.27 -34.04
N GLU B 207 -40.90 -2.24 -33.17
CA GLU B 207 -41.17 -3.63 -33.52
C GLU B 207 -42.65 -3.86 -33.77
N TYR B 208 -43.52 -3.44 -32.82
CA TYR B 208 -44.97 -3.49 -33.04
C TYR B 208 -45.35 -2.79 -34.34
N THR B 209 -44.73 -1.63 -34.63
CA THR B 209 -45.03 -0.91 -35.86
C THR B 209 -44.67 -1.71 -37.09
N ALA B 210 -43.70 -2.62 -36.98
CA ALA B 210 -43.24 -3.45 -38.09
C ALA B 210 -44.08 -4.72 -38.25
N LYS B 211 -44.58 -5.28 -37.15
CA LYS B 211 -45.51 -6.38 -37.25
C LYS B 211 -46.91 -5.94 -37.68
N THR B 212 -47.27 -4.66 -37.51
CA THR B 212 -48.64 -4.22 -37.74
C THR B 212 -48.86 -3.59 -39.11
N LEU B 213 -47.80 -3.17 -39.82
CA LEU B 213 -48.04 -2.31 -40.98
C LEU B 213 -48.73 -3.06 -42.12
N ASP B 214 -48.62 -4.40 -42.13
CA ASP B 214 -49.23 -5.25 -43.15
C ASP B 214 -50.11 -6.35 -42.54
N ASP B 215 -50.42 -6.28 -41.25
CA ASP B 215 -51.36 -7.19 -40.60
C ASP B 215 -52.78 -6.92 -41.08
N PRO B 216 -53.51 -7.91 -41.60
CA PRO B 216 -54.89 -7.66 -42.09
C PRO B 216 -55.85 -7.12 -41.03
N ARG B 217 -55.60 -7.34 -39.74
CA ARG B 217 -56.57 -6.92 -38.73
C ARG B 217 -56.50 -5.45 -38.36
N THR B 218 -55.38 -4.79 -38.62
CA THR B 218 -55.19 -3.40 -38.20
C THR B 218 -55.28 -2.43 -39.37
N ILE B 219 -55.81 -2.89 -40.50
CA ILE B 219 -56.07 -1.99 -41.61
C ILE B 219 -57.16 -1.03 -41.22
N ASN B 220 -56.90 0.28 -41.39
CA ASN B 220 -57.85 1.34 -41.04
C ASN B 220 -58.33 1.25 -39.60
N LYS B 221 -57.47 0.76 -38.72
CA LYS B 221 -57.75 0.78 -37.31
C LYS B 221 -56.73 1.68 -36.60
N THR B 222 -56.93 1.85 -35.30
CA THR B 222 -55.95 2.50 -34.44
C THR B 222 -55.43 1.45 -33.45
N VAL B 223 -54.11 1.32 -33.34
CA VAL B 223 -53.49 0.29 -32.52
C VAL B 223 -52.82 0.97 -31.32
N TYR B 224 -53.15 0.49 -30.11
CA TYR B 224 -52.66 1.03 -28.85
C TYR B 224 -51.47 0.22 -28.38
N VAL B 225 -50.35 0.89 -28.15
CA VAL B 225 -49.18 0.25 -27.57
C VAL B 225 -49.30 0.43 -26.05
N ARG B 226 -49.85 -0.58 -25.39
CA ARG B 226 -50.05 -0.52 -23.94
C ARG B 226 -49.68 -1.87 -23.35
N PRO B 227 -48.38 -2.23 -23.38
CA PRO B 227 -47.97 -3.47 -22.74
C PRO B 227 -48.41 -3.45 -21.29
N THR B 228 -49.17 -4.48 -20.89
CA THR B 228 -49.91 -4.41 -19.63
C THR B 228 -48.97 -4.25 -18.44
N GLU B 229 -47.82 -4.95 -18.47
CA GLU B 229 -46.92 -4.86 -17.32
C GLU B 229 -46.20 -3.53 -17.22
N ASN B 230 -46.32 -2.65 -18.21
CA ASN B 230 -45.68 -1.33 -18.17
C ASN B 230 -46.69 -0.20 -18.00
N VAL B 231 -47.91 -0.52 -17.60
CA VAL B 231 -48.86 0.48 -17.13
C VAL B 231 -48.50 0.69 -15.66
N LEU B 232 -47.86 1.80 -15.35
CA LEU B 232 -47.26 1.99 -14.03
C LEU B 232 -47.52 3.41 -13.56
N THR B 233 -47.74 3.58 -12.26
CA THR B 233 -47.71 4.93 -11.74
C THR B 233 -46.25 5.36 -11.59
N GLN B 234 -46.03 6.67 -11.49
CA GLN B 234 -44.67 7.14 -11.32
C GLN B 234 -44.06 6.63 -10.01
N MET B 235 -44.87 6.46 -8.98
CA MET B 235 -44.37 5.89 -7.74
C MET B 235 -43.99 4.41 -7.94
N GLU B 236 -44.81 3.64 -8.65
CA GLU B 236 -44.40 2.26 -8.93
C GLU B 236 -43.09 2.19 -9.75
N LEU B 237 -42.88 3.15 -10.65
CA LEU B 237 -41.65 3.14 -11.42
C LEU B 237 -40.47 3.52 -10.54
N VAL B 238 -40.65 4.56 -9.72
CA VAL B 238 -39.62 4.99 -8.79
C VAL B 238 -39.26 3.85 -7.83
N GLN B 239 -40.18 2.91 -7.56
CA GLN B 239 -39.76 1.82 -6.70
C GLN B 239 -39.30 0.59 -7.46
N ILE B 240 -39.49 0.52 -8.77
CA ILE B 240 -38.71 -0.44 -9.55
C ILE B 240 -37.23 -0.07 -9.47
N TRP B 241 -36.94 1.22 -9.55
CA TRP B 241 -35.58 1.70 -9.36
C TRP B 241 -35.08 1.46 -7.94
N GLU B 242 -35.92 1.71 -6.93
CA GLU B 242 -35.50 1.51 -5.55
C GLU B 242 -35.20 0.04 -5.28
N LYS B 243 -35.87 -0.88 -5.98
CA LYS B 243 -35.54 -2.28 -5.78
C LYS B 243 -34.22 -2.65 -6.46
N LEU B 244 -33.93 -2.07 -7.62
CA LEU B 244 -32.71 -2.41 -8.31
C LEU B 244 -31.49 -1.89 -7.55
N THR B 245 -31.54 -0.63 -7.08
CA THR B 245 -30.42 0.01 -6.42
C THR B 245 -30.32 -0.36 -4.94
N GLY B 246 -31.44 -0.74 -4.32
CA GLY B 246 -31.50 -0.95 -2.88
C GLY B 246 -31.41 0.29 -2.03
N LYS B 247 -31.50 1.50 -2.61
CA LYS B 247 -31.52 2.78 -1.91
C LYS B 247 -32.90 3.43 -2.01
N GLU B 248 -33.27 4.19 -0.98
CA GLU B 248 -34.46 5.03 -1.02
C GLU B 248 -34.08 6.44 -1.44
N LEU B 249 -34.78 6.97 -2.45
CA LEU B 249 -34.60 8.35 -2.83
C LEU B 249 -35.41 9.28 -1.93
N GLU B 250 -34.90 10.50 -1.75
CA GLU B 250 -35.68 11.54 -1.07
C GLU B 250 -36.76 12.03 -2.00
N LYS B 251 -38.02 11.80 -1.65
CA LYS B 251 -39.16 12.20 -2.46
C LYS B 251 -39.68 13.55 -2.00
N THR B 252 -39.75 14.52 -2.91
CA THR B 252 -40.55 15.73 -2.73
C THR B 252 -41.82 15.60 -3.56
N ASN B 253 -42.98 15.70 -2.91
CA ASN B 253 -44.26 15.63 -3.63
C ASN B 253 -44.61 17.02 -4.16
N ILE B 254 -44.91 17.10 -5.45
CA ILE B 254 -45.14 18.35 -6.15
C ILE B 254 -46.60 18.37 -6.60
N SER B 255 -47.37 19.31 -6.05
CA SER B 255 -48.79 19.39 -6.38
C SER B 255 -49.00 19.96 -7.80
N ALA B 256 -50.21 19.72 -8.32
CA ALA B 256 -50.61 20.27 -9.62
C ALA B 256 -50.27 21.75 -9.74
N ASN B 257 -50.57 22.53 -8.69
CA ASN B 257 -50.39 23.96 -8.79
C ASN B 257 -48.93 24.35 -8.73
N ASP B 258 -48.10 23.63 -7.95
CA ASP B 258 -46.67 23.94 -7.92
C ASP B 258 -46.01 23.67 -9.27
N PHE B 259 -46.55 22.73 -10.04
CA PHE B 259 -46.04 22.46 -11.38
C PHE B 259 -46.26 23.68 -12.28
N LEU B 260 -45.29 24.61 -12.35
CA LEU B 260 -45.34 25.69 -13.33
C LEU B 260 -43.97 25.98 -13.93
N ALA B 261 -43.94 26.04 -15.26
CA ALA B 261 -42.93 26.75 -16.01
C ALA B 261 -42.86 28.21 -15.56
N LEU B 274 -44.67 21.11 -23.20
CA LEU B 274 -44.58 20.12 -22.13
C LEU B 274 -44.73 20.75 -20.73
N GLY B 275 -45.95 21.14 -20.33
CA GLY B 275 -47.16 21.00 -21.12
C GLY B 275 -47.75 19.60 -21.06
N HIS B 276 -47.07 18.68 -21.77
CA HIS B 276 -47.45 17.28 -21.82
C HIS B 276 -47.24 16.56 -20.50
N PHE B 277 -46.26 16.99 -19.69
CA PHE B 277 -46.08 16.35 -18.38
C PHE B 277 -47.32 16.50 -17.52
N TYR B 278 -48.06 17.60 -17.68
CA TYR B 278 -49.21 17.83 -16.81
C TYR B 278 -50.40 16.97 -17.21
N HIS B 279 -50.60 16.70 -18.51
CA HIS B 279 -51.71 15.84 -18.89
C HIS B 279 -51.41 14.38 -18.57
N ILE B 280 -50.15 13.97 -18.70
CA ILE B 280 -49.78 12.58 -18.48
C ILE B 280 -49.82 12.24 -16.99
N PHE B 281 -49.24 13.10 -16.14
CA PHE B 281 -48.95 12.77 -14.75
C PHE B 281 -49.96 13.32 -13.74
N TYR B 282 -50.69 14.39 -14.07
CA TYR B 282 -51.76 14.86 -13.19
C TYR B 282 -53.15 14.48 -13.68
N GLU B 283 -53.43 14.50 -14.99
CA GLU B 283 -54.75 14.14 -15.47
C GLU B 283 -54.85 12.69 -15.92
N GLY B 284 -53.74 11.97 -16.01
CA GLY B 284 -53.80 10.55 -16.33
C GLY B 284 -54.29 10.24 -17.71
N CYS B 285 -53.97 11.08 -18.70
CA CYS B 285 -54.49 10.91 -20.06
C CYS B 285 -54.16 9.55 -20.66
N LEU B 286 -53.01 8.97 -20.30
CA LEU B 286 -52.59 7.73 -20.94
C LEU B 286 -53.39 6.51 -20.50
N THR B 287 -54.36 6.63 -19.61
CA THR B 287 -55.16 5.45 -19.30
C THR B 287 -56.54 5.82 -18.78
N ASP B 288 -57.13 6.89 -19.33
CA ASP B 288 -58.54 7.14 -19.07
C ASP B 288 -59.41 6.07 -19.75
N HIS B 289 -58.98 5.60 -20.92
CA HIS B 289 -59.74 4.67 -21.76
C HIS B 289 -59.08 3.30 -21.71
N GLU B 290 -59.83 2.29 -21.28
CA GLU B 290 -59.36 0.90 -21.26
C GLU B 290 -59.53 0.30 -22.65
N VAL B 291 -58.50 -0.35 -23.16
CA VAL B 291 -58.47 -0.79 -24.54
C VAL B 291 -58.83 -2.26 -24.62
N GLY B 292 -59.33 -2.66 -25.77
CA GLY B 292 -59.63 -4.06 -25.98
C GLY B 292 -58.44 -4.83 -26.51
N ASP B 293 -58.46 -6.14 -26.32
CA ASP B 293 -57.37 -7.01 -26.79
C ASP B 293 -57.32 -7.11 -28.32
N ASP B 294 -58.33 -6.61 -29.02
CA ASP B 294 -58.36 -6.54 -30.48
C ASP B 294 -57.61 -5.34 -31.02
N GLU B 295 -57.24 -4.39 -30.15
CA GLU B 295 -56.71 -3.09 -30.55
C GLU B 295 -55.39 -2.76 -29.84
N GLU B 296 -54.72 -3.75 -29.24
CA GLU B 296 -53.57 -3.45 -28.41
C GLU B 296 -52.42 -4.38 -28.76
N ALA B 297 -51.27 -3.77 -29.04
CA ALA B 297 -50.17 -4.45 -29.71
C ALA B 297 -49.71 -5.67 -28.94
N SER B 298 -49.62 -5.59 -27.62
CA SER B 298 -49.03 -6.73 -26.91
C SER B 298 -49.94 -7.94 -26.92
N LYS B 299 -51.21 -7.77 -27.29
CA LYS B 299 -52.12 -8.90 -27.40
C LYS B 299 -52.31 -9.37 -28.83
N LEU B 300 -52.26 -8.44 -29.79
CA LEU B 300 -52.18 -8.82 -31.19
C LEU B 300 -50.86 -9.50 -31.53
N TYR B 301 -49.77 -9.16 -30.84
CA TYR B 301 -48.44 -9.71 -31.11
C TYR B 301 -47.83 -10.08 -29.76
N PRO B 302 -48.24 -11.21 -29.18
CA PRO B 302 -47.69 -11.63 -27.89
C PRO B 302 -46.31 -12.25 -27.98
N ASP B 303 -45.82 -12.55 -29.19
CA ASP B 303 -44.46 -13.04 -29.33
C ASP B 303 -43.42 -11.92 -29.18
N VAL B 304 -43.82 -10.65 -29.38
CA VAL B 304 -43.00 -9.50 -29.03
C VAL B 304 -42.85 -9.44 -27.52
N LYS B 305 -41.71 -9.94 -27.02
CA LYS B 305 -41.42 -9.92 -25.58
C LYS B 305 -40.88 -8.53 -25.22
N TYR B 306 -41.81 -7.61 -25.01
CA TYR B 306 -41.51 -6.21 -24.77
C TYR B 306 -40.64 -6.05 -23.51
N THR B 307 -39.92 -4.92 -23.45
CA THR B 307 -39.00 -4.66 -22.35
C THR B 307 -39.77 -4.13 -21.14
N ARG B 308 -39.59 -4.78 -20.00
CA ARG B 308 -40.15 -4.28 -18.76
C ARG B 308 -39.24 -3.21 -18.17
N MET B 309 -39.84 -2.32 -17.37
CA MET B 309 -39.07 -1.20 -16.82
C MET B 309 -38.05 -1.69 -15.81
N ASP B 310 -38.30 -2.82 -15.15
CA ASP B 310 -37.28 -3.37 -14.27
C ASP B 310 -36.05 -3.77 -15.05
N GLU B 311 -36.19 -4.00 -16.35
CA GLU B 311 -35.06 -4.35 -17.21
C GLU B 311 -34.56 -3.16 -18.01
N TYR B 312 -35.46 -2.29 -18.49
CA TYR B 312 -35.03 -1.07 -19.18
C TYR B 312 -34.14 -0.20 -18.30
N LEU B 313 -34.41 -0.17 -16.99
CA LEU B 313 -33.63 0.69 -16.10
C LEU B 313 -32.27 0.10 -15.73
N LYS B 314 -32.03 -1.18 -15.99
CA LYS B 314 -30.79 -1.82 -15.55
C LYS B 314 -29.57 -1.11 -16.08
N ILE B 315 -29.60 -0.64 -17.33
CA ILE B 315 -28.38 -0.13 -17.94
C ILE B 315 -27.88 1.12 -17.21
N PHE B 316 -28.71 1.73 -16.38
CA PHE B 316 -28.32 2.97 -15.70
C PHE B 316 -27.61 2.75 -14.37
N LEU B 317 -27.66 1.54 -13.80
CA LEU B 317 -26.99 1.32 -12.51
C LEU B 317 -25.46 1.41 -12.61
N GLU C 8 -20.27 -4.70 -17.52
CA GLU C 8 -21.02 -5.79 -16.92
C GLU C 8 -20.20 -6.45 -15.81
N LYS C 9 -18.91 -6.13 -15.77
CA LYS C 9 -18.04 -6.60 -14.70
C LYS C 9 -18.13 -5.67 -13.50
N THR C 10 -18.23 -6.26 -12.30
CA THR C 10 -18.29 -5.51 -11.06
C THR C 10 -16.89 -5.20 -10.56
N ARG C 11 -16.61 -3.92 -10.32
CA ARG C 11 -15.39 -3.48 -9.67
C ARG C 11 -15.57 -3.61 -8.16
N VAL C 12 -14.73 -4.42 -7.51
CA VAL C 12 -14.77 -4.65 -6.07
C VAL C 12 -13.54 -4.01 -5.47
N LEU C 13 -13.72 -3.22 -4.39
CA LEU C 13 -12.60 -2.76 -3.57
C LEU C 13 -12.53 -3.62 -2.30
N VAL C 14 -11.37 -4.24 -2.06
CA VAL C 14 -11.18 -5.07 -0.87
C VAL C 14 -10.35 -4.28 0.14
N VAL C 15 -10.93 -4.05 1.31
CA VAL C 15 -10.26 -3.29 2.37
C VAL C 15 -9.79 -4.31 3.40
N GLY C 16 -8.50 -4.31 3.72
CA GLY C 16 -7.92 -5.40 4.47
C GLY C 16 -7.40 -6.53 3.60
N GLY C 17 -6.98 -6.23 2.37
CA GLY C 17 -6.47 -7.22 1.44
C GLY C 17 -5.24 -7.99 1.91
N THR C 18 -4.52 -7.55 2.95
CA THR C 18 -3.33 -8.29 3.36
C THR C 18 -3.51 -9.08 4.65
N GLY C 19 -4.71 -9.16 5.18
CA GLY C 19 -4.95 -9.97 6.35
C GLY C 19 -5.24 -11.41 5.97
N THR C 20 -5.44 -12.22 7.01
CA THR C 20 -5.76 -13.63 6.83
C THR C 20 -6.98 -13.81 5.93
N MET C 21 -8.10 -13.19 6.28
CA MET C 21 -9.32 -13.37 5.51
C MET C 21 -9.38 -12.44 4.30
N GLY C 22 -8.72 -11.29 4.37
CA GLY C 22 -8.78 -10.35 3.28
C GLY C 22 -8.11 -10.86 2.02
N ARG C 23 -6.95 -11.51 2.17
CA ARG C 23 -6.25 -12.02 1.00
C ARG C 23 -7.02 -13.13 0.28
N ARG C 24 -7.89 -13.87 0.98
CA ARG C 24 -8.68 -14.85 0.24
C ARG C 24 -9.80 -14.17 -0.54
N ILE C 25 -10.36 -13.09 0.02
CA ILE C 25 -11.41 -12.34 -0.66
C ILE C 25 -10.86 -11.71 -1.93
N VAL C 26 -9.64 -11.14 -1.86
CA VAL C 26 -8.98 -10.59 -3.06
C VAL C 26 -8.84 -11.66 -4.14
N ARG C 27 -8.37 -12.86 -3.77
CA ARG C 27 -8.21 -13.92 -4.77
C ARG C 27 -9.55 -14.48 -5.24
N ALA C 28 -10.52 -14.63 -4.34
CA ALA C 28 -11.84 -15.13 -4.77
C ALA C 28 -12.49 -14.18 -5.75
N CYS C 29 -12.41 -12.87 -5.49
CA CYS C 29 -12.97 -11.88 -6.41
C CYS C 29 -12.34 -11.94 -7.79
N LEU C 30 -11.00 -12.06 -7.85
CA LEU C 30 -10.32 -12.24 -9.13
C LEU C 30 -10.80 -13.51 -9.83
N ALA C 31 -10.96 -14.61 -9.10
CA ALA C 31 -11.38 -15.88 -9.68
C ALA C 31 -12.83 -15.86 -10.16
N GLU C 32 -13.65 -14.90 -9.73
CA GLU C 32 -15.01 -14.77 -10.22
C GLU C 32 -15.12 -13.78 -11.37
N GLY C 33 -14.00 -13.26 -11.86
CA GLY C 33 -14.01 -12.31 -12.96
C GLY C 33 -14.25 -10.88 -12.57
N HIS C 34 -14.25 -10.55 -11.27
CA HIS C 34 -14.45 -9.17 -10.86
C HIS C 34 -13.20 -8.36 -11.16
N GLU C 35 -13.38 -7.11 -11.54
CA GLU C 35 -12.25 -6.17 -11.61
C GLU C 35 -11.93 -5.76 -10.18
N THR C 36 -10.86 -6.33 -9.61
CA THR C 36 -10.58 -6.22 -8.19
C THR C 36 -9.59 -5.10 -7.87
N TYR C 37 -9.96 -4.24 -6.93
CA TYR C 37 -9.08 -3.18 -6.44
C TYR C 37 -8.73 -3.47 -4.97
N VAL C 38 -7.50 -3.14 -4.58
CA VAL C 38 -7.03 -3.45 -3.24
C VAL C 38 -6.49 -2.19 -2.59
N LEU C 39 -7.02 -1.84 -1.42
CA LEU C 39 -6.53 -0.66 -0.72
C LEU C 39 -5.13 -0.94 -0.17
N GLN C 40 -4.19 -0.03 -0.41
CA GLN C 40 -2.85 -0.15 0.14
C GLN C 40 -2.49 1.15 0.86
N GLN C 41 -2.23 1.07 2.16
CA GLN C 41 -1.93 2.27 2.92
C GLN C 41 -0.48 2.71 2.70
N PRO C 42 -0.18 3.99 2.93
CA PRO C 42 1.21 4.45 2.78
C PRO C 42 2.21 3.75 3.68
N GLU C 43 1.79 3.22 4.83
CA GLU C 43 2.68 2.51 5.76
C GLU C 43 3.22 1.19 5.21
N THR C 44 2.66 0.67 4.12
CA THR C 44 3.08 -0.62 3.57
C THR C 44 4.30 -0.54 2.66
N ARG C 45 4.86 0.65 2.41
CA ARG C 45 6.04 0.71 1.54
C ARG C 45 7.30 0.22 2.23
N VAL C 46 7.26 -0.06 3.54
CA VAL C 46 8.41 -0.51 4.31
C VAL C 46 8.28 -1.98 4.74
N ASP C 47 7.24 -2.69 4.26
CA ASP C 47 6.88 -4.02 4.76
C ASP C 47 7.07 -5.05 3.63
N ILE C 48 8.17 -5.82 3.68
CA ILE C 48 8.55 -6.74 2.60
C ILE C 48 7.43 -7.72 2.32
N GLU C 49 6.76 -8.21 3.37
CA GLU C 49 5.67 -9.17 3.19
C GLU C 49 4.47 -8.55 2.51
N LYS C 50 4.08 -7.34 2.96
CA LYS C 50 2.89 -6.71 2.41
C LYS C 50 3.11 -6.21 0.98
N VAL C 51 4.28 -5.67 0.67
CA VAL C 51 4.56 -5.26 -0.71
C VAL C 51 4.54 -6.47 -1.63
N GLN C 52 5.26 -7.53 -1.25
CA GLN C 52 5.28 -8.77 -2.01
C GLN C 52 3.86 -9.30 -2.20
N LEU C 53 3.09 -9.31 -1.12
CA LEU C 53 1.72 -9.78 -1.19
C LEU C 53 0.86 -8.88 -2.07
N LEU C 54 0.91 -7.55 -1.86
CA LEU C 54 0.10 -6.65 -2.67
C LEU C 54 0.46 -6.76 -4.15
N TYR C 55 1.76 -6.69 -4.48
CA TYR C 55 2.15 -6.72 -5.89
C TYR C 55 1.96 -8.10 -6.52
N SER C 56 1.72 -9.14 -5.72
CA SER C 56 1.33 -10.41 -6.31
C SER C 56 -0.11 -10.37 -6.81
N TYR C 57 -0.99 -9.61 -6.14
CA TYR C 57 -2.35 -9.40 -6.67
C TYR C 57 -2.30 -8.67 -8.01
N LYS C 58 -1.37 -7.72 -8.16
CA LYS C 58 -1.23 -7.02 -9.42
C LYS C 58 -0.92 -7.96 -10.58
N ARG C 59 -0.12 -9.02 -10.34
CA ARG C 59 0.16 -9.98 -11.41
C ARG C 59 -1.11 -10.67 -11.89
N LEU C 60 -2.06 -10.93 -10.98
CA LEU C 60 -3.33 -11.57 -11.33
C LEU C 60 -4.36 -10.59 -11.87
N GLY C 61 -4.06 -9.30 -11.94
CA GLY C 61 -4.96 -8.33 -12.52
C GLY C 61 -5.52 -7.32 -11.54
N ALA C 62 -5.21 -7.43 -10.25
CA ALA C 62 -5.75 -6.44 -9.33
C ALA C 62 -5.15 -5.07 -9.60
N ARG C 63 -5.80 -4.05 -9.08
CA ARG C 63 -5.27 -2.71 -9.10
C ARG C 63 -5.05 -2.24 -7.66
N LEU C 64 -3.97 -1.50 -7.46
CA LEU C 64 -3.63 -1.00 -6.14
C LEU C 64 -4.03 0.47 -6.02
N ILE C 65 -4.88 0.79 -5.04
CA ILE C 65 -5.34 2.14 -4.79
C ILE C 65 -4.77 2.55 -3.44
N GLU C 66 -3.87 3.54 -3.43
CA GLU C 66 -3.33 4.02 -2.17
C GLU C 66 -4.32 4.97 -1.51
N ALA C 67 -4.43 4.86 -0.19
CA ALA C 67 -5.25 5.76 0.62
C ALA C 67 -4.94 5.49 2.08
N SER C 68 -5.23 6.46 2.93
CA SER C 68 -5.17 6.27 4.36
C SER C 68 -6.58 6.33 4.92
N PHE C 69 -6.75 5.78 6.13
CA PHE C 69 -8.04 5.90 6.79
C PHE C 69 -8.22 7.25 7.45
N SER C 70 -7.13 7.82 7.95
CA SER C 70 -7.15 9.13 8.57
C SER C 70 -7.37 10.26 7.57
N ASP C 71 -7.20 9.98 6.26
CA ASP C 71 -7.30 10.96 5.15
C ASP C 71 -8.61 10.66 4.42
N HIS C 72 -9.65 11.42 4.78
CA HIS C 72 -11.00 11.20 4.26
C HIS C 72 -11.07 11.32 2.75
N GLN C 73 -10.28 12.23 2.15
CA GLN C 73 -10.43 12.50 0.73
C GLN C 73 -9.84 11.37 -0.11
N SER C 74 -8.69 10.84 0.31
CA SER C 74 -8.14 9.65 -0.36
C SER C 74 -9.09 8.46 -0.27
N LEU C 75 -9.82 8.33 0.85
CA LEU C 75 -10.82 7.28 0.96
C LEU C 75 -11.96 7.49 -0.02
N VAL C 76 -12.51 8.72 -0.09
CA VAL C 76 -13.57 9.02 -1.06
C VAL C 76 -13.04 8.84 -2.48
N SER C 77 -11.87 9.40 -2.75
CA SER C 77 -11.23 9.22 -4.05
C SER C 77 -11.09 7.74 -4.41
N ALA C 78 -10.91 6.87 -3.41
CA ALA C 78 -10.67 5.45 -3.67
C ALA C 78 -11.97 4.70 -4.00
N VAL C 79 -13.02 4.92 -3.20
CA VAL C 79 -14.25 4.15 -3.43
C VAL C 79 -15.05 4.64 -4.62
N LYS C 80 -14.78 5.84 -5.13
CA LYS C 80 -15.48 6.22 -6.37
C LYS C 80 -14.97 5.47 -7.60
N GLN C 81 -13.88 4.70 -7.49
CA GLN C 81 -13.38 3.92 -8.62
C GLN C 81 -14.02 2.54 -8.71
N VAL C 82 -15.02 2.25 -7.88
CA VAL C 82 -15.55 0.90 -7.74
C VAL C 82 -17.05 0.96 -7.58
N ASP C 83 -17.68 -0.21 -7.75
CA ASP C 83 -19.11 -0.38 -7.51
C ASP C 83 -19.42 -1.00 -6.15
N ILE C 84 -18.46 -1.71 -5.56
CA ILE C 84 -18.67 -2.55 -4.38
C ILE C 84 -17.49 -2.33 -3.45
N VAL C 85 -17.73 -2.29 -2.14
CA VAL C 85 -16.65 -2.31 -1.15
C VAL C 85 -16.86 -3.54 -0.27
N VAL C 86 -15.79 -4.31 -0.07
CA VAL C 86 -15.78 -5.40 0.90
C VAL C 86 -14.68 -5.11 1.91
N ALA C 87 -15.02 -5.16 3.20
CA ALA C 87 -14.03 -5.02 4.26
C ALA C 87 -13.83 -6.35 4.97
N ALA C 88 -12.59 -6.62 5.34
CA ALA C 88 -12.19 -7.89 5.97
C ALA C 88 -11.08 -7.50 6.94
N MET C 89 -11.49 -7.12 8.15
CA MET C 89 -10.68 -6.24 8.98
C MET C 89 -10.53 -6.78 10.40
N SER C 90 -10.52 -8.10 10.54
CA SER C 90 -10.45 -8.71 11.86
C SER C 90 -9.56 -9.94 11.77
N GLY C 91 -8.81 -10.19 12.83
CA GLY C 91 -7.84 -11.27 12.88
C GLY C 91 -6.48 -10.76 13.30
N VAL C 92 -5.42 -11.50 12.94
CA VAL C 92 -4.08 -10.98 13.10
C VAL C 92 -3.77 -10.00 11.96
N HIS C 93 -2.81 -9.12 12.22
CA HIS C 93 -2.48 -7.90 11.46
C HIS C 93 -3.45 -6.76 11.72
N PHE C 94 -4.49 -6.99 12.50
CA PHE C 94 -5.47 -5.99 12.90
C PHE C 94 -5.42 -5.85 14.42
N ARG C 95 -6.26 -4.96 14.96
CA ARG C 95 -6.21 -4.61 16.36
C ARG C 95 -7.60 -4.61 16.95
N SER C 96 -7.67 -4.44 18.28
CA SER C 96 -8.87 -4.79 19.04
C SER C 96 -10.08 -3.95 18.65
N HIS C 97 -9.87 -2.76 18.10
CA HIS C 97 -10.96 -1.89 17.67
C HIS C 97 -10.93 -1.56 16.17
N SER C 98 -10.11 -2.22 15.36
CA SER C 98 -10.09 -1.78 13.97
C SER C 98 -11.34 -2.18 13.18
N ILE C 99 -12.30 -2.92 13.77
CA ILE C 99 -13.62 -3.05 13.16
C ILE C 99 -14.26 -1.68 12.99
N LEU C 100 -13.99 -0.78 13.94
CA LEU C 100 -14.62 0.53 14.00
C LEU C 100 -14.03 1.53 13.02
N VAL C 101 -12.86 1.26 12.46
CA VAL C 101 -12.32 2.08 11.36
C VAL C 101 -13.19 1.99 10.13
N GLN C 102 -14.09 1.01 10.07
CA GLN C 102 -15.08 0.98 8.99
C GLN C 102 -16.04 2.16 9.04
N LEU C 103 -16.15 2.86 10.17
CA LEU C 103 -16.91 4.11 10.18
C LEU C 103 -16.27 5.17 9.29
N LYS C 104 -14.94 5.24 9.22
CA LYS C 104 -14.31 6.12 8.23
C LYS C 104 -14.69 5.71 6.81
N LEU C 105 -14.89 4.41 6.60
CA LEU C 105 -15.27 3.90 5.28
C LEU C 105 -16.72 4.24 4.96
N VAL C 106 -17.62 4.08 5.94
CA VAL C 106 -19.04 4.36 5.71
C VAL C 106 -19.25 5.82 5.39
N GLU C 107 -18.52 6.71 6.08
CA GLU C 107 -18.66 8.13 5.84
C GLU C 107 -18.09 8.54 4.50
N ALA C 108 -17.03 7.86 4.04
CA ALA C 108 -16.48 8.13 2.72
C ALA C 108 -17.36 7.55 1.62
N ILE C 109 -17.95 6.37 1.86
CA ILE C 109 -18.89 5.80 0.88
C ILE C 109 -20.11 6.71 0.75
N LYS C 110 -20.54 7.29 1.87
CA LYS C 110 -21.68 8.21 1.84
C LYS C 110 -21.40 9.38 0.89
N GLU C 111 -20.29 10.07 1.11
CA GLU C 111 -19.94 11.23 0.31
C GLU C 111 -19.74 10.92 -1.18
N ALA C 112 -19.46 9.67 -1.54
CA ALA C 112 -19.17 9.35 -2.93
C ALA C 112 -20.42 8.99 -3.73
N GLY C 113 -21.41 8.37 -3.09
CA GLY C 113 -22.69 8.14 -3.73
C GLY C 113 -22.77 7.04 -4.77
N ASN C 114 -21.63 6.64 -5.33
CA ASN C 114 -21.69 5.66 -6.41
C ASN C 114 -21.71 4.20 -5.94
N ILE C 115 -21.60 3.92 -4.64
CA ILE C 115 -21.41 2.53 -4.20
C ILE C 115 -22.73 1.76 -4.26
N LYS C 116 -22.75 0.66 -5.01
CA LYS C 116 -23.94 -0.19 -5.07
C LYS C 116 -24.09 -1.12 -3.87
N ARG C 117 -23.02 -1.42 -3.13
CA ARG C 117 -23.09 -2.38 -2.04
C ARG C 117 -21.85 -2.28 -1.14
N PHE C 118 -22.06 -2.41 0.17
CA PHE C 118 -21.01 -2.47 1.16
C PHE C 118 -21.16 -3.77 1.94
N LEU C 119 -20.13 -4.62 1.93
CA LEU C 119 -20.12 -5.82 2.78
C LEU C 119 -19.17 -5.56 3.93
N PRO C 120 -19.66 -5.19 5.11
CA PRO C 120 -18.76 -4.92 6.24
C PRO C 120 -18.07 -6.20 6.72
N SER C 121 -17.09 -5.99 7.60
CA SER C 121 -16.31 -7.07 8.20
C SER C 121 -17.17 -7.93 9.12
N GLU C 122 -17.81 -8.96 8.58
CA GLU C 122 -18.62 -9.89 9.37
C GLU C 122 -17.91 -11.21 9.44
N PHE C 123 -18.38 -12.27 8.73
CA PHE C 123 -17.71 -13.57 8.61
C PHE C 123 -17.41 -14.18 10.00
N GLY C 124 -18.49 -14.53 10.68
CA GLY C 124 -18.36 -14.97 12.05
C GLY C 124 -19.75 -15.21 12.60
N MET C 125 -19.84 -15.29 13.92
CA MET C 125 -21.15 -15.33 14.54
C MET C 125 -21.91 -14.08 14.13
N ASP C 126 -23.18 -14.25 13.78
CA ASP C 126 -24.05 -13.12 13.50
C ASP C 126 -24.23 -12.35 14.81
N PRO C 127 -23.69 -11.13 14.94
CA PRO C 127 -24.03 -10.28 16.08
C PRO C 127 -25.43 -9.73 15.89
N SER C 128 -26.11 -9.45 17.00
CA SER C 128 -27.55 -9.13 17.06
C SER C 128 -28.39 -10.39 17.24
N ARG C 129 -27.76 -11.56 17.20
CA ARG C 129 -28.24 -12.72 17.94
C ARG C 129 -27.48 -12.88 19.25
N MET C 130 -26.65 -11.90 19.61
CA MET C 130 -25.76 -12.00 20.76
C MET C 130 -26.12 -10.98 21.83
N GLY C 131 -27.40 -10.59 21.88
CA GLY C 131 -27.93 -9.69 22.88
C GLY C 131 -27.64 -10.08 24.32
N HIS C 132 -27.42 -11.37 24.57
CA HIS C 132 -27.09 -11.89 25.90
C HIS C 132 -25.75 -12.61 25.82
N ALA C 133 -24.65 -11.85 25.97
CA ALA C 133 -23.31 -12.36 25.76
C ALA C 133 -22.62 -12.78 27.07
N GLU C 139 -16.29 -5.18 23.11
CA GLU C 139 -16.99 -6.36 22.58
C GLU C 139 -17.04 -6.35 21.05
N THR C 140 -16.68 -7.50 20.48
CA THR C 140 -16.70 -7.66 19.03
C THR C 140 -18.09 -7.41 18.43
N PHE C 141 -19.15 -7.90 19.08
CA PHE C 141 -20.48 -7.76 18.50
C PHE C 141 -20.97 -6.32 18.58
N ASP C 142 -20.52 -5.55 19.59
CA ASP C 142 -20.93 -4.16 19.67
C ASP C 142 -20.25 -3.32 18.60
N GLN C 143 -19.00 -3.61 18.26
CA GLN C 143 -18.35 -2.85 17.20
C GLN C 143 -18.95 -3.17 15.83
N LYS C 144 -19.31 -4.42 15.59
CA LYS C 144 -19.96 -4.75 14.32
C LYS C 144 -21.39 -4.22 14.27
N LEU C 145 -22.10 -4.19 15.41
CA LEU C 145 -23.44 -3.63 15.42
C LEU C 145 -23.41 -2.13 15.18
N GLU C 146 -22.40 -1.44 15.73
CA GLU C 146 -22.27 -0.02 15.44
C GLU C 146 -21.96 0.24 13.97
N VAL C 147 -21.13 -0.61 13.34
CA VAL C 147 -20.85 -0.41 11.91
C VAL C 147 -22.10 -0.69 11.07
N ARG C 148 -22.89 -1.70 11.46
CA ARG C 148 -24.16 -1.96 10.77
C ARG C 148 -25.10 -0.75 10.87
N ASN C 149 -25.13 -0.09 12.03
CA ASN C 149 -26.03 1.04 12.21
C ASN C 149 -25.59 2.24 11.39
N ALA C 150 -24.29 2.54 11.33
CA ALA C 150 -23.83 3.60 10.45
C ALA C 150 -24.20 3.32 9.00
N ILE C 151 -24.02 2.05 8.54
CA ILE C 151 -24.32 1.66 7.15
C ILE C 151 -25.79 1.91 6.84
N GLU C 152 -26.67 1.45 7.73
CA GLU C 152 -28.10 1.55 7.46
C GLU C 152 -28.56 3.00 7.52
N ALA C 153 -28.16 3.74 8.55
CA ALA C 153 -28.45 5.17 8.60
C ALA C 153 -28.03 5.88 7.30
N ALA C 154 -26.81 5.66 6.84
CA ALA C 154 -26.33 6.31 5.63
C ALA C 154 -27.03 5.83 4.35
N GLY C 155 -27.91 4.83 4.40
CA GLY C 155 -28.53 4.35 3.19
C GLY C 155 -27.64 3.57 2.24
N ILE C 156 -26.48 3.10 2.68
CA ILE C 156 -25.63 2.26 1.83
C ILE C 156 -26.23 0.86 1.78
N PRO C 157 -26.46 0.27 0.60
CA PRO C 157 -27.01 -1.09 0.56
C PRO C 157 -25.93 -2.08 0.98
N HIS C 158 -26.36 -3.15 1.64
CA HIS C 158 -25.40 -4.00 2.32
C HIS C 158 -25.71 -5.48 2.07
N THR C 159 -24.67 -6.31 2.18
CA THR C 159 -24.87 -7.72 2.49
C THR C 159 -24.05 -8.04 3.72
N TYR C 160 -24.67 -8.71 4.70
CA TYR C 160 -23.95 -9.23 5.85
C TYR C 160 -23.77 -10.74 5.66
N VAL C 161 -22.52 -11.19 5.61
CA VAL C 161 -22.13 -12.60 5.45
C VAL C 161 -21.73 -13.13 6.82
N VAL C 162 -22.48 -14.11 7.36
CA VAL C 162 -22.35 -14.53 8.75
C VAL C 162 -22.41 -16.04 8.84
N GLY C 163 -22.29 -16.54 10.07
CA GLY C 163 -22.73 -17.88 10.40
C GLY C 163 -21.70 -18.96 10.31
N ALA C 164 -20.42 -18.62 10.21
CA ALA C 164 -19.37 -19.59 9.97
C ALA C 164 -18.33 -19.57 11.06
N CYS C 165 -17.82 -20.75 11.37
CA CYS C 165 -16.68 -20.98 12.25
C CYS C 165 -15.45 -21.23 11.37
N PHE C 166 -14.44 -20.37 11.48
CA PHE C 166 -13.30 -20.51 10.57
C PHE C 166 -12.57 -21.84 10.82
N ALA C 167 -12.39 -22.62 9.75
CA ALA C 167 -11.77 -23.94 9.92
C ALA C 167 -10.33 -23.83 10.44
N ALA C 168 -9.56 -22.81 10.03
CA ALA C 168 -8.19 -22.71 10.53
C ALA C 168 -8.11 -22.48 12.03
N TYR C 169 -9.18 -22.04 12.68
CA TYR C 169 -9.12 -21.69 14.10
C TYR C 169 -9.84 -22.69 14.99
N PHE C 170 -10.76 -23.47 14.44
CA PHE C 170 -11.56 -24.42 15.21
C PHE C 170 -11.57 -25.85 14.65
N ALA C 171 -11.26 -26.06 13.36
CA ALA C 171 -11.26 -27.40 12.78
C ALA C 171 -9.88 -28.06 12.81
N GLY C 172 -8.89 -27.42 12.18
CA GLY C 172 -7.53 -27.95 12.17
C GLY C 172 -6.94 -28.26 13.53
N ASN C 173 -7.45 -27.66 14.59
CA ASN C 173 -7.02 -27.95 15.96
C ASN C 173 -8.03 -28.78 16.73
N LEU C 174 -9.00 -29.39 16.04
CA LEU C 174 -10.09 -30.14 16.69
C LEU C 174 -10.73 -29.31 17.81
N SER C 175 -10.88 -28.01 17.56
CA SER C 175 -11.49 -27.04 18.47
C SER C 175 -10.71 -26.93 19.76
N GLN C 176 -9.46 -27.35 19.75
CA GLN C 176 -8.60 -27.17 20.91
C GLN C 176 -8.09 -25.74 20.95
N MET C 177 -8.08 -25.17 22.14
CA MET C 177 -7.41 -23.89 22.28
C MET C 177 -5.91 -24.09 22.40
N GLY C 178 -5.17 -23.01 22.21
CA GLY C 178 -3.74 -23.01 22.38
C GLY C 178 -2.93 -23.44 21.16
N THR C 179 -3.56 -24.03 20.16
CA THR C 179 -2.84 -24.60 19.03
C THR C 179 -3.68 -24.47 17.76
N LEU C 180 -3.01 -24.58 16.61
CA LEU C 180 -3.68 -24.56 15.31
C LEU C 180 -3.61 -25.90 14.58
N ILE C 181 -3.05 -26.94 15.21
CA ILE C 181 -2.88 -28.25 14.57
C ILE C 181 -3.36 -29.35 15.51
N PRO C 182 -3.71 -30.52 14.99
CA PRO C 182 -4.33 -31.53 15.83
C PRO C 182 -3.39 -31.97 16.93
N PRO C 183 -3.92 -32.28 18.10
CA PRO C 183 -3.07 -32.70 19.21
C PRO C 183 -2.75 -34.20 19.14
N LYS C 184 -1.64 -34.57 19.76
CA LYS C 184 -1.07 -35.91 19.63
C LYS C 184 -1.83 -36.96 20.44
N LYS C 185 -2.20 -36.64 21.70
CA LYS C 185 -2.75 -37.62 22.62
C LYS C 185 -4.12 -37.24 23.16
N LYS C 186 -4.23 -36.07 23.80
CA LYS C 186 -5.42 -35.59 24.49
C LYS C 186 -6.18 -34.56 23.65
N VAL C 187 -7.52 -34.65 23.65
CA VAL C 187 -8.37 -33.53 23.22
C VAL C 187 -9.41 -33.28 24.28
N ASN C 188 -9.63 -32.00 24.59
CA ASN C 188 -10.70 -31.60 25.49
C ASN C 188 -11.99 -31.49 24.73
N ILE C 189 -13.07 -31.98 25.33
CA ILE C 189 -14.37 -31.95 24.68
C ILE C 189 -15.29 -31.02 25.44
N TYR C 190 -15.95 -30.16 24.70
CA TYR C 190 -16.71 -29.09 25.28
C TYR C 190 -18.12 -29.58 25.56
N GLY C 191 -18.46 -29.64 26.85
CA GLY C 191 -19.70 -30.24 27.26
C GLY C 191 -19.61 -31.72 26.96
N ASP C 192 -20.47 -32.20 26.09
CA ASP C 192 -20.39 -33.58 25.60
C ASP C 192 -20.27 -33.63 24.08
N GLY C 193 -19.58 -32.63 23.50
CA GLY C 193 -19.32 -32.55 22.09
C GLY C 193 -20.57 -32.72 21.25
N ASN C 194 -21.71 -32.28 21.78
CA ASN C 194 -23.00 -32.55 21.17
C ASN C 194 -23.66 -31.36 20.47
N VAL C 195 -23.17 -30.13 20.65
CA VAL C 195 -23.81 -29.00 20.00
C VAL C 195 -23.23 -28.82 18.59
N LYS C 196 -24.12 -28.78 17.60
CA LYS C 196 -23.74 -28.53 16.23
C LYS C 196 -22.95 -27.23 16.09
N VAL C 197 -21.94 -27.27 15.22
CA VAL C 197 -21.12 -26.11 14.87
C VAL C 197 -21.04 -26.10 13.34
N VAL C 198 -20.63 -24.98 12.78
CA VAL C 198 -20.58 -24.81 11.32
C VAL C 198 -19.11 -24.55 10.96
N TYR C 199 -18.33 -25.61 10.75
CA TYR C 199 -16.93 -25.49 10.34
C TYR C 199 -16.85 -25.28 8.83
N VAL C 200 -16.19 -24.19 8.41
CA VAL C 200 -16.14 -23.80 7.00
C VAL C 200 -14.72 -23.37 6.68
N ASP C 201 -14.16 -23.97 5.62
CA ASP C 201 -12.90 -23.49 5.05
C ASP C 201 -13.03 -21.99 4.73
N GLU C 202 -12.07 -21.18 5.17
CA GLU C 202 -12.19 -19.75 4.87
C GLU C 202 -12.15 -19.46 3.37
N ASP C 203 -11.62 -20.36 2.54
CA ASP C 203 -11.65 -20.14 1.09
C ASP C 203 -13.07 -20.24 0.55
N ASP C 204 -13.92 -21.07 1.16
CA ASP C 204 -15.31 -21.11 0.74
C ASP C 204 -16.09 -19.87 1.23
N ILE C 205 -15.84 -19.42 2.47
CA ILE C 205 -16.37 -18.14 2.90
C ILE C 205 -16.02 -17.04 1.88
N ALA C 206 -14.78 -17.05 1.35
CA ALA C 206 -14.39 -16.04 0.36
C ALA C 206 -15.07 -16.27 -1.00
N GLU C 207 -15.19 -17.51 -1.45
CA GLU C 207 -15.89 -17.74 -2.73
C GLU C 207 -17.36 -17.33 -2.63
N TYR C 208 -18.03 -17.69 -1.53
CA TYR C 208 -19.42 -17.27 -1.31
C TYR C 208 -19.54 -15.74 -1.27
N THR C 209 -18.58 -15.06 -0.64
CA THR C 209 -18.64 -13.59 -0.55
C THR C 209 -18.53 -12.96 -1.93
N ALA C 210 -17.63 -13.48 -2.78
CA ALA C 210 -17.48 -12.93 -4.12
C ALA C 210 -18.62 -13.32 -5.07
N LYS C 211 -19.34 -14.40 -4.77
CA LYS C 211 -20.55 -14.69 -5.53
C LYS C 211 -21.75 -13.87 -5.06
N THR C 212 -21.79 -13.50 -3.78
CA THR C 212 -22.95 -12.81 -3.27
C THR C 212 -22.88 -11.30 -3.48
N LEU C 213 -21.68 -10.72 -3.54
CA LEU C 213 -21.58 -9.27 -3.46
C LEU C 213 -22.31 -8.54 -4.59
N ASP C 214 -22.63 -9.19 -5.70
CA ASP C 214 -23.44 -8.54 -6.73
C ASP C 214 -24.69 -9.35 -7.11
N ASP C 215 -25.04 -10.38 -6.35
CA ASP C 215 -26.26 -11.14 -6.57
C ASP C 215 -27.44 -10.28 -6.14
N PRO C 216 -28.42 -10.02 -7.03
CA PRO C 216 -29.60 -9.21 -6.62
C PRO C 216 -30.39 -9.85 -5.49
N ARG C 217 -30.35 -11.18 -5.36
CA ARG C 217 -31.11 -11.88 -4.32
C ARG C 217 -30.65 -11.58 -2.90
N THR C 218 -29.50 -10.93 -2.69
CA THR C 218 -28.94 -10.82 -1.35
C THR C 218 -28.68 -9.38 -0.93
N ILE C 219 -29.09 -8.40 -1.75
CA ILE C 219 -28.91 -7.00 -1.40
C ILE C 219 -29.82 -6.65 -0.22
N ASN C 220 -29.24 -5.97 0.78
CA ASN C 220 -29.94 -5.58 2.01
C ASN C 220 -30.47 -6.80 2.76
N LYS C 221 -29.80 -7.94 2.59
CA LYS C 221 -30.12 -9.17 3.29
C LYS C 221 -28.90 -9.63 4.08
N THR C 222 -29.13 -10.53 5.03
CA THR C 222 -28.08 -11.29 5.69
C THR C 222 -27.96 -12.65 5.01
N VAL C 223 -26.72 -13.07 4.72
CA VAL C 223 -26.45 -14.32 4.01
C VAL C 223 -25.72 -15.26 4.97
N TYR C 224 -26.40 -16.32 5.37
CA TYR C 224 -25.82 -17.34 6.23
C TYR C 224 -24.95 -18.31 5.45
N VAL C 225 -23.76 -18.56 5.96
CA VAL C 225 -22.83 -19.55 5.42
C VAL C 225 -22.93 -20.79 6.31
N ARG C 226 -23.74 -21.75 5.86
CA ARG C 226 -23.94 -23.02 6.56
C ARG C 226 -24.02 -24.14 5.52
N PRO C 227 -22.87 -24.55 4.97
CA PRO C 227 -22.87 -25.69 4.03
C PRO C 227 -23.23 -26.97 4.78
N THR C 228 -24.29 -27.64 4.30
CA THR C 228 -25.03 -28.58 5.15
C THR C 228 -24.14 -29.64 5.75
N GLU C 229 -23.32 -30.30 4.92
CA GLU C 229 -22.49 -31.42 5.37
C GLU C 229 -21.47 -31.02 6.44
N ASN C 230 -21.15 -29.73 6.55
CA ASN C 230 -20.15 -29.29 7.51
C ASN C 230 -20.75 -28.79 8.80
N VAL C 231 -22.09 -28.82 8.91
CA VAL C 231 -22.75 -28.70 10.20
C VAL C 231 -22.42 -29.97 10.99
N LEU C 232 -21.59 -29.83 12.01
CA LEU C 232 -21.01 -30.99 12.70
C LEU C 232 -20.82 -30.64 14.16
N THR C 233 -20.94 -31.64 15.03
CA THR C 233 -20.64 -31.39 16.42
C THR C 233 -19.14 -31.57 16.64
N GLN C 234 -18.66 -31.16 17.82
CA GLN C 234 -17.23 -31.23 18.07
C GLN C 234 -16.72 -32.67 18.09
N MET C 235 -17.54 -33.60 18.60
CA MET C 235 -17.12 -34.99 18.65
C MET C 235 -17.28 -35.66 17.28
N GLU C 236 -18.31 -35.31 16.52
CA GLU C 236 -18.39 -35.77 15.13
C GLU C 236 -17.16 -35.35 14.34
N LEU C 237 -16.51 -34.25 14.72
CA LEU C 237 -15.32 -33.81 14.02
C LEU C 237 -14.07 -34.49 14.55
N VAL C 238 -13.95 -34.59 15.88
CA VAL C 238 -12.91 -35.44 16.48
C VAL C 238 -13.00 -36.85 15.90
N GLN C 239 -14.21 -37.33 15.61
CA GLN C 239 -14.34 -38.69 15.10
C GLN C 239 -13.91 -38.79 13.64
N ILE C 240 -14.14 -37.75 12.84
CA ILE C 240 -13.57 -37.69 11.49
C ILE C 240 -12.06 -37.81 11.55
N TRP C 241 -11.43 -37.24 12.59
CA TRP C 241 -9.99 -37.29 12.73
C TRP C 241 -9.54 -38.66 13.25
N GLU C 242 -10.13 -39.13 14.35
CA GLU C 242 -9.78 -40.44 14.90
C GLU C 242 -9.85 -41.52 13.83
N LYS C 243 -10.87 -41.47 12.97
CA LYS C 243 -10.98 -42.42 11.88
C LYS C 243 -9.76 -42.35 10.97
N LEU C 244 -9.45 -41.15 10.49
CA LEU C 244 -8.35 -40.94 9.55
C LEU C 244 -7.01 -41.38 10.14
N THR C 245 -6.74 -41.08 11.40
CA THR C 245 -5.49 -41.49 12.01
C THR C 245 -5.50 -42.94 12.46
N GLY C 246 -6.67 -43.59 12.44
CA GLY C 246 -6.84 -44.89 13.07
C GLY C 246 -6.51 -44.92 14.54
N LYS C 247 -6.42 -43.77 15.22
CA LYS C 247 -6.02 -43.73 16.61
C LYS C 247 -7.09 -42.99 17.40
N GLU C 248 -7.65 -43.66 18.40
CA GLU C 248 -8.59 -43.02 19.32
C GLU C 248 -7.83 -42.06 20.24
N LEU C 249 -8.44 -40.90 20.52
CA LEU C 249 -7.83 -39.87 21.35
C LEU C 249 -8.34 -39.99 22.78
N GLU C 250 -7.52 -39.53 23.73
CA GLU C 250 -7.94 -39.42 25.12
C GLU C 250 -8.86 -38.20 25.29
N LYS C 251 -10.06 -38.42 25.83
CA LYS C 251 -11.10 -37.41 25.84
C LYS C 251 -11.48 -37.01 27.26
N THR C 252 -11.11 -35.78 27.65
CA THR C 252 -11.55 -35.15 28.89
C THR C 252 -12.72 -34.21 28.60
N ASN C 253 -13.92 -34.57 29.06
CA ASN C 253 -15.08 -33.68 28.89
C ASN C 253 -14.99 -32.50 29.86
N ILE C 254 -15.31 -31.30 29.36
CA ILE C 254 -15.27 -30.07 30.15
C ILE C 254 -16.68 -29.52 30.27
N SER C 255 -17.19 -29.45 31.49
CA SER C 255 -18.59 -29.12 31.69
C SER C 255 -18.79 -27.61 31.58
N ALA C 256 -20.04 -27.24 31.29
CA ALA C 256 -20.43 -25.83 31.34
C ALA C 256 -19.98 -25.17 32.65
N ASN C 257 -20.07 -25.88 33.78
CA ASN C 257 -19.72 -25.29 35.08
C ASN C 257 -18.30 -24.75 35.09
N ASP C 258 -17.33 -25.53 34.60
CA ASP C 258 -15.93 -25.13 34.72
C ASP C 258 -15.68 -23.84 33.94
N PHE C 259 -15.74 -22.74 34.70
CA PHE C 259 -15.92 -21.36 34.22
C PHE C 259 -14.84 -20.49 34.81
N LEU C 260 -14.04 -19.90 33.93
CA LEU C 260 -13.19 -18.81 34.39
C LEU C 260 -13.80 -17.54 33.79
N ALA C 261 -14.80 -17.01 34.52
CA ALA C 261 -15.17 -15.59 34.60
C ALA C 261 -14.34 -14.89 35.67
N ASP C 262 -13.02 -15.12 35.66
CA ASP C 262 -12.15 -14.47 36.62
C ASP C 262 -10.77 -14.27 35.99
N ILE C 263 -9.81 -13.87 36.82
CA ILE C 263 -8.63 -13.12 36.37
C ILE C 263 -7.36 -13.96 36.39
N GLU C 264 -7.27 -14.86 35.42
CA GLU C 264 -6.15 -15.78 35.20
C GLU C 264 -5.23 -15.31 34.09
N ASP C 265 -5.80 -15.38 32.90
CA ASP C 265 -5.26 -15.17 31.56
C ASP C 265 -6.50 -15.10 30.69
N LYS C 266 -6.31 -15.10 29.38
CA LYS C 266 -7.33 -15.70 28.51
C LYS C 266 -6.62 -16.35 27.34
N LEU C 274 -12.06 -18.40 23.18
CA LEU C 274 -12.06 -17.31 24.15
C LEU C 274 -13.00 -17.56 25.32
N GLY C 275 -14.27 -17.69 24.95
CA GLY C 275 -15.42 -17.17 25.67
C GLY C 275 -16.31 -16.76 24.52
N HIS C 276 -15.66 -16.60 23.36
CA HIS C 276 -16.31 -16.87 22.08
C HIS C 276 -16.50 -18.37 21.86
N PHE C 277 -15.61 -19.20 22.43
CA PHE C 277 -15.80 -20.65 22.43
C PHE C 277 -17.08 -21.02 23.15
N TYR C 278 -17.36 -20.34 24.28
CA TYR C 278 -18.56 -20.62 25.03
C TYR C 278 -19.81 -20.43 24.18
N HIS C 279 -19.84 -19.36 23.38
CA HIS C 279 -21.00 -19.13 22.53
C HIS C 279 -21.18 -20.27 21.53
N ILE C 280 -20.09 -20.71 20.90
CA ILE C 280 -20.18 -21.69 19.80
C ILE C 280 -20.50 -23.09 20.34
N PHE C 281 -19.69 -23.56 21.29
CA PHE C 281 -19.64 -24.98 21.67
C PHE C 281 -20.53 -25.34 22.85
N TYR C 282 -21.10 -24.35 23.54
CA TYR C 282 -22.07 -24.57 24.60
C TYR C 282 -23.43 -23.97 24.29
N GLU C 283 -23.49 -22.71 23.84
CA GLU C 283 -24.78 -22.09 23.57
C GLU C 283 -25.41 -22.63 22.29
N GLY C 284 -24.59 -23.03 21.32
CA GLY C 284 -25.10 -23.46 20.03
C GLY C 284 -25.33 -22.35 19.04
N CYS C 285 -24.62 -21.21 19.18
CA CYS C 285 -25.00 -19.95 18.55
C CYS C 285 -25.03 -20.03 17.02
N LEU C 286 -24.21 -20.91 16.42
CA LEU C 286 -24.17 -20.99 14.96
C LEU C 286 -25.29 -21.85 14.39
N THR C 287 -25.92 -22.70 15.20
CA THR C 287 -26.99 -23.57 14.72
C THR C 287 -28.22 -23.54 15.63
N ASP C 288 -28.52 -22.40 16.27
CA ASP C 288 -29.73 -22.29 17.07
C ASP C 288 -30.89 -21.67 16.30
N HIS C 289 -30.74 -21.49 14.99
CA HIS C 289 -31.78 -20.90 14.16
C HIS C 289 -31.71 -21.53 12.77
N GLU C 290 -32.77 -22.23 12.37
CA GLU C 290 -32.82 -22.75 11.01
C GLU C 290 -32.75 -21.59 10.01
N VAL C 291 -32.29 -21.90 8.79
CA VAL C 291 -32.07 -20.89 7.75
C VAL C 291 -32.80 -21.30 6.49
N GLY C 292 -33.39 -20.32 5.83
CA GLY C 292 -34.05 -20.59 4.57
C GLY C 292 -33.05 -20.74 3.44
N ASP C 293 -33.44 -21.51 2.42
CA ASP C 293 -32.57 -21.71 1.26
C ASP C 293 -32.39 -20.46 0.40
N ASP C 294 -33.09 -19.37 0.72
CA ASP C 294 -32.88 -18.07 0.10
C ASP C 294 -31.99 -17.15 0.93
N GLU C 295 -31.61 -17.58 2.14
CA GLU C 295 -30.67 -16.86 2.99
C GLU C 295 -29.37 -17.63 3.21
N GLU C 296 -29.15 -18.77 2.55
CA GLU C 296 -28.04 -19.68 2.86
C GLU C 296 -27.12 -19.83 1.66
N ALA C 297 -25.81 -19.73 1.90
CA ALA C 297 -24.84 -19.62 0.80
C ALA C 297 -24.73 -20.92 0.00
N SER C 298 -24.66 -22.07 0.68
CA SER C 298 -24.58 -23.34 -0.02
C SER C 298 -25.76 -23.55 -0.96
N LYS C 299 -26.97 -23.11 -0.56
CA LYS C 299 -28.12 -23.28 -1.44
C LYS C 299 -28.16 -22.23 -2.55
N LEU C 300 -27.78 -20.98 -2.27
CA LEU C 300 -27.77 -19.96 -3.33
C LEU C 300 -26.65 -20.20 -4.34
N TYR C 301 -25.52 -20.75 -3.91
CA TYR C 301 -24.36 -21.00 -4.76
C TYR C 301 -24.00 -22.48 -4.65
N PRO C 302 -24.85 -23.37 -5.19
CA PRO C 302 -24.56 -24.82 -5.15
C PRO C 302 -23.38 -25.22 -6.02
N ASP C 303 -22.93 -24.37 -6.94
CA ASP C 303 -21.75 -24.67 -7.73
C ASP C 303 -20.46 -24.64 -6.93
N VAL C 304 -20.47 -24.10 -5.71
CA VAL C 304 -19.27 -23.99 -4.88
C VAL C 304 -19.09 -25.35 -4.19
N LYS C 305 -18.21 -26.19 -4.74
CA LYS C 305 -17.89 -27.43 -4.07
C LYS C 305 -17.05 -27.09 -2.85
N TYR C 306 -17.73 -26.95 -1.71
CA TYR C 306 -17.08 -26.53 -0.49
C TYR C 306 -16.31 -27.69 0.11
N THR C 307 -15.30 -27.36 0.91
CA THR C 307 -14.42 -28.38 1.49
C THR C 307 -15.09 -29.02 2.69
N ARG C 308 -15.41 -30.31 2.58
CA ARG C 308 -15.86 -31.07 3.75
C ARG C 308 -14.69 -31.23 4.72
N MET C 309 -15.01 -31.52 5.98
CA MET C 309 -13.97 -31.51 7.00
C MET C 309 -13.05 -32.73 6.94
N ASP C 310 -13.48 -33.82 6.31
CA ASP C 310 -12.62 -35.00 6.24
C ASP C 310 -11.49 -34.79 5.23
N GLU C 311 -11.75 -33.99 4.18
CA GLU C 311 -10.65 -33.53 3.34
C GLU C 311 -9.86 -32.40 3.99
N TYR C 312 -10.53 -31.43 4.64
CA TYR C 312 -9.80 -30.31 5.20
C TYR C 312 -8.69 -30.78 6.13
N LEU C 313 -8.99 -31.79 6.96
CA LEU C 313 -8.03 -32.25 7.96
C LEU C 313 -6.91 -33.09 7.39
N LYS C 314 -7.06 -33.63 6.16
CA LYS C 314 -6.09 -34.60 5.65
C LYS C 314 -4.69 -34.01 5.55
N ILE C 315 -4.57 -32.72 5.23
CA ILE C 315 -3.27 -32.06 5.15
C ILE C 315 -2.48 -32.16 6.44
N PHE C 316 -3.11 -32.55 7.56
CA PHE C 316 -2.41 -32.57 8.84
C PHE C 316 -1.86 -33.95 9.20
N LEU C 317 -2.35 -35.01 8.55
CA LEU C 317 -1.96 -36.39 8.84
C LEU C 317 -0.45 -36.59 8.79
N LYS D 9 17.89 -38.69 -6.18
CA LYS D 9 17.02 -37.66 -5.59
C LYS D 9 17.51 -37.20 -4.23
N THR D 10 17.93 -35.93 -4.18
CA THR D 10 18.56 -35.35 -3.00
C THR D 10 17.51 -34.92 -1.97
N ARG D 11 17.70 -35.33 -0.72
CA ARG D 11 17.00 -34.72 0.41
C ARG D 11 17.66 -33.40 0.79
N VAL D 12 16.84 -32.41 1.16
CA VAL D 12 17.31 -31.08 1.54
C VAL D 12 16.47 -30.58 2.72
N LEU D 13 17.11 -30.36 3.86
CA LEU D 13 16.47 -29.70 4.99
C LEU D 13 16.71 -28.18 4.93
N VAL D 14 15.65 -27.39 4.84
CA VAL D 14 15.74 -25.94 4.71
C VAL D 14 15.39 -25.32 6.07
N VAL D 15 16.40 -24.88 6.82
CA VAL D 15 16.16 -24.22 8.11
C VAL D 15 15.89 -22.73 7.87
N GLY D 16 14.86 -22.19 8.53
CA GLY D 16 14.36 -20.88 8.17
C GLY D 16 13.39 -20.89 7.01
N GLY D 17 12.73 -22.02 6.75
CA GLY D 17 11.85 -22.15 5.60
C GLY D 17 10.68 -21.18 5.59
N THR D 18 10.38 -20.49 6.70
CA THR D 18 9.29 -19.54 6.71
C THR D 18 9.72 -18.08 6.51
N GLY D 19 11.02 -17.77 6.51
CA GLY D 19 11.51 -16.45 6.19
C GLY D 19 11.27 -16.05 4.73
N THR D 20 11.64 -14.82 4.39
CA THR D 20 11.39 -14.39 3.02
C THR D 20 12.37 -15.05 2.04
N MET D 21 13.60 -15.31 2.49
CA MET D 21 14.50 -16.08 1.65
C MET D 21 14.23 -17.58 1.77
N GLY D 22 14.07 -18.09 3.00
CA GLY D 22 13.80 -19.50 3.20
C GLY D 22 12.65 -20.04 2.35
N ARG D 23 11.54 -19.30 2.30
CA ARG D 23 10.38 -19.79 1.56
C ARG D 23 10.62 -19.85 0.06
N ARG D 24 11.52 -19.02 -0.48
CA ARG D 24 11.84 -19.13 -1.90
C ARG D 24 12.72 -20.33 -2.16
N ILE D 25 13.57 -20.68 -1.18
CA ILE D 25 14.46 -21.82 -1.28
C ILE D 25 13.68 -23.13 -1.22
N VAL D 26 12.76 -23.25 -0.23
CA VAL D 26 11.86 -24.40 -0.15
C VAL D 26 11.12 -24.62 -1.46
N ARG D 27 10.68 -23.56 -2.12
CA ARG D 27 9.96 -23.76 -3.37
C ARG D 27 10.90 -24.00 -4.52
N ALA D 28 12.14 -23.51 -4.44
CA ALA D 28 13.11 -23.78 -5.50
C ALA D 28 13.60 -25.23 -5.45
N CYS D 29 13.98 -25.71 -4.27
CA CYS D 29 14.23 -27.13 -4.07
C CYS D 29 13.08 -27.99 -4.60
N LEU D 30 11.85 -27.75 -4.13
CA LEU D 30 10.72 -28.59 -4.56
C LEU D 30 10.59 -28.58 -6.10
N ALA D 31 10.77 -27.42 -6.74
CA ALA D 31 10.65 -27.37 -8.20
C ALA D 31 11.80 -28.11 -8.90
N GLU D 32 12.99 -28.13 -8.29
CA GLU D 32 14.14 -28.83 -8.85
C GLU D 32 14.01 -30.36 -8.73
N GLY D 33 13.12 -30.85 -7.88
CA GLY D 33 12.95 -32.27 -7.69
C GLY D 33 13.56 -32.80 -6.43
N HIS D 34 14.24 -31.96 -5.65
CA HIS D 34 14.72 -32.45 -4.37
C HIS D 34 13.54 -32.86 -3.49
N GLU D 35 13.81 -33.79 -2.59
CA GLU D 35 12.84 -34.18 -1.59
C GLU D 35 13.06 -33.22 -0.44
N THR D 36 12.20 -32.19 -0.35
CA THR D 36 12.45 -31.03 0.48
C THR D 36 11.81 -31.18 1.86
N TYR D 37 12.60 -30.92 2.89
CA TYR D 37 12.15 -30.94 4.28
C TYR D 37 12.19 -29.54 4.88
N VAL D 38 11.27 -29.26 5.80
CA VAL D 38 11.17 -27.96 6.44
C VAL D 38 10.97 -28.21 7.92
N LEU D 39 11.64 -27.43 8.77
CA LEU D 39 11.46 -27.53 10.20
C LEU D 39 10.13 -26.91 10.60
N GLN D 40 9.47 -27.49 11.61
CA GLN D 40 8.32 -26.83 12.22
C GLN D 40 8.51 -26.86 13.72
N GLN D 41 8.94 -25.72 14.27
CA GLN D 41 9.26 -25.62 15.69
C GLN D 41 7.98 -25.46 16.50
N PRO D 42 7.99 -25.93 17.76
CA PRO D 42 6.78 -25.83 18.59
C PRO D 42 6.24 -24.40 18.71
N GLU D 43 7.10 -23.40 18.48
CA GLU D 43 6.64 -22.01 18.50
C GLU D 43 5.57 -21.76 17.44
N THR D 44 5.69 -22.38 16.27
CA THR D 44 4.81 -22.06 15.15
C THR D 44 3.37 -22.52 15.32
N ARG D 45 2.99 -23.25 16.37
CA ARG D 45 1.64 -23.83 16.38
C ARG D 45 0.56 -22.82 16.70
N VAL D 46 0.92 -21.63 17.19
CA VAL D 46 -0.03 -20.56 17.44
C VAL D 46 0.06 -19.45 16.41
N ASP D 47 1.02 -19.54 15.48
CA ASP D 47 1.29 -18.52 14.48
C ASP D 47 0.57 -18.89 13.19
N ILE D 48 -0.51 -18.18 12.89
CA ILE D 48 -1.32 -18.56 11.74
C ILE D 48 -0.55 -18.40 10.44
N GLU D 49 0.35 -17.43 10.33
CA GLU D 49 1.00 -17.26 9.03
C GLU D 49 2.05 -18.34 8.79
N LYS D 50 2.77 -18.72 9.84
CA LYS D 50 3.73 -19.82 9.71
C LYS D 50 3.02 -21.14 9.42
N VAL D 51 1.89 -21.41 10.11
CA VAL D 51 1.12 -22.62 9.84
C VAL D 51 0.64 -22.66 8.39
N GLN D 52 0.00 -21.59 7.90
CA GLN D 52 -0.47 -21.62 6.50
C GLN D 52 0.68 -21.91 5.54
N LEU D 53 1.85 -21.34 5.83
CA LEU D 53 2.98 -21.48 4.92
C LEU D 53 3.55 -22.90 4.95
N LEU D 54 3.78 -23.44 6.17
CA LEU D 54 4.35 -24.78 6.34
C LEU D 54 3.47 -25.84 5.68
N TYR D 55 2.16 -25.84 5.98
CA TYR D 55 1.27 -26.79 5.32
C TYR D 55 0.99 -26.43 3.87
N SER D 56 1.35 -25.23 3.41
CA SER D 56 1.33 -25.04 1.96
C SER D 56 2.53 -25.72 1.30
N TYR D 57 3.64 -25.92 2.04
CA TYR D 57 4.73 -26.76 1.55
C TYR D 57 4.31 -28.24 1.47
N LYS D 58 3.68 -28.77 2.53
CA LYS D 58 3.17 -30.13 2.45
C LYS D 58 2.30 -30.35 1.22
N ARG D 59 1.42 -29.39 0.92
CA ARG D 59 0.57 -29.56 -0.25
C ARG D 59 1.38 -29.64 -1.55
N LEU D 60 2.61 -29.10 -1.58
CA LEU D 60 3.46 -29.19 -2.77
C LEU D 60 4.48 -30.34 -2.71
N GLY D 61 4.45 -31.17 -1.67
CA GLY D 61 5.30 -32.33 -1.61
C GLY D 61 6.33 -32.31 -0.50
N ALA D 62 6.59 -31.16 0.10
CA ALA D 62 7.55 -31.08 1.18
C ALA D 62 7.03 -31.83 2.39
N ARG D 63 7.95 -32.11 3.28
CA ARG D 63 7.63 -32.83 4.50
C ARG D 63 8.15 -32.01 5.64
N LEU D 64 7.42 -32.02 6.75
CA LEU D 64 7.73 -31.19 7.91
C LEU D 64 8.30 -32.07 9.02
N ILE D 65 9.38 -31.61 9.65
CA ILE D 65 9.98 -32.30 10.79
C ILE D 65 9.79 -31.42 12.00
N GLU D 66 9.06 -31.91 12.99
CA GLU D 66 8.93 -31.20 14.26
C GLU D 66 10.25 -31.26 15.03
N ALA D 67 10.73 -30.10 15.49
CA ALA D 67 12.00 -30.00 16.22
C ALA D 67 12.12 -28.59 16.79
N SER D 68 12.97 -28.44 17.80
CA SER D 68 13.21 -27.16 18.45
C SER D 68 14.70 -26.89 18.45
N PHE D 69 15.09 -25.62 18.59
CA PHE D 69 16.50 -25.28 18.65
C PHE D 69 17.09 -25.42 20.05
N SER D 70 16.25 -25.39 21.09
CA SER D 70 16.72 -25.57 22.46
C SER D 70 16.66 -27.03 22.91
N ASP D 71 16.41 -27.96 21.97
CA ASP D 71 16.39 -29.39 22.22
C ASP D 71 17.32 -30.01 21.17
N HIS D 72 18.55 -30.31 21.56
CA HIS D 72 19.56 -30.67 20.57
C HIS D 72 19.26 -32.03 19.93
N GLN D 73 18.53 -32.91 20.62
CA GLN D 73 18.32 -34.25 20.06
C GLN D 73 17.41 -34.23 18.83
N SER D 74 16.40 -33.36 18.80
CA SER D 74 15.56 -33.28 17.60
C SER D 74 16.29 -32.63 16.44
N LEU D 75 17.23 -31.72 16.75
CA LEU D 75 18.15 -31.21 15.74
C LEU D 75 18.93 -32.33 15.08
N VAL D 76 19.58 -33.19 15.88
CA VAL D 76 20.32 -34.33 15.33
C VAL D 76 19.36 -35.25 14.59
N SER D 77 18.23 -35.55 15.21
CA SER D 77 17.24 -36.43 14.61
C SER D 77 16.76 -35.86 13.27
N ALA D 78 16.61 -34.54 13.19
CA ALA D 78 16.10 -33.93 11.97
C ALA D 78 17.15 -33.88 10.87
N VAL D 79 18.43 -33.66 11.22
CA VAL D 79 19.45 -33.67 10.17
C VAL D 79 19.75 -35.11 9.70
N LYS D 80 19.56 -36.12 10.57
CA LYS D 80 19.74 -37.51 10.16
C LYS D 80 18.74 -37.93 9.08
N GLN D 81 17.65 -37.19 8.93
CA GLN D 81 16.63 -37.50 7.92
C GLN D 81 16.97 -36.98 6.53
N VAL D 82 18.10 -36.27 6.35
CA VAL D 82 18.33 -35.51 5.12
C VAL D 82 19.78 -35.65 4.68
N ASP D 83 20.01 -35.50 3.37
CA ASP D 83 21.36 -35.40 2.82
C ASP D 83 21.98 -34.02 3.04
N ILE D 84 21.26 -32.93 2.76
CA ILE D 84 21.85 -31.60 2.62
C ILE D 84 21.06 -30.55 3.40
N VAL D 85 21.77 -29.69 4.14
CA VAL D 85 21.16 -28.67 5.00
C VAL D 85 21.42 -27.29 4.39
N VAL D 86 20.35 -26.56 4.08
CA VAL D 86 20.43 -25.15 3.66
C VAL D 86 19.78 -24.29 4.72
N ALA D 87 20.55 -23.40 5.33
CA ALA D 87 19.96 -22.44 6.25
C ALA D 87 19.74 -21.10 5.54
N ALA D 88 18.67 -20.41 5.94
CA ALA D 88 18.35 -19.07 5.40
C ALA D 88 17.63 -18.30 6.50
N MET D 89 18.26 -17.27 7.04
CA MET D 89 17.86 -16.73 8.33
C MET D 89 17.29 -15.31 8.24
N SER D 90 16.18 -15.11 8.96
CA SER D 90 15.75 -13.86 9.58
C SER D 90 14.44 -14.10 10.33
N GLY D 91 14.48 -13.97 11.65
CA GLY D 91 13.31 -14.17 12.50
C GLY D 91 13.48 -13.62 13.91
N SER D 98 21.15 -14.23 15.98
CA SER D 98 20.21 -15.13 15.32
C SER D 98 20.84 -15.82 14.10
N ILE D 99 21.88 -15.24 13.50
CA ILE D 99 22.71 -15.99 12.57
C ILE D 99 23.52 -17.03 13.35
N LEU D 100 23.81 -16.75 14.62
CA LEU D 100 24.57 -17.66 15.45
C LEU D 100 23.72 -18.79 16.03
N VAL D 101 22.48 -18.91 15.58
CA VAL D 101 21.72 -20.14 15.82
C VAL D 101 22.29 -21.26 14.96
N GLN D 102 22.90 -20.90 13.81
CA GLN D 102 23.52 -21.86 12.92
C GLN D 102 24.64 -22.66 13.57
N LEU D 103 25.26 -22.15 14.65
CA LEU D 103 26.26 -22.94 15.34
C LEU D 103 25.64 -24.20 15.95
N LYS D 104 24.47 -24.05 16.61
CA LYS D 104 23.83 -25.21 17.21
C LYS D 104 23.38 -26.21 16.16
N LEU D 105 23.13 -25.74 14.96
CA LEU D 105 22.89 -26.63 13.82
C LEU D 105 24.19 -27.31 13.37
N VAL D 106 25.32 -26.57 13.44
CA VAL D 106 26.61 -27.14 13.04
C VAL D 106 27.03 -28.25 14.00
N GLU D 107 26.66 -28.12 15.29
CA GLU D 107 26.91 -29.19 16.26
C GLU D 107 26.05 -30.42 16.01
N ALA D 108 24.83 -30.22 15.50
CA ALA D 108 23.98 -31.37 15.20
C ALA D 108 24.38 -32.04 13.90
N ILE D 109 24.74 -31.26 12.87
CA ILE D 109 25.27 -31.86 11.64
C ILE D 109 26.54 -32.66 11.94
N LYS D 110 27.33 -32.17 12.90
CA LYS D 110 28.51 -32.89 13.38
C LYS D 110 28.11 -34.22 14.03
N GLU D 111 27.17 -34.17 14.98
CA GLU D 111 26.80 -35.37 15.73
C GLU D 111 26.15 -36.41 14.84
N ALA D 112 25.43 -35.99 13.80
CA ALA D 112 24.76 -36.95 12.95
C ALA D 112 25.67 -37.49 11.85
N GLY D 113 26.65 -36.70 11.43
CA GLY D 113 27.68 -37.16 10.51
C GLY D 113 27.23 -37.58 9.12
N ASN D 114 25.95 -37.48 8.80
CA ASN D 114 25.44 -37.97 7.52
C ASN D 114 25.30 -36.88 6.46
N ILE D 115 25.62 -35.63 6.79
CA ILE D 115 25.30 -34.51 5.90
C ILE D 115 26.39 -34.37 4.85
N LYS D 116 26.01 -34.52 3.58
CA LYS D 116 26.93 -34.36 2.46
C LYS D 116 27.32 -32.90 2.21
N ARG D 117 26.44 -31.95 2.55
CA ARG D 117 26.72 -30.53 2.31
C ARG D 117 25.85 -29.66 3.19
N PHE D 118 26.44 -28.58 3.69
CA PHE D 118 25.77 -27.54 4.45
C PHE D 118 25.86 -26.26 3.64
N LEU D 119 24.73 -25.65 3.34
CA LEU D 119 24.75 -24.28 2.80
C LEU D 119 24.27 -23.31 3.88
N PRO D 120 25.16 -22.55 4.51
CA PRO D 120 24.72 -21.66 5.60
C PRO D 120 24.22 -20.33 5.04
N SER D 121 23.56 -19.56 5.92
CA SER D 121 22.81 -18.35 5.57
C SER D 121 23.75 -17.24 5.12
N GLU D 122 23.88 -17.04 3.80
CA GLU D 122 24.88 -16.09 3.35
C GLU D 122 24.54 -15.22 2.16
N PHE D 123 23.32 -15.24 1.63
CA PHE D 123 23.09 -14.99 0.20
C PHE D 123 23.44 -13.58 -0.24
N GLY D 124 23.66 -12.64 0.69
CA GLY D 124 24.16 -11.31 0.37
C GLY D 124 25.66 -11.27 0.23
N MET D 125 26.22 -10.05 0.33
CA MET D 125 27.63 -9.86 0.06
C MET D 125 28.51 -10.69 0.99
N ASP D 126 29.68 -11.09 0.46
CA ASP D 126 30.61 -12.09 0.98
C ASP D 126 31.40 -11.53 2.16
N PRO D 127 31.17 -12.03 3.39
CA PRO D 127 31.73 -11.37 4.58
C PRO D 127 33.26 -11.43 4.68
N SER D 128 33.95 -12.16 3.80
CA SER D 128 35.38 -11.95 3.65
C SER D 128 35.59 -10.53 3.12
N ARG D 129 35.36 -9.56 4.02
CA ARG D 129 34.84 -8.20 3.75
C ARG D 129 34.73 -7.83 2.27
N GLU D 139 27.76 -7.17 14.48
CA GLU D 139 27.89 -7.16 13.02
C GLU D 139 27.63 -8.54 12.41
N THR D 140 26.82 -8.59 11.34
CA THR D 140 26.46 -9.86 10.72
C THR D 140 27.61 -10.48 9.92
N PHE D 141 28.62 -9.68 9.51
CA PHE D 141 29.77 -10.26 8.82
C PHE D 141 30.60 -11.14 9.75
N ASP D 142 30.78 -10.70 11.00
CA ASP D 142 31.47 -11.53 11.99
C ASP D 142 30.68 -12.79 12.29
N GLN D 143 29.35 -12.69 12.31
CA GLN D 143 28.53 -13.85 12.65
C GLN D 143 28.56 -14.89 11.53
N LYS D 144 28.50 -14.44 10.28
CA LYS D 144 28.61 -15.38 9.15
C LYS D 144 29.99 -16.05 9.10
N LEU D 145 31.04 -15.35 9.51
CA LEU D 145 32.38 -15.92 9.47
C LEU D 145 32.59 -16.94 10.60
N GLU D 146 32.12 -16.60 11.81
CA GLU D 146 32.17 -17.54 12.92
C GLU D 146 31.39 -18.82 12.61
N VAL D 147 30.26 -18.71 11.91
CA VAL D 147 29.57 -19.88 11.41
C VAL D 147 30.41 -20.62 10.37
N ARG D 148 31.14 -19.89 9.52
CA ARG D 148 32.01 -20.54 8.54
C ARG D 148 33.10 -21.35 9.24
N ASN D 149 33.65 -20.82 10.33
CA ASN D 149 34.72 -21.50 11.05
C ASN D 149 34.21 -22.73 11.78
N ALA D 150 33.02 -22.65 12.36
CA ALA D 150 32.44 -23.85 12.96
C ALA D 150 32.27 -24.94 11.89
N ILE D 151 31.72 -24.56 10.72
CA ILE D 151 31.57 -25.49 9.61
C ILE D 151 32.90 -26.13 9.27
N GLU D 152 33.93 -25.30 9.10
CA GLU D 152 35.20 -25.80 8.60
C GLU D 152 35.94 -26.59 9.68
N ALA D 153 35.87 -26.13 10.94
CA ALA D 153 36.48 -26.89 12.03
C ALA D 153 35.87 -28.29 12.12
N ALA D 154 34.55 -28.39 12.04
CA ALA D 154 33.88 -29.66 12.29
C ALA D 154 33.82 -30.57 11.07
N GLY D 155 34.41 -30.18 9.94
CA GLY D 155 34.57 -31.06 8.81
C GLY D 155 33.51 -31.01 7.73
N ILE D 156 32.39 -30.30 7.94
CA ILE D 156 31.22 -30.43 7.08
C ILE D 156 31.46 -29.85 5.70
N PRO D 157 31.36 -30.63 4.63
CA PRO D 157 31.46 -30.06 3.29
C PRO D 157 30.38 -28.98 3.09
N HIS D 158 30.74 -27.92 2.37
CA HIS D 158 29.95 -26.69 2.40
C HIS D 158 29.87 -26.08 1.00
N THR D 159 28.88 -25.22 0.80
CA THR D 159 28.91 -24.28 -0.31
C THR D 159 28.40 -22.92 0.18
N TYR D 160 29.16 -21.86 -0.11
CA TYR D 160 28.81 -20.49 0.26
C TYR D 160 28.29 -19.80 -0.99
N VAL D 161 27.00 -19.48 -0.99
CA VAL D 161 26.34 -18.75 -2.07
C VAL D 161 26.28 -17.27 -1.67
N VAL D 162 26.99 -16.42 -2.43
CA VAL D 162 27.25 -15.02 -2.06
C VAL D 162 27.11 -14.13 -3.29
N GLY D 163 27.25 -12.82 -3.06
CA GLY D 163 27.55 -11.87 -4.11
C GLY D 163 26.40 -11.11 -4.75
N ALA D 164 25.30 -10.87 -4.03
CA ALA D 164 24.11 -10.31 -4.67
C ALA D 164 23.46 -9.24 -3.81
N CYS D 165 22.93 -8.21 -4.47
CA CYS D 165 21.93 -7.30 -3.91
C CYS D 165 20.53 -7.83 -4.20
N PHE D 166 19.76 -8.12 -3.15
CA PHE D 166 18.40 -8.63 -3.34
C PHE D 166 17.52 -7.59 -4.04
N ALA D 167 16.88 -7.97 -5.14
CA ALA D 167 16.18 -6.97 -5.93
C ALA D 167 15.02 -6.33 -5.17
N ALA D 168 14.37 -7.05 -4.24
CA ALA D 168 13.27 -6.46 -3.48
C ALA D 168 13.70 -5.32 -2.56
N TYR D 169 14.97 -5.29 -2.14
CA TYR D 169 15.44 -4.24 -1.24
C TYR D 169 16.26 -3.16 -1.96
N PHE D 170 16.71 -3.40 -3.19
CA PHE D 170 17.59 -2.48 -3.87
C PHE D 170 17.23 -2.16 -5.30
N ALA D 171 16.38 -2.95 -5.98
CA ALA D 171 15.99 -2.70 -7.36
C ALA D 171 14.57 -2.17 -7.49
N GLY D 172 13.61 -2.83 -6.85
CA GLY D 172 12.24 -2.36 -6.97
C GLY D 172 12.05 -0.93 -6.51
N ASN D 173 12.86 -0.48 -5.55
CA ASN D 173 12.80 0.90 -5.07
C ASN D 173 13.80 1.82 -5.76
N LEU D 174 14.41 1.40 -6.86
CA LEU D 174 15.50 2.15 -7.53
C LEU D 174 16.59 2.59 -6.55
N SER D 175 16.82 1.78 -5.51
CA SER D 175 17.85 1.97 -4.48
C SER D 175 17.55 3.12 -3.54
N GLN D 176 16.29 3.55 -3.48
CA GLN D 176 15.89 4.54 -2.47
C GLN D 176 15.73 3.87 -1.11
N MET D 177 16.08 4.59 -0.07
CA MET D 177 15.83 4.12 1.28
C MET D 177 14.45 4.54 1.75
N GLY D 178 13.89 3.76 2.65
CA GLY D 178 12.62 4.09 3.25
C GLY D 178 11.42 3.61 2.50
N THR D 179 11.63 2.99 1.33
CA THR D 179 10.53 2.52 0.49
C THR D 179 10.96 1.25 -0.25
N LEU D 180 9.97 0.54 -0.77
CA LEU D 180 10.23 -0.63 -1.57
C LEU D 180 9.70 -0.53 -2.99
N ILE D 181 8.92 0.52 -3.29
CA ILE D 181 8.39 0.67 -4.65
C ILE D 181 9.06 1.89 -5.27
N PRO D 182 9.08 2.01 -6.60
CA PRO D 182 9.88 3.07 -7.21
C PRO D 182 9.31 4.44 -6.84
N PRO D 183 10.14 5.47 -6.81
CA PRO D 183 9.63 6.81 -6.57
C PRO D 183 8.90 7.34 -7.81
N LYS D 184 7.93 8.23 -7.55
CA LYS D 184 7.08 8.72 -8.64
C LYS D 184 7.64 9.93 -9.38
N LYS D 185 8.43 10.82 -8.76
CA LYS D 185 9.07 11.85 -9.61
C LYS D 185 10.48 12.28 -9.20
N LYS D 186 10.90 12.13 -7.94
CA LYS D 186 12.27 12.46 -7.52
C LYS D 186 13.01 11.18 -7.15
N VAL D 187 14.25 11.06 -7.63
CA VAL D 187 15.12 9.94 -7.25
C VAL D 187 16.44 10.49 -6.72
N ASN D 188 16.97 9.86 -5.67
CA ASN D 188 18.30 10.17 -5.13
C ASN D 188 19.35 9.30 -5.80
N ILE D 189 20.42 9.92 -6.28
CA ILE D 189 21.52 9.20 -6.93
C ILE D 189 22.73 9.24 -6.00
N TYR D 190 23.23 8.07 -5.62
CA TYR D 190 24.35 8.00 -4.69
C TYR D 190 25.64 8.27 -5.44
N GLY D 191 26.30 9.37 -5.10
CA GLY D 191 27.50 9.77 -5.81
C GLY D 191 27.13 10.22 -7.20
N ASP D 192 27.88 9.74 -8.17
CA ASP D 192 27.51 9.92 -9.57
C ASP D 192 26.65 8.80 -10.08
N GLY D 193 26.26 7.87 -9.19
CA GLY D 193 25.52 6.69 -9.58
C GLY D 193 26.21 5.82 -10.58
N ASN D 194 27.54 5.87 -10.67
CA ASN D 194 28.29 5.10 -11.66
C ASN D 194 29.12 4.00 -11.01
N VAL D 195 28.69 3.53 -9.84
CA VAL D 195 29.32 2.45 -9.11
C VAL D 195 28.55 1.15 -9.37
N LYS D 196 29.20 0.16 -9.97
CA LYS D 196 28.53 -1.08 -10.36
C LYS D 196 28.05 -1.86 -9.12
N VAL D 197 26.86 -2.42 -9.25
CA VAL D 197 26.11 -3.12 -8.20
C VAL D 197 25.57 -4.38 -8.90
N VAL D 198 25.29 -5.43 -8.13
CA VAL D 198 24.75 -6.66 -8.71
C VAL D 198 23.31 -6.79 -8.21
N TYR D 199 22.35 -6.80 -9.13
CA TYR D 199 20.94 -6.75 -8.78
C TYR D 199 20.30 -8.08 -9.17
N VAL D 200 19.92 -8.89 -8.18
CA VAL D 200 19.45 -10.24 -8.46
C VAL D 200 18.09 -10.42 -7.84
N ASP D 201 17.10 -10.80 -8.66
CA ASP D 201 15.84 -11.39 -8.19
C ASP D 201 16.13 -12.47 -7.15
N GLU D 202 15.44 -12.40 -6.00
CA GLU D 202 15.73 -13.39 -4.97
C GLU D 202 15.31 -14.79 -5.36
N ASP D 203 14.38 -14.92 -6.31
CA ASP D 203 13.98 -16.23 -6.80
C ASP D 203 15.10 -16.93 -7.56
N ASP D 204 15.94 -16.17 -8.27
CA ASP D 204 17.10 -16.76 -8.93
C ASP D 204 18.18 -17.14 -7.91
N ILE D 205 18.36 -16.37 -6.85
CA ILE D 205 19.25 -16.82 -5.78
C ILE D 205 18.80 -18.17 -5.26
N ALA D 206 17.49 -18.35 -5.05
CA ALA D 206 16.99 -19.62 -4.54
C ALA D 206 17.18 -20.73 -5.58
N GLU D 207 16.85 -20.44 -6.84
CA GLU D 207 16.98 -21.46 -7.89
C GLU D 207 18.44 -21.87 -8.10
N TYR D 208 19.36 -20.90 -8.24
CA TYR D 208 20.79 -21.25 -8.27
C TYR D 208 21.19 -22.04 -7.03
N THR D 209 20.61 -21.71 -5.87
CA THR D 209 20.93 -22.42 -4.64
C THR D 209 20.45 -23.87 -4.70
N ALA D 210 19.35 -24.12 -5.42
CA ALA D 210 18.80 -25.47 -5.55
C ALA D 210 19.58 -26.31 -6.56
N LYS D 211 20.15 -25.66 -7.59
CA LYS D 211 20.99 -26.35 -8.56
C LYS D 211 22.42 -26.56 -8.06
N THR D 212 22.91 -25.71 -7.14
CA THR D 212 24.28 -25.84 -6.69
C THR D 212 24.46 -26.79 -5.52
N LEU D 213 23.41 -27.09 -4.74
CA LEU D 213 23.64 -27.67 -3.43
C LEU D 213 24.15 -29.10 -3.51
N ASP D 214 23.91 -29.79 -4.64
CA ASP D 214 24.38 -31.15 -4.89
C ASP D 214 25.23 -31.25 -6.16
N ASP D 215 25.60 -30.14 -6.78
CA ASP D 215 26.50 -30.12 -7.94
C ASP D 215 27.90 -30.53 -7.51
N PRO D 216 28.53 -31.49 -8.20
CA PRO D 216 29.90 -31.90 -7.81
C PRO D 216 30.94 -30.78 -7.93
N ARG D 217 30.74 -29.79 -8.79
CA ARG D 217 31.77 -28.77 -9.01
C ARG D 217 31.86 -27.72 -7.91
N THR D 218 30.80 -27.54 -7.11
CA THR D 218 30.77 -26.46 -6.12
C THR D 218 30.87 -26.99 -4.69
N ILE D 219 31.30 -28.24 -4.53
CA ILE D 219 31.55 -28.77 -3.19
C ILE D 219 32.75 -28.05 -2.62
N ASN D 220 32.59 -27.54 -1.39
CA ASN D 220 33.64 -26.77 -0.70
C ASN D 220 34.16 -25.60 -1.55
N LYS D 221 33.30 -24.98 -2.33
CA LYS D 221 33.68 -23.76 -3.01
C LYS D 221 32.77 -22.61 -2.58
N THR D 222 33.04 -21.43 -3.12
CA THR D 222 32.20 -20.26 -2.97
C THR D 222 31.61 -19.91 -4.33
N VAL D 223 30.28 -19.78 -4.40
CA VAL D 223 29.58 -19.54 -5.67
C VAL D 223 29.03 -18.11 -5.68
N TYR D 224 29.34 -17.36 -6.74
CA TYR D 224 28.99 -15.95 -6.88
C TYR D 224 27.74 -15.82 -7.75
N VAL D 225 26.69 -15.27 -7.16
CA VAL D 225 25.50 -14.91 -7.92
C VAL D 225 25.77 -13.55 -8.55
N ARG D 226 26.17 -13.54 -9.82
CA ARG D 226 26.47 -12.30 -10.53
C ARG D 226 26.05 -12.45 -11.99
N PRO D 227 24.75 -12.49 -12.26
CA PRO D 227 24.30 -12.59 -13.65
C PRO D 227 24.79 -11.37 -14.40
N THR D 228 25.53 -11.62 -15.48
CA THR D 228 26.28 -10.55 -16.16
C THR D 228 25.38 -9.39 -16.57
N GLU D 229 24.20 -9.69 -17.13
CA GLU D 229 23.35 -8.58 -17.56
C GLU D 229 22.79 -7.76 -16.40
N ASN D 230 22.86 -8.24 -15.16
CA ASN D 230 22.35 -7.51 -14.01
C ASN D 230 23.43 -6.79 -13.22
N VAL D 231 24.65 -6.73 -13.73
CA VAL D 231 25.68 -5.91 -13.13
C VAL D 231 25.45 -4.50 -13.67
N LEU D 232 24.90 -3.61 -12.84
CA LEU D 232 24.41 -2.31 -13.28
C LEU D 232 24.82 -1.25 -12.28
N THR D 233 25.06 -0.04 -12.77
CA THR D 233 25.17 1.07 -11.83
C THR D 233 23.78 1.56 -11.45
N GLN D 234 23.70 2.37 -10.39
CA GLN D 234 22.38 2.84 -9.97
C GLN D 234 21.73 3.70 -11.05
N MET D 235 22.55 4.43 -11.81
CA MET D 235 22.03 5.24 -12.91
C MET D 235 21.61 4.38 -14.10
N GLU D 236 22.32 3.28 -14.38
CA GLU D 236 21.79 2.34 -15.38
C GLU D 236 20.47 1.72 -14.91
N LEU D 237 20.29 1.53 -13.60
CA LEU D 237 19.04 0.97 -13.13
C LEU D 237 17.93 1.99 -13.26
N VAL D 238 18.19 3.24 -12.80
CA VAL D 238 17.25 4.35 -12.96
C VAL D 238 16.86 4.53 -14.43
N GLN D 239 17.80 4.30 -15.34
CA GLN D 239 17.50 4.47 -16.75
C GLN D 239 16.70 3.31 -17.32
N ILE D 240 16.84 2.11 -16.76
CA ILE D 240 15.94 1.03 -17.17
C ILE D 240 14.50 1.43 -16.84
N TRP D 241 14.28 1.97 -15.64
CA TRP D 241 12.97 2.50 -15.25
C TRP D 241 12.51 3.62 -16.18
N GLU D 242 13.39 4.59 -16.47
CA GLU D 242 13.00 5.71 -17.33
C GLU D 242 12.62 5.23 -18.72
N LYS D 243 13.22 4.15 -19.19
CA LYS D 243 12.81 3.62 -20.48
C LYS D 243 11.45 2.94 -20.40
N LEU D 244 11.15 2.28 -19.29
CA LEU D 244 9.86 1.63 -19.14
C LEU D 244 8.74 2.65 -19.02
N THR D 245 8.88 3.63 -18.12
CA THR D 245 7.82 4.61 -17.88
C THR D 245 7.75 5.68 -18.98
N GLY D 246 8.85 5.93 -19.68
CA GLY D 246 8.94 7.02 -20.62
C GLY D 246 9.00 8.40 -20.00
N LYS D 247 9.09 8.51 -18.67
CA LYS D 247 9.29 9.76 -17.96
C LYS D 247 10.74 9.87 -17.47
N GLU D 248 11.22 11.11 -17.35
CA GLU D 248 12.50 11.38 -16.69
C GLU D 248 12.22 11.72 -15.23
N LEU D 249 12.97 11.10 -14.32
CA LEU D 249 12.88 11.42 -12.91
C LEU D 249 13.77 12.60 -12.56
N GLU D 250 13.36 13.36 -11.55
CA GLU D 250 14.20 14.44 -11.03
C GLU D 250 15.33 13.84 -10.20
N LYS D 251 16.58 14.04 -10.63
CA LYS D 251 17.74 13.41 -10.01
C LYS D 251 18.47 14.39 -9.09
N THR D 252 18.50 14.08 -7.79
CA THR D 252 19.35 14.76 -6.81
C THR D 252 20.59 13.91 -6.54
N ASN D 253 21.78 14.44 -6.85
CA ASN D 253 23.04 13.73 -6.61
C ASN D 253 23.51 13.94 -5.17
N ILE D 254 23.71 12.83 -4.44
CA ILE D 254 24.04 12.83 -3.01
C ILE D 254 25.45 12.30 -2.82
N SER D 255 26.35 13.15 -2.34
CA SER D 255 27.75 12.76 -2.20
C SER D 255 27.94 11.83 -0.98
N ALA D 256 29.14 11.24 -0.91
CA ALA D 256 29.48 10.35 0.19
C ALA D 256 29.27 11.01 1.55
N ASN D 257 29.60 12.29 1.66
CA ASN D 257 29.56 12.94 2.97
C ASN D 257 28.15 13.31 3.36
N ASP D 258 27.27 13.60 2.38
CA ASP D 258 25.87 13.87 2.73
C ASP D 258 25.16 12.59 3.18
N PHE D 259 25.58 11.45 2.66
CA PHE D 259 25.27 10.17 3.28
C PHE D 259 25.89 10.11 4.69
N LEU D 260 25.17 10.60 5.70
CA LEU D 260 25.64 10.57 7.08
C LEU D 260 24.64 9.93 8.03
N ALA D 261 23.40 9.67 7.58
CA ALA D 261 22.47 8.78 8.25
C ALA D 261 22.21 9.20 9.69
N LEU D 274 23.05 -0.91 7.49
CA LEU D 274 22.84 -0.22 6.22
C LEU D 274 23.14 1.31 6.26
N GLY D 275 24.40 1.71 6.39
CA GLY D 275 25.53 0.83 6.64
C GLY D 275 26.16 0.19 5.42
N HIS D 276 25.52 -0.89 4.94
CA HIS D 276 25.94 -1.55 3.71
C HIS D 276 25.61 -0.74 2.46
N PHE D 277 24.67 0.20 2.55
CA PHE D 277 24.41 1.09 1.41
C PHE D 277 25.67 1.84 1.01
N TYR D 278 26.42 2.34 1.99
CA TYR D 278 27.65 3.05 1.70
C TYR D 278 28.68 2.12 1.05
N HIS D 279 28.81 0.88 1.55
CA HIS D 279 29.75 -0.06 0.94
C HIS D 279 29.32 -0.41 -0.48
N ILE D 280 28.03 -0.71 -0.68
CA ILE D 280 27.54 -1.11 -1.98
C ILE D 280 27.66 0.02 -3.00
N PHE D 281 27.28 1.25 -2.63
CA PHE D 281 27.04 2.31 -3.60
C PHE D 281 28.14 3.35 -3.70
N TYR D 282 28.90 3.58 -2.63
CA TYR D 282 30.05 4.47 -2.71
C TYR D 282 31.39 3.74 -2.80
N GLU D 283 31.52 2.51 -2.28
CA GLU D 283 32.78 1.77 -2.38
C GLU D 283 32.76 0.62 -3.37
N GLY D 284 31.61 0.29 -3.96
CA GLY D 284 31.61 -0.67 -5.05
C GLY D 284 31.97 -2.09 -4.67
N CYS D 285 31.90 -2.41 -3.38
CA CYS D 285 32.13 -3.74 -2.82
C CYS D 285 31.70 -4.90 -3.71
N LEU D 286 30.52 -4.78 -4.31
CA LEU D 286 29.90 -5.93 -4.98
C LEU D 286 30.58 -6.32 -6.29
N THR D 287 31.46 -5.49 -6.85
CA THR D 287 32.19 -5.94 -8.04
C THR D 287 33.66 -5.47 -8.03
N ASP D 288 34.28 -5.33 -6.85
CA ASP D 288 35.72 -5.02 -6.86
C ASP D 288 36.52 -6.19 -7.44
N HIS D 289 36.10 -7.42 -7.12
CA HIS D 289 36.71 -8.66 -7.58
C HIS D 289 35.92 -9.17 -8.81
N GLU D 290 36.64 -9.48 -9.89
CA GLU D 290 36.04 -10.13 -11.05
C GLU D 290 36.13 -11.64 -10.89
N VAL D 291 35.03 -12.32 -11.18
CA VAL D 291 34.88 -13.73 -10.84
C VAL D 291 35.05 -14.58 -12.09
N GLY D 292 35.50 -15.81 -11.89
CA GLY D 292 35.70 -16.72 -12.99
C GLY D 292 34.44 -17.51 -13.32
N ASP D 293 34.34 -17.91 -14.59
CA ASP D 293 33.19 -18.68 -15.08
C ASP D 293 33.07 -20.05 -14.41
N ASP D 294 34.06 -20.46 -13.62
CA ASP D 294 34.01 -21.67 -12.82
C ASP D 294 33.37 -21.45 -11.46
N GLU D 295 33.18 -20.19 -11.05
CA GLU D 295 32.69 -19.82 -9.72
C GLU D 295 31.41 -18.98 -9.74
N GLU D 296 30.70 -18.89 -10.87
CA GLU D 296 29.61 -17.91 -11.05
C GLU D 296 28.36 -18.61 -11.57
N ALA D 297 27.26 -18.50 -10.81
CA ALA D 297 26.10 -19.36 -11.00
C ALA D 297 25.50 -19.24 -12.40
N SER D 298 25.50 -18.05 -12.98
CA SER D 298 24.87 -17.93 -14.30
C SER D 298 25.73 -18.51 -15.41
N LYS D 299 26.98 -18.87 -15.11
CA LYS D 299 27.83 -19.62 -16.04
C LYS D 299 27.82 -21.11 -15.72
N LEU D 300 27.83 -21.46 -14.43
CA LEU D 300 27.61 -22.84 -14.02
C LEU D 300 26.26 -23.37 -14.49
N TYR D 301 25.22 -22.54 -14.45
CA TYR D 301 23.86 -22.96 -14.79
C TYR D 301 23.27 -21.94 -15.74
N PRO D 302 23.58 -22.05 -17.03
CA PRO D 302 23.03 -21.11 -18.02
C PRO D 302 21.61 -21.45 -18.47
N ASP D 303 21.04 -22.56 -18.01
CA ASP D 303 19.63 -22.85 -18.28
C ASP D 303 18.70 -22.09 -17.32
N VAL D 304 19.23 -21.61 -16.20
CA VAL D 304 18.53 -20.63 -15.36
C VAL D 304 18.47 -19.33 -16.11
N LYS D 305 17.32 -19.03 -16.72
CA LYS D 305 17.12 -17.75 -17.41
C LYS D 305 16.68 -16.71 -16.39
N TYR D 306 17.68 -16.19 -15.69
CA TYR D 306 17.51 -15.26 -14.58
C TYR D 306 16.75 -14.01 -15.04
N THR D 307 16.08 -13.35 -14.09
CA THR D 307 15.26 -12.19 -14.39
C THR D 307 16.13 -10.96 -14.59
N ARG D 308 16.00 -10.31 -15.75
CA ARG D 308 16.65 -9.03 -15.96
C ARG D 308 15.87 -7.89 -15.30
N MET D 309 16.60 -6.86 -14.88
CA MET D 309 16.01 -5.72 -14.19
C MET D 309 15.02 -4.96 -15.06
N ASP D 310 15.13 -5.04 -16.39
CA ASP D 310 14.13 -4.41 -17.23
C ASP D 310 12.81 -5.17 -17.20
N GLU D 311 12.80 -6.39 -16.69
CA GLU D 311 11.56 -7.15 -16.53
C GLU D 311 11.15 -7.30 -15.07
N TYR D 312 12.10 -7.37 -14.14
CA TYR D 312 11.76 -7.32 -12.73
C TYR D 312 10.94 -6.06 -12.39
N LEU D 313 11.29 -4.92 -12.98
CA LEU D 313 10.64 -3.65 -12.64
C LEU D 313 9.29 -3.46 -13.33
N LYS D 314 8.88 -4.37 -14.21
CA LYS D 314 7.62 -4.18 -14.92
C LYS D 314 6.42 -4.27 -13.99
N ILE D 315 6.48 -5.12 -12.96
CA ILE D 315 5.35 -5.29 -12.05
C ILE D 315 4.94 -3.95 -11.43
N PHE D 316 5.81 -2.94 -11.43
CA PHE D 316 5.56 -1.70 -10.70
C PHE D 316 4.92 -0.60 -11.55
N LEU D 317 4.86 -0.74 -12.87
CA LEU D 317 4.25 0.30 -13.69
C LEU D 317 2.74 0.47 -13.44
N GLU E 8 33.30 36.82 29.93
CA GLU E 8 34.55 36.12 30.24
C GLU E 8 34.36 34.60 30.31
N LYS E 9 33.11 34.16 30.42
CA LYS E 9 32.81 32.73 30.38
C LYS E 9 32.79 32.23 28.95
N THR E 10 33.41 31.07 28.72
CA THR E 10 33.47 30.46 27.40
C THR E 10 32.23 29.60 27.14
N ARG E 11 31.56 29.86 26.02
CA ARG E 11 30.46 29.02 25.59
C ARG E 11 31.01 27.87 24.77
N VAL E 12 30.71 26.64 25.18
CA VAL E 12 31.15 25.42 24.51
C VAL E 12 29.94 24.67 23.99
N LEU E 13 29.95 24.31 22.71
CA LEU E 13 29.00 23.34 22.16
C LEU E 13 29.65 21.95 22.09
N VAL E 14 29.01 20.97 22.72
CA VAL E 14 29.49 19.59 22.71
C VAL E 14 28.66 18.79 21.72
N VAL E 15 29.33 18.28 20.70
CA VAL E 15 28.69 17.48 19.67
C VAL E 15 28.94 16.01 19.98
N GLY E 16 27.88 15.23 20.07
CA GLY E 16 27.98 13.88 20.57
C GLY E 16 27.85 13.75 22.07
N GLY E 17 27.07 14.64 22.71
CA GLY E 17 26.93 14.68 24.16
C GLY E 17 26.23 13.47 24.78
N THR E 18 25.57 12.59 24.02
CA THR E 18 24.96 11.40 24.62
C THR E 18 25.84 10.16 24.51
N GLY E 19 27.04 10.27 23.99
CA GLY E 19 27.90 9.11 23.88
C GLY E 19 28.69 8.88 25.14
N THR E 20 29.42 7.77 25.15
CA THR E 20 30.27 7.43 26.28
C THR E 20 31.24 8.57 26.61
N MET E 21 32.04 8.99 25.66
CA MET E 21 32.99 10.05 25.95
C MET E 21 32.33 11.43 25.89
N GLY E 22 31.23 11.55 25.14
CA GLY E 22 30.59 12.84 24.98
C GLY E 22 29.98 13.35 26.28
N ARG E 23 29.26 12.48 27.00
CA ARG E 23 28.65 12.87 28.27
C ARG E 23 29.68 13.26 29.32
N ARG E 24 30.90 12.71 29.27
CA ARG E 24 31.89 13.18 30.23
C ARG E 24 32.36 14.57 29.88
N ILE E 25 32.47 14.87 28.58
CA ILE E 25 32.92 16.20 28.17
C ILE E 25 31.87 17.25 28.54
N VAL E 26 30.58 16.92 28.40
CA VAL E 26 29.50 17.83 28.80
C VAL E 26 29.57 18.12 30.29
N ARG E 27 29.73 17.07 31.12
CA ARG E 27 29.79 17.27 32.57
C ARG E 27 31.08 17.94 33.01
N ALA E 28 32.20 17.69 32.32
CA ALA E 28 33.45 18.38 32.69
C ALA E 28 33.38 19.86 32.36
N CYS E 29 32.86 20.21 31.18
CA CYS E 29 32.67 21.62 30.81
C CYS E 29 31.80 22.35 31.83
N LEU E 30 30.72 21.73 32.29
CA LEU E 30 29.90 22.35 33.34
C LEU E 30 30.70 22.51 34.62
N ALA E 31 31.44 21.48 35.01
CA ALA E 31 32.26 21.58 36.22
C ALA E 31 33.38 22.61 36.13
N GLU E 32 33.77 23.09 34.94
CA GLU E 32 34.78 24.13 34.81
C GLU E 32 34.18 25.52 34.68
N GLY E 33 32.85 25.64 34.73
CA GLY E 33 32.20 26.93 34.66
C GLY E 33 31.94 27.43 33.27
N HIS E 34 32.08 26.58 32.25
CA HIS E 34 31.77 26.97 30.88
C HIS E 34 30.26 27.01 30.71
N GLU E 35 29.75 28.03 30.03
CA GLU E 35 28.38 27.95 29.54
C GLU E 35 28.34 26.84 28.51
N THR E 36 27.72 25.70 28.84
CA THR E 36 27.78 24.50 28.02
C THR E 36 26.50 24.30 27.20
N TYR E 37 26.66 24.09 25.89
CA TYR E 37 25.55 23.81 25.00
C TYR E 37 25.70 22.39 24.45
N VAL E 38 24.58 21.71 24.22
CA VAL E 38 24.63 20.31 23.83
C VAL E 38 23.75 20.13 22.61
N LEU E 39 24.37 19.89 21.46
CA LEU E 39 23.62 19.53 20.26
C LEU E 39 22.67 18.37 20.55
N GLN E 40 21.41 18.53 20.20
CA GLN E 40 20.41 17.48 20.38
C GLN E 40 19.65 17.33 19.08
N GLN E 41 19.74 16.14 18.47
CA GLN E 41 19.15 15.95 17.15
C GLN E 41 17.69 15.59 17.20
N PRO E 42 17.00 15.74 16.07
CA PRO E 42 15.58 15.32 16.02
C PRO E 42 15.27 13.83 16.06
N GLU E 43 16.22 12.87 16.14
CA GLU E 43 15.74 11.52 16.38
C GLU E 43 15.76 11.15 17.85
N THR E 44 16.07 12.10 18.74
CA THR E 44 16.30 11.81 20.15
C THR E 44 15.11 12.10 21.06
N ARG E 45 13.95 12.48 20.50
CA ARG E 45 12.73 12.67 21.30
C ARG E 45 11.84 11.45 21.29
N VAL E 46 12.28 10.36 20.65
CA VAL E 46 11.66 9.06 20.78
C VAL E 46 12.47 8.12 21.67
N ASP E 47 13.64 8.57 22.15
CA ASP E 47 14.67 7.74 22.78
C ASP E 47 14.72 8.07 24.28
N ILE E 48 14.01 7.26 25.08
CA ILE E 48 13.78 7.56 26.50
C ILE E 48 15.07 7.86 27.22
N GLU E 49 16.12 7.07 26.97
CA GLU E 49 17.38 7.26 27.66
C GLU E 49 18.11 8.51 27.19
N LYS E 50 17.95 8.87 25.92
CA LYS E 50 18.61 10.08 25.43
C LYS E 50 17.92 11.34 25.94
N VAL E 51 16.59 11.35 25.97
CA VAL E 51 15.86 12.48 26.55
C VAL E 51 16.22 12.65 28.03
N GLN E 52 16.12 11.58 28.81
CA GLN E 52 16.56 11.62 30.20
C GLN E 52 17.97 12.18 30.31
N LEU E 53 18.87 11.67 29.47
CA LEU E 53 20.26 12.12 29.51
C LEU E 53 20.37 13.61 29.17
N LEU E 54 19.78 14.03 28.05
CA LEU E 54 19.91 15.42 27.61
C LEU E 54 19.31 16.38 28.61
N TYR E 55 18.10 16.09 29.11
CA TYR E 55 17.46 16.99 30.05
C TYR E 55 18.09 16.93 31.45
N SER E 56 18.92 15.93 31.72
CA SER E 56 19.70 15.98 32.97
C SER E 56 20.82 17.02 32.86
N TYR E 57 21.40 17.22 31.66
CA TYR E 57 22.36 18.31 31.46
C TYR E 57 21.70 19.65 31.72
N LYS E 58 20.43 19.79 31.33
CA LYS E 58 19.72 21.05 31.52
C LYS E 58 19.56 21.40 32.99
N ARG E 59 19.37 20.40 33.89
CA ARG E 59 19.27 20.69 35.32
C ARG E 59 20.56 21.29 35.86
N LEU E 60 21.72 20.88 35.33
CA LEU E 60 23.00 21.40 35.78
C LEU E 60 23.42 22.67 35.09
N GLY E 61 22.62 23.21 34.17
CA GLY E 61 22.90 24.49 33.54
C GLY E 61 23.19 24.44 32.05
N ALA E 62 23.19 23.26 31.42
CA ALA E 62 23.45 23.22 29.99
C ALA E 62 22.25 23.74 29.21
N ARG E 63 22.51 24.13 27.97
CA ARG E 63 21.47 24.49 27.03
C ARG E 63 21.35 23.40 25.98
N LEU E 64 20.14 23.21 25.50
CA LEU E 64 19.87 22.27 24.43
C LEU E 64 19.68 23.04 23.13
N ILE E 65 20.47 22.69 22.12
CA ILE E 65 20.38 23.30 20.81
C ILE E 65 19.98 22.22 19.81
N GLU E 66 18.80 22.34 19.25
CA GLU E 66 18.35 21.37 18.26
C GLU E 66 18.98 21.68 16.90
N ALA E 67 19.43 20.63 16.22
CA ALA E 67 19.94 20.75 14.87
C ALA E 67 20.15 19.35 14.31
N SER E 68 20.16 19.25 12.99
CA SER E 68 20.47 18.02 12.32
C SER E 68 21.80 18.19 11.61
N PHE E 69 22.43 17.06 11.27
CA PHE E 69 23.67 17.13 10.49
C PHE E 69 23.41 17.26 9.00
N SER E 70 22.33 16.66 8.52
CA SER E 70 21.91 16.82 7.14
C SER E 70 21.46 18.25 6.82
N ASP E 71 21.20 19.10 7.85
CA ASP E 71 20.61 20.44 7.68
C ASP E 71 21.66 21.50 8.01
N HIS E 72 22.31 22.02 6.97
CA HIS E 72 23.46 22.93 7.13
C HIS E 72 23.09 24.18 7.90
N GLN E 73 21.88 24.73 7.66
CA GLN E 73 21.54 26.00 8.30
C GLN E 73 21.30 25.83 9.80
N SER E 74 20.63 24.73 10.19
CA SER E 74 20.51 24.43 11.62
C SER E 74 21.88 24.25 12.27
N LEU E 75 22.85 23.68 11.55
CA LEU E 75 24.21 23.60 12.08
C LEU E 75 24.86 24.98 12.19
N VAL E 76 24.73 25.81 11.16
CA VAL E 76 25.28 27.16 11.21
C VAL E 76 24.62 27.96 12.33
N SER E 77 23.29 27.88 12.41
CA SER E 77 22.55 28.54 13.48
C SER E 77 22.99 28.05 14.86
N ALA E 78 23.46 26.81 14.95
CA ALA E 78 23.83 26.25 16.25
C ALA E 78 25.23 26.71 16.69
N VAL E 79 26.21 26.71 15.78
CA VAL E 79 27.56 27.06 16.22
C VAL E 79 27.72 28.56 16.41
N LYS E 80 26.79 29.36 15.88
CA LYS E 80 26.84 30.80 16.09
C LYS E 80 26.56 31.20 17.54
N GLN E 81 25.90 30.33 18.33
CA GLN E 81 25.60 30.63 19.73
C GLN E 81 26.77 30.37 20.67
N VAL E 82 27.92 29.93 20.17
CA VAL E 82 29.01 29.47 21.03
C VAL E 82 30.33 30.04 20.55
N ASP E 83 31.34 29.91 21.41
CA ASP E 83 32.72 30.24 21.09
C ASP E 83 33.51 29.02 20.61
N ILE E 84 33.20 27.84 21.15
CA ILE E 84 34.06 26.66 21.00
C ILE E 84 33.19 25.44 20.66
N VAL E 85 33.66 24.60 19.75
CA VAL E 85 32.97 23.35 19.44
C VAL E 85 33.90 22.20 19.83
N VAL E 86 33.34 21.22 20.53
CA VAL E 86 34.05 20.00 20.87
C VAL E 86 33.21 18.85 20.30
N ALA E 87 33.81 18.01 19.48
CA ALA E 87 33.11 16.83 19.03
C ALA E 87 33.72 15.59 19.69
N ALA E 88 32.87 14.57 19.83
CA ALA E 88 33.23 13.30 20.45
C ALA E 88 32.26 12.30 19.84
N MET E 89 32.68 11.69 18.71
CA MET E 89 31.77 10.88 17.89
C MET E 89 32.29 9.47 17.68
N SER E 90 33.06 8.93 18.60
CA SER E 90 33.55 7.57 18.41
C SER E 90 33.10 6.73 19.60
N GLY E 91 32.87 5.45 19.33
CA GLY E 91 32.46 4.50 20.35
C GLY E 91 31.10 3.93 20.03
N VAL E 92 30.43 3.45 21.07
CA VAL E 92 29.05 3.00 20.89
C VAL E 92 28.13 4.22 20.83
N HIS E 93 26.94 3.99 20.26
CA HIS E 93 25.96 4.98 19.83
C HIS E 93 26.42 5.73 18.60
N PHE E 94 27.56 5.36 18.03
CA PHE E 94 28.07 5.92 16.79
C PHE E 94 28.29 4.82 15.75
N ARG E 95 28.93 5.15 14.64
CA ARG E 95 28.97 4.29 13.45
C ARG E 95 30.36 4.33 12.85
N SER E 96 30.61 3.43 11.89
CA SER E 96 31.97 3.23 11.37
C SER E 96 32.54 4.51 10.74
N HIS E 97 31.70 5.28 10.05
CA HIS E 97 32.16 6.51 9.37
C HIS E 97 31.61 7.80 10.00
N SER E 98 31.08 7.77 11.22
CA SER E 98 30.57 9.01 11.76
C SER E 98 31.65 9.97 12.28
N ILE E 99 32.95 9.60 12.24
CA ILE E 99 34.00 10.60 12.36
C ILE E 99 33.92 11.59 11.19
N LEU E 100 33.53 11.10 10.02
CA LEU E 100 33.49 11.92 8.82
C LEU E 100 32.37 12.97 8.83
N VAL E 101 31.30 12.78 9.62
CA VAL E 101 30.24 13.76 9.74
C VAL E 101 30.74 15.10 10.27
N GLN E 102 31.86 15.13 11.00
CA GLN E 102 32.46 16.40 11.39
C GLN E 102 32.78 17.29 10.19
N LEU E 103 32.90 16.74 8.97
CA LEU E 103 33.05 17.60 7.80
C LEU E 103 31.83 18.51 7.60
N LYS E 104 30.62 18.06 7.96
CA LYS E 104 29.48 18.98 7.97
C LYS E 104 29.67 20.08 9.01
N LEU E 105 30.34 19.76 10.12
CA LEU E 105 30.59 20.74 11.17
C LEU E 105 31.66 21.74 10.73
N VAL E 106 32.69 21.29 10.03
CA VAL E 106 33.76 22.20 9.63
C VAL E 106 33.26 23.21 8.61
N GLU E 107 32.38 22.77 7.70
CA GLU E 107 31.87 23.72 6.71
C GLU E 107 30.84 24.65 7.32
N ALA E 108 30.16 24.23 8.39
CA ALA E 108 29.25 25.11 9.11
C ALA E 108 30.00 26.08 10.04
N ILE E 109 31.09 25.62 10.65
CA ILE E 109 31.92 26.51 11.48
C ILE E 109 32.59 27.56 10.61
N LYS E 110 32.89 27.24 9.34
CA LYS E 110 33.54 28.21 8.48
C LYS E 110 32.55 29.29 8.06
N GLU E 111 31.34 28.88 7.69
CA GLU E 111 30.29 29.83 7.32
C GLU E 111 29.97 30.81 8.45
N ALA E 112 30.10 30.39 9.70
CA ALA E 112 29.71 31.22 10.83
C ALA E 112 30.82 32.17 11.30
N GLY E 113 32.08 31.82 11.12
CA GLY E 113 33.15 32.77 11.36
C GLY E 113 33.48 33.09 12.81
N ASN E 114 32.57 32.85 13.74
CA ASN E 114 32.76 33.25 15.13
C ASN E 114 33.46 32.21 16.01
N ILE E 115 33.78 31.02 15.50
CA ILE E 115 34.28 29.94 16.37
C ILE E 115 35.74 30.20 16.72
N LYS E 116 36.01 30.38 18.01
CA LYS E 116 37.39 30.57 18.48
C LYS E 116 38.21 29.30 18.35
N ARG E 117 37.59 28.11 18.47
CA ARG E 117 38.36 26.88 18.42
C ARG E 117 37.46 25.68 18.22
N PHE E 118 37.94 24.72 17.42
CA PHE E 118 37.33 23.42 17.21
C PHE E 118 38.23 22.35 17.80
N LEU E 119 37.71 21.55 18.75
CA LEU E 119 38.43 20.34 19.15
C LEU E 119 37.74 19.15 18.50
N PRO E 120 38.27 18.58 17.43
CA PRO E 120 37.58 17.45 16.79
C PRO E 120 37.66 16.19 17.64
N SER E 121 37.01 15.14 17.13
CA SER E 121 36.95 13.84 17.80
C SER E 121 38.30 13.14 17.69
N GLU E 122 39.16 13.31 18.71
CA GLU E 122 40.43 12.61 18.79
C GLU E 122 40.40 11.68 19.97
N PHE E 123 41.10 11.99 21.08
CA PHE E 123 41.00 11.24 22.35
C PHE E 123 41.40 9.77 22.14
N GLY E 124 42.64 9.56 21.76
CA GLY E 124 43.06 8.24 21.36
C GLY E 124 44.47 8.31 20.84
N MET E 125 44.87 7.27 20.11
CA MET E 125 46.18 7.31 19.45
C MET E 125 46.21 8.47 18.47
N ASP E 126 47.31 9.21 18.49
CA ASP E 126 47.58 10.29 17.55
C ASP E 126 47.56 9.74 16.12
N PRO E 127 46.53 10.04 15.34
CA PRO E 127 46.41 9.44 13.99
C PRO E 127 47.49 9.91 13.02
N SER E 128 48.22 10.98 13.32
CA SER E 128 49.24 11.49 12.41
C SER E 128 50.58 10.79 12.54
N ARG E 129 50.74 9.92 13.56
CA ARG E 129 51.92 9.08 13.73
C ARG E 129 51.65 7.62 13.37
N MET E 130 50.65 7.35 12.53
CA MET E 130 50.25 5.98 12.23
C MET E 130 50.44 5.67 10.75
N GLY E 131 51.41 6.34 10.12
CA GLY E 131 51.67 6.17 8.70
C GLY E 131 51.96 4.74 8.27
N HIS E 132 52.34 3.87 9.22
CA HIS E 132 52.66 2.46 8.92
C HIS E 132 51.82 1.56 9.84
N ALA E 133 50.53 1.42 9.52
CA ALA E 133 49.62 0.66 10.39
C ALA E 133 49.67 -0.85 10.11
N GLU E 139 39.47 3.04 7.65
CA GLU E 139 40.47 3.25 8.69
C GLU E 139 40.21 4.46 9.60
N THR E 140 40.32 4.23 10.91
CA THR E 140 40.08 5.27 11.90
C THR E 140 41.03 6.46 11.72
N PHE E 141 42.32 6.19 11.45
CA PHE E 141 43.26 7.31 11.34
C PHE E 141 43.06 8.09 10.06
N ASP E 142 42.60 7.43 8.99
CA ASP E 142 42.35 8.14 7.75
C ASP E 142 41.19 9.11 7.89
N GLN E 143 40.12 8.70 8.60
CA GLN E 143 38.99 9.60 8.77
C GLN E 143 39.35 10.79 9.67
N LYS E 144 40.14 10.55 10.72
CA LYS E 144 40.52 11.66 11.59
C LYS E 144 41.50 12.60 10.89
N LEU E 145 42.37 12.05 10.04
CA LEU E 145 43.30 12.89 9.28
C LEU E 145 42.58 13.68 8.19
N GLU E 146 41.47 13.16 7.68
CA GLU E 146 40.69 13.94 6.74
C GLU E 146 39.92 15.06 7.43
N VAL E 147 39.46 14.85 8.67
CA VAL E 147 38.79 15.92 9.39
C VAL E 147 39.78 17.00 9.82
N ARG E 148 41.03 16.63 10.15
CA ARG E 148 42.03 17.66 10.47
C ARG E 148 42.41 18.49 9.24
N ASN E 149 42.56 17.84 8.08
CA ASN E 149 42.91 18.58 6.88
C ASN E 149 41.80 19.57 6.51
N ALA E 150 40.54 19.17 6.70
CA ALA E 150 39.45 20.10 6.43
C ALA E 150 39.47 21.27 7.42
N ILE E 151 39.68 20.98 8.71
CA ILE E 151 39.78 22.02 9.75
C ILE E 151 40.82 23.05 9.36
N GLU E 152 42.03 22.58 8.99
CA GLU E 152 43.15 23.48 8.78
C GLU E 152 42.99 24.24 7.46
N ALA E 153 42.57 23.58 6.40
CA ALA E 153 42.23 24.29 5.17
C ALA E 153 41.23 25.41 5.44
N ALA E 154 40.26 25.19 6.33
CA ALA E 154 39.26 26.20 6.62
C ALA E 154 39.78 27.29 7.56
N GLY E 155 41.01 27.19 8.05
CA GLY E 155 41.47 28.20 8.98
C GLY E 155 40.85 28.16 10.36
N ILE E 156 40.11 27.11 10.70
CA ILE E 156 39.55 27.05 12.05
C ILE E 156 40.67 26.74 13.03
N PRO E 157 40.82 27.49 14.12
CA PRO E 157 41.84 27.11 15.11
C PRO E 157 41.41 25.83 15.81
N HIS E 158 42.39 25.05 16.21
CA HIS E 158 42.11 23.72 16.68
C HIS E 158 42.95 23.41 17.91
N THR E 159 42.48 22.46 18.72
CA THR E 159 43.35 21.67 19.60
C THR E 159 43.04 20.21 19.34
N TYR E 160 44.08 19.38 19.18
CA TYR E 160 43.90 17.93 19.07
C TYR E 160 44.38 17.30 20.38
N VAL E 161 43.47 16.66 21.09
CA VAL E 161 43.76 15.94 22.34
C VAL E 161 43.97 14.47 22.00
N VAL E 162 45.16 13.93 22.29
CA VAL E 162 45.56 12.60 21.85
C VAL E 162 46.30 11.89 22.97
N GLY E 163 46.71 10.65 22.70
CA GLY E 163 47.75 10.01 23.45
C GLY E 163 47.28 9.13 24.56
N ALA E 164 46.01 8.78 24.59
CA ALA E 164 45.42 8.11 25.74
C ALA E 164 44.80 6.78 25.33
N CYS E 165 44.83 5.87 26.28
CA CYS E 165 44.24 4.55 26.19
C CYS E 165 43.09 4.52 27.21
N PHE E 166 41.86 4.44 26.74
CA PHE E 166 40.72 4.59 27.65
C PHE E 166 40.73 3.50 28.71
N ALA E 167 40.71 3.90 29.98
CA ALA E 167 40.81 2.90 31.05
C ALA E 167 39.62 1.93 31.04
N ALA E 168 38.43 2.38 30.59
CA ALA E 168 37.30 1.46 30.57
C ALA E 168 37.46 0.36 29.54
N TYR E 169 38.29 0.56 28.53
CA TYR E 169 38.40 -0.42 27.46
C TYR E 169 39.67 -1.25 27.54
N PHE E 170 40.66 -0.79 28.32
CA PHE E 170 41.98 -1.43 28.39
C PHE E 170 42.50 -1.63 29.81
N ALA E 171 42.03 -0.88 30.81
CA ALA E 171 42.54 -1.05 32.17
C ALA E 171 41.63 -1.90 33.05
N GLY E 172 40.31 -1.68 33.01
CA GLY E 172 39.44 -2.45 33.87
C GLY E 172 39.32 -3.91 33.47
N ASN E 173 39.65 -4.25 32.22
CA ASN E 173 39.69 -5.64 31.77
C ASN E 173 41.11 -6.20 31.74
N LEU E 174 42.06 -5.54 32.41
CA LEU E 174 43.49 -5.93 32.38
C LEU E 174 44.00 -6.13 30.94
N SER E 175 43.50 -5.27 30.04
CA SER E 175 43.86 -5.26 28.62
C SER E 175 43.46 -6.55 27.93
N GLN E 176 42.48 -7.24 28.48
CA GLN E 176 41.96 -8.46 27.88
C GLN E 176 40.89 -8.12 26.85
N MET E 177 40.98 -8.75 25.69
CA MET E 177 39.88 -8.60 24.75
C MET E 177 38.69 -9.43 25.22
N GLY E 178 37.51 -9.10 24.70
CA GLY E 178 36.31 -9.87 24.93
C GLY E 178 35.51 -9.51 26.18
N THR E 179 36.07 -8.70 27.09
CA THR E 179 35.42 -8.36 28.35
C THR E 179 35.80 -6.94 28.76
N LEU E 180 35.01 -6.38 29.69
CA LEU E 180 35.29 -5.08 30.28
C LEU E 180 35.61 -5.15 31.78
N ILE E 181 35.68 -6.34 32.36
CA ILE E 181 35.94 -6.52 33.79
C ILE E 181 37.08 -7.51 33.97
N PRO E 182 37.75 -7.50 35.13
CA PRO E 182 38.97 -8.33 35.30
C PRO E 182 38.65 -9.80 35.25
N PRO E 183 39.51 -10.59 34.62
CA PRO E 183 39.29 -12.04 34.56
C PRO E 183 39.69 -12.68 35.89
N LYS E 184 39.08 -13.84 36.19
CA LYS E 184 39.18 -14.42 37.53
C LYS E 184 40.46 -15.21 37.73
N LYS E 185 40.89 -15.96 36.70
CA LYS E 185 42.02 -16.86 36.80
C LYS E 185 43.12 -16.56 35.78
N LYS E 186 42.79 -16.48 34.48
CA LYS E 186 43.71 -16.40 33.35
C LYS E 186 43.81 -15.01 32.76
N VAL E 187 45.01 -14.68 32.31
CA VAL E 187 45.23 -13.40 31.68
C VAL E 187 46.19 -13.61 30.53
N ASN E 188 45.85 -13.07 29.36
CA ASN E 188 46.73 -13.10 28.20
C ASN E 188 47.63 -11.88 28.24
N ILE E 189 48.92 -12.06 28.01
CA ILE E 189 49.87 -10.96 28.14
C ILE E 189 50.59 -10.78 26.81
N TYR E 190 50.55 -9.56 26.30
CA TYR E 190 50.90 -9.28 24.93
C TYR E 190 52.40 -9.11 24.83
N GLY E 191 53.04 -10.04 24.12
CA GLY E 191 54.50 -10.09 24.04
C GLY E 191 55.11 -10.48 25.36
N ASP E 192 55.79 -9.55 26.00
CA ASP E 192 56.37 -9.75 27.32
C ASP E 192 55.74 -8.86 28.38
N GLY E 193 54.58 -8.28 28.08
CA GLY E 193 53.96 -7.25 28.90
C GLY E 193 54.90 -6.12 29.20
N ASN E 194 55.93 -5.95 28.37
CA ASN E 194 57.01 -5.03 28.67
C ASN E 194 56.84 -3.64 28.04
N VAL E 195 55.81 -3.43 27.24
CA VAL E 195 55.66 -2.19 26.48
C VAL E 195 54.85 -1.18 27.27
N LYS E 196 55.43 0.00 27.53
CA LYS E 196 54.71 1.11 28.16
C LYS E 196 53.44 1.46 27.38
N VAL E 197 52.38 1.76 28.13
CA VAL E 197 51.05 2.14 27.66
C VAL E 197 50.62 3.29 28.56
N VAL E 198 49.61 4.05 28.12
CA VAL E 198 49.12 5.20 28.89
C VAL E 198 47.64 4.94 29.19
N TYR E 199 47.37 4.33 30.34
CA TYR E 199 46.00 4.11 30.81
C TYR E 199 45.49 5.38 31.49
N VAL E 200 44.36 5.92 31.03
CA VAL E 200 43.80 7.15 31.57
C VAL E 200 42.30 7.00 31.74
N ASP E 201 41.81 7.35 32.93
CA ASP E 201 40.37 7.43 33.19
C ASP E 201 39.75 8.45 32.23
N GLU E 202 38.69 8.03 31.53
CA GLU E 202 38.06 8.93 30.56
C GLU E 202 37.57 10.22 31.20
N ASP E 203 37.29 10.23 32.52
CA ASP E 203 36.90 11.50 33.15
C ASP E 203 38.07 12.47 33.21
N ASP E 204 39.30 11.95 33.31
CA ASP E 204 40.46 12.84 33.27
C ASP E 204 40.73 13.35 31.87
N ILE E 205 40.59 12.50 30.84
CA ILE E 205 40.57 13.02 29.48
C ILE E 205 39.55 14.14 29.32
N ALA E 206 38.36 13.98 29.91
CA ALA E 206 37.33 15.01 29.76
C ALA E 206 37.67 16.26 30.58
N GLU E 207 38.28 16.11 31.75
CA GLU E 207 38.64 17.32 32.50
C GLU E 207 39.80 18.07 31.84
N TYR E 208 40.80 17.32 31.36
CA TYR E 208 41.88 17.92 30.58
C TYR E 208 41.33 18.65 29.33
N THR E 209 40.36 18.04 28.64
CA THR E 209 39.76 18.67 27.46
C THR E 209 39.09 19.99 27.82
N ALA E 210 38.34 20.01 28.93
CA ALA E 210 37.61 21.23 29.32
C ALA E 210 38.55 22.30 29.85
N LYS E 211 39.72 21.90 30.37
CA LYS E 211 40.70 22.90 30.77
C LYS E 211 41.47 23.45 29.56
N THR E 212 41.64 22.64 28.52
CA THR E 212 42.50 23.06 27.44
C THR E 212 41.76 23.86 26.38
N LEU E 213 40.45 23.65 26.22
CA LEU E 213 39.75 24.17 25.05
C LEU E 213 39.81 25.69 24.94
N ASP E 214 40.14 26.42 26.02
CA ASP E 214 40.33 27.87 25.91
C ASP E 214 41.64 28.34 26.55
N ASP E 215 42.58 27.42 26.78
CA ASP E 215 43.93 27.76 27.23
C ASP E 215 44.68 28.36 26.04
N PRO E 216 45.19 29.60 26.16
CA PRO E 216 45.95 30.17 25.02
C PRO E 216 47.18 29.36 24.65
N ARG E 217 47.76 28.63 25.61
CA ARG E 217 48.97 27.84 25.37
C ARG E 217 48.77 26.66 24.43
N THR E 218 47.54 26.27 24.12
CA THR E 218 47.29 25.06 23.34
C THR E 218 46.53 25.34 22.04
N ILE E 219 46.31 26.59 21.69
CA ILE E 219 45.62 26.92 20.45
C ILE E 219 46.51 26.51 19.27
N ASN E 220 45.93 25.80 18.30
CA ASN E 220 46.63 25.28 17.11
C ASN E 220 47.76 24.32 17.47
N LYS E 221 47.65 23.64 18.61
CA LYS E 221 48.65 22.70 19.08
C LYS E 221 48.02 21.32 19.30
N THR E 222 48.85 20.30 19.35
CA THR E 222 48.43 19.00 19.83
C THR E 222 48.73 18.88 21.33
N VAL E 223 47.77 18.37 22.11
CA VAL E 223 47.92 18.20 23.55
C VAL E 223 47.93 16.71 23.88
N TYR E 224 49.06 16.21 24.37
CA TYR E 224 49.21 14.80 24.73
C TYR E 224 48.75 14.55 26.16
N VAL E 225 47.86 13.57 26.31
CA VAL E 225 47.34 13.13 27.60
C VAL E 225 48.20 11.97 28.07
N ARG E 226 49.17 12.28 28.92
CA ARG E 226 50.11 11.30 29.46
C ARG E 226 50.42 11.67 30.90
N PRO E 227 49.49 11.43 31.82
CA PRO E 227 49.79 11.61 33.25
C PRO E 227 50.83 10.58 33.69
N THR E 228 51.92 11.08 34.29
CA THR E 228 53.18 10.34 34.32
C THR E 228 53.05 8.98 34.99
N GLU E 229 52.48 8.96 36.20
CA GLU E 229 52.35 7.72 36.97
C GLU E 229 51.44 6.70 36.32
N ASN E 230 50.68 7.09 35.29
CA ASN E 230 49.81 6.16 34.60
C ASN E 230 50.45 5.55 33.38
N VAL E 231 51.69 5.94 33.06
CA VAL E 231 52.47 5.28 32.03
C VAL E 231 52.92 3.94 32.58
N LEU E 232 52.36 2.86 32.05
CA LEU E 232 52.49 1.55 32.67
C LEU E 232 52.50 0.47 31.60
N THR E 233 53.31 -0.56 31.82
CA THR E 233 53.26 -1.69 30.93
C THR E 233 52.10 -2.58 31.33
N GLN E 234 51.77 -3.55 30.47
CA GLN E 234 50.61 -4.38 30.77
C GLN E 234 50.86 -5.29 31.96
N MET E 235 52.11 -5.73 32.14
CA MET E 235 52.41 -6.58 33.29
C MET E 235 52.51 -5.76 34.57
N GLU E 236 53.03 -4.53 34.49
CA GLU E 236 52.93 -3.61 35.64
C GLU E 236 51.48 -3.37 36.05
N LEU E 237 50.52 -3.43 35.12
CA LEU E 237 49.12 -3.20 35.44
C LEU E 237 48.47 -4.46 36.01
N VAL E 238 48.73 -5.61 35.37
CA VAL E 238 48.31 -6.90 35.91
C VAL E 238 48.86 -7.10 37.33
N GLN E 239 50.03 -6.52 37.62
CA GLN E 239 50.61 -6.70 38.95
C GLN E 239 50.01 -5.74 39.96
N ILE E 240 49.56 -4.56 39.52
CA ILE E 240 48.73 -3.70 40.36
C ILE E 240 47.49 -4.46 40.83
N TRP E 241 46.92 -5.27 39.94
CA TRP E 241 45.71 -6.02 40.25
C TRP E 241 46.02 -7.25 41.10
N GLU E 242 47.00 -8.06 40.66
CA GLU E 242 47.41 -9.24 41.44
C GLU E 242 47.68 -8.86 42.90
N LYS E 243 48.32 -7.71 43.12
CA LYS E 243 48.54 -7.22 44.47
C LYS E 243 47.22 -6.99 45.20
N LEU E 244 46.31 -6.21 44.59
CA LEU E 244 45.04 -5.86 45.23
C LEU E 244 44.22 -7.10 45.60
N THR E 245 44.17 -8.10 44.71
CA THR E 245 43.41 -9.31 45.01
C THR E 245 44.17 -10.26 45.92
N GLY E 246 45.51 -10.11 46.02
CA GLY E 246 46.38 -11.07 46.68
C GLY E 246 46.48 -12.40 45.97
N LYS E 247 46.00 -12.47 44.73
CA LYS E 247 45.89 -13.71 43.99
C LYS E 247 46.69 -13.59 42.69
N GLU E 248 47.64 -14.50 42.49
CA GLU E 248 48.41 -14.49 41.24
C GLU E 248 47.54 -15.01 40.09
N LEU E 249 47.57 -14.35 38.93
CA LEU E 249 46.89 -14.76 37.71
C LEU E 249 47.84 -15.67 36.91
N GLU E 250 47.28 -16.68 36.20
CA GLU E 250 48.01 -17.48 35.18
C GLU E 250 48.11 -16.79 33.82
N LYS E 251 49.37 -16.67 33.33
CA LYS E 251 49.81 -15.77 32.26
C LYS E 251 50.32 -16.62 31.10
N THR E 252 49.59 -16.61 29.97
CA THR E 252 50.09 -17.15 28.71
C THR E 252 50.56 -15.98 27.86
N ASN E 253 51.89 -15.84 27.68
CA ASN E 253 52.43 -14.80 26.82
C ASN E 253 52.05 -15.07 25.37
N ILE E 254 51.62 -14.03 24.66
CA ILE E 254 51.25 -14.13 23.25
C ILE E 254 52.30 -13.38 22.44
N SER E 255 52.98 -14.11 21.54
CA SER E 255 54.07 -13.53 20.77
C SER E 255 53.54 -12.59 19.69
N ALA E 256 54.42 -11.67 19.26
CA ALA E 256 54.13 -10.86 18.09
C ALA E 256 53.79 -11.72 16.88
N ASN E 257 54.37 -12.93 16.78
CA ASN E 257 54.13 -13.80 15.63
C ASN E 257 52.66 -14.13 15.46
N ASP E 258 51.99 -14.53 16.55
CA ASP E 258 50.61 -15.00 16.44
C ASP E 258 49.68 -13.90 15.92
N PHE E 259 49.32 -14.03 14.63
CA PHE E 259 48.74 -12.96 13.81
C PHE E 259 47.49 -13.44 13.11
N LEU E 260 46.37 -12.88 13.55
CA LEU E 260 45.19 -12.93 12.70
C LEU E 260 45.19 -11.64 11.90
N ALA E 261 46.02 -11.67 10.84
CA ALA E 261 45.91 -10.82 9.64
C ALA E 261 45.29 -11.70 8.57
N ASP E 262 44.13 -12.30 8.88
CA ASP E 262 43.42 -13.19 7.97
C ASP E 262 41.95 -13.23 8.37
N ILE E 263 41.17 -14.04 7.66
CA ILE E 263 39.72 -13.84 7.60
C ILE E 263 38.92 -14.90 8.37
N GLU E 264 39.05 -14.85 9.69
CA GLU E 264 37.97 -15.10 10.63
C GLU E 264 37.71 -13.80 11.38
N ASP E 265 36.60 -13.74 12.11
CA ASP E 265 36.12 -12.47 12.63
C ASP E 265 37.13 -11.78 13.55
N LYS E 266 36.91 -10.48 13.76
CA LYS E 266 37.67 -9.72 14.76
C LYS E 266 36.82 -9.47 15.99
N LEU E 274 41.57 -4.29 18.32
CA LEU E 274 41.43 -4.94 17.01
C LEU E 274 42.73 -5.64 16.62
N GLY E 275 43.80 -4.86 16.77
CA GLY E 275 44.90 -4.75 15.85
C GLY E 275 45.20 -3.26 15.96
N HIS E 276 44.24 -2.56 16.55
CA HIS E 276 44.55 -1.40 17.38
C HIS E 276 45.27 -1.85 18.65
N PHE E 277 44.99 -3.08 19.12
CA PHE E 277 45.74 -3.66 20.23
C PHE E 277 47.20 -3.85 19.86
N TYR E 278 47.46 -4.22 18.60
CA TYR E 278 48.83 -4.41 18.20
C TYR E 278 49.60 -3.09 18.20
N HIS E 279 48.93 -1.99 17.83
CA HIS E 279 49.59 -0.69 17.80
C HIS E 279 50.02 -0.26 19.21
N ILE E 280 49.17 -0.50 20.21
CA ILE E 280 49.42 -0.02 21.57
C ILE E 280 50.42 -0.92 22.29
N PHE E 281 50.19 -2.24 22.28
CA PHE E 281 50.87 -3.15 23.21
C PHE E 281 52.11 -3.83 22.64
N TYR E 282 52.27 -3.86 21.31
CA TYR E 282 53.45 -4.37 20.61
C TYR E 282 54.31 -3.29 19.98
N GLU E 283 53.69 -2.35 19.24
CA GLU E 283 54.47 -1.29 18.61
C GLU E 283 54.90 -0.24 19.62
N GLY E 284 54.16 -0.09 20.71
CA GLY E 284 54.47 0.90 21.73
C GLY E 284 54.12 2.33 21.39
N CYS E 285 53.10 2.55 20.57
CA CYS E 285 52.92 3.83 19.89
C CYS E 285 52.34 4.93 20.76
N LEU E 286 51.79 4.60 21.95
CA LEU E 286 51.42 5.66 22.87
C LEU E 286 52.61 6.21 23.64
N THR E 287 53.74 5.50 23.64
CA THR E 287 54.94 5.91 24.36
C THR E 287 56.22 5.71 23.52
N ASP E 288 56.13 5.91 22.20
CA ASP E 288 57.34 5.88 21.36
C ASP E 288 57.87 7.28 21.05
N HIS E 289 57.37 8.31 21.74
CA HIS E 289 57.79 9.68 21.53
C HIS E 289 57.74 10.43 22.86
N GLU E 290 58.87 10.94 23.31
CA GLU E 290 58.88 11.86 24.44
C GLU E 290 57.98 13.05 24.14
N VAL E 291 57.37 13.59 25.20
CA VAL E 291 56.48 14.75 25.09
C VAL E 291 57.04 15.86 25.97
N GLY E 292 57.06 17.07 25.45
CA GLY E 292 57.42 18.20 26.27
C GLY E 292 56.36 18.48 27.31
N ASP E 293 56.73 19.27 28.31
CA ASP E 293 55.79 19.65 29.35
C ASP E 293 54.91 20.83 28.96
N ASP E 294 55.14 21.43 27.79
CA ASP E 294 54.23 22.40 27.21
C ASP E 294 53.25 21.77 26.23
N GLU E 295 53.39 20.48 25.94
CA GLU E 295 52.46 19.71 25.12
C GLU E 295 51.75 18.61 25.91
N GLU E 296 51.92 18.53 27.23
CA GLU E 296 51.41 17.41 28.02
C GLU E 296 50.35 17.87 29.03
N ALA E 297 49.24 17.11 29.12
CA ALA E 297 48.07 17.56 29.87
C ALA E 297 48.33 17.57 31.38
N SER E 298 48.97 16.52 31.90
CA SER E 298 49.26 16.48 33.32
C SER E 298 50.15 17.66 33.73
N LYS E 299 51.12 18.03 32.91
CA LYS E 299 51.99 19.18 33.24
C LYS E 299 51.27 20.52 33.04
N LEU E 300 50.50 20.66 31.96
CA LEU E 300 49.76 21.91 31.75
C LEU E 300 48.70 22.14 32.83
N TYR E 301 48.09 21.06 33.33
CA TYR E 301 47.00 21.15 34.32
C TYR E 301 47.40 20.25 35.49
N PRO E 302 48.33 20.72 36.33
CA PRO E 302 48.73 19.92 37.51
C PRO E 302 47.70 19.90 38.61
N ASP E 303 46.67 20.75 38.55
CA ASP E 303 45.61 20.68 39.55
C ASP E 303 44.69 19.48 39.34
N VAL E 304 44.72 18.83 38.18
CA VAL E 304 43.85 17.70 37.91
C VAL E 304 44.46 16.48 38.60
N LYS E 305 43.91 16.13 39.77
CA LYS E 305 44.32 14.92 40.46
C LYS E 305 43.76 13.72 39.71
N TYR E 306 44.50 13.24 38.70
CA TYR E 306 44.05 12.15 37.83
C TYR E 306 43.99 10.86 38.61
N THR E 307 43.26 9.88 38.08
CA THR E 307 43.03 8.60 38.75
C THR E 307 44.18 7.64 38.44
N ARG E 308 45.01 7.34 39.44
CA ARG E 308 46.00 6.29 39.26
C ARG E 308 45.28 4.95 39.04
N MET E 309 45.97 3.99 38.43
CA MET E 309 45.30 2.74 38.07
C MET E 309 45.04 1.83 39.25
N ASP E 310 45.74 2.03 40.37
CA ASP E 310 45.46 1.19 41.55
C ASP E 310 44.15 1.59 42.21
N GLU E 311 43.79 2.89 42.15
CA GLU E 311 42.47 3.33 42.60
C GLU E 311 41.40 2.95 41.56
N TYR E 312 41.68 3.19 40.27
CA TYR E 312 40.71 2.89 39.22
C TYR E 312 40.21 1.45 39.30
N LEU E 313 41.11 0.50 39.56
CA LEU E 313 40.70 -0.91 39.53
C LEU E 313 40.03 -1.38 40.82
N LYS E 314 40.08 -0.59 41.90
CA LYS E 314 39.47 -1.02 43.16
C LYS E 314 37.99 -1.30 43.04
N ILE E 315 37.27 -0.56 42.20
CA ILE E 315 35.84 -0.70 42.05
C ILE E 315 35.43 -2.09 41.58
N PHE E 316 36.39 -2.90 41.11
CA PHE E 316 36.12 -4.24 40.58
C PHE E 316 36.34 -5.35 41.59
N LEU E 317 37.00 -5.06 42.71
CA LEU E 317 37.38 -6.08 43.70
C LEU E 317 36.16 -6.82 44.24
N LYS F 9 18.00 -4.11 58.73
CA LYS F 9 18.14 -3.68 57.34
C LYS F 9 17.74 -4.75 56.36
N THR F 10 16.76 -4.41 55.52
CA THR F 10 16.28 -5.36 54.52
C THR F 10 17.31 -5.51 53.41
N ARG F 11 17.56 -6.75 53.03
CA ARG F 11 18.29 -7.05 51.81
C ARG F 11 17.28 -7.14 50.66
N VAL F 12 17.57 -6.49 49.53
CA VAL F 12 16.68 -6.43 48.37
C VAL F 12 17.48 -6.73 47.10
N LEU F 13 17.13 -7.81 46.40
CA LEU F 13 17.65 -8.08 45.06
C LEU F 13 16.74 -7.45 44.00
N VAL F 14 17.32 -6.63 43.12
CA VAL F 14 16.59 -5.89 42.09
C VAL F 14 16.95 -6.51 40.75
N VAL F 15 16.03 -7.30 40.17
CA VAL F 15 16.26 -7.90 38.85
C VAL F 15 15.80 -6.91 37.79
N GLY F 16 16.59 -6.76 36.73
CA GLY F 16 16.36 -5.71 35.76
C GLY F 16 16.95 -4.38 36.18
N GLY F 17 17.95 -4.39 37.06
CA GLY F 17 18.47 -3.16 37.65
C GLY F 17 19.09 -2.20 36.67
N THR F 18 19.34 -2.62 35.42
CA THR F 18 19.88 -1.71 34.41
C THR F 18 18.81 -1.06 33.52
N GLY F 19 17.55 -1.50 33.61
CA GLY F 19 16.47 -0.90 32.86
C GLY F 19 16.12 0.51 33.34
N THR F 20 15.25 1.20 32.59
CA THR F 20 14.92 2.56 32.99
C THR F 20 14.12 2.58 34.28
N MET F 21 13.27 1.59 34.51
CA MET F 21 12.59 1.54 35.80
C MET F 21 13.48 0.88 36.86
N GLY F 22 14.12 -0.23 36.50
CA GLY F 22 15.01 -0.89 37.45
C GLY F 22 16.03 0.04 38.10
N ARG F 23 16.71 0.85 37.28
CA ARG F 23 17.76 1.70 37.84
C ARG F 23 17.22 2.75 38.81
N ARG F 24 15.94 3.13 38.70
CA ARG F 24 15.39 4.07 39.67
C ARG F 24 15.08 3.37 40.98
N ILE F 25 14.69 2.08 40.88
CA ILE F 25 14.40 1.25 42.05
C ILE F 25 15.67 0.97 42.84
N VAL F 26 16.74 0.49 42.18
CA VAL F 26 18.04 0.33 42.82
C VAL F 26 18.43 1.57 43.61
N ARG F 27 18.32 2.75 42.99
CA ARG F 27 18.70 3.97 43.69
C ARG F 27 17.73 4.32 44.82
N ALA F 28 16.47 3.90 44.71
CA ALA F 28 15.54 4.20 45.79
C ALA F 28 15.76 3.26 46.98
N CYS F 29 15.87 1.96 46.72
CA CYS F 29 16.35 1.05 47.76
C CYS F 29 17.59 1.58 48.48
N LEU F 30 18.64 1.96 47.73
CA LEU F 30 19.85 2.47 48.38
C LEU F 30 19.57 3.72 49.22
N ALA F 31 18.78 4.66 48.71
CA ALA F 31 18.53 5.89 49.48
C ALA F 31 17.69 5.63 50.73
N GLU F 32 16.82 4.62 50.69
CA GLU F 32 15.98 4.25 51.83
C GLU F 32 16.79 3.59 52.96
N GLY F 33 17.92 2.97 52.63
CA GLY F 33 18.77 2.31 53.59
C GLY F 33 18.83 0.81 53.42
N HIS F 34 18.05 0.24 52.51
CA HIS F 34 18.17 -1.19 52.28
C HIS F 34 19.57 -1.53 51.79
N GLU F 35 19.95 -2.77 52.01
CA GLU F 35 21.17 -3.30 51.45
C GLU F 35 20.79 -3.87 50.08
N THR F 36 21.16 -3.14 49.02
CA THR F 36 20.65 -3.38 47.69
C THR F 36 21.59 -4.26 46.88
N TYR F 37 21.05 -5.34 46.31
CA TYR F 37 21.77 -6.22 45.41
C TYR F 37 21.25 -6.05 43.99
N VAL F 38 22.14 -6.17 43.01
CA VAL F 38 21.76 -6.09 41.60
C VAL F 38 22.37 -7.29 40.90
N LEU F 39 21.60 -7.92 40.02
CA LEU F 39 22.13 -9.04 39.22
C LEU F 39 23.03 -8.51 38.13
N GLN F 40 24.09 -9.27 37.85
CA GLN F 40 25.05 -8.92 36.80
C GLN F 40 25.19 -10.16 35.93
N GLN F 41 24.45 -10.20 34.81
CA GLN F 41 24.45 -11.43 34.02
C GLN F 41 25.59 -11.45 33.01
N PRO F 42 26.01 -12.64 32.57
CA PRO F 42 27.28 -12.74 31.82
C PRO F 42 27.30 -11.95 30.51
N GLU F 43 26.15 -11.70 29.86
CA GLU F 43 26.15 -10.89 28.64
C GLU F 43 26.43 -9.41 28.90
N THR F 44 26.63 -9.01 30.15
CA THR F 44 26.87 -7.63 30.54
C THR F 44 28.32 -7.21 30.35
N ARG F 45 29.27 -8.16 30.27
CA ARG F 45 30.68 -7.79 30.40
C ARG F 45 31.26 -7.16 29.16
N VAL F 46 30.58 -7.22 28.01
CA VAL F 46 31.01 -6.53 26.81
C VAL F 46 30.16 -5.30 26.50
N ASP F 47 29.16 -5.00 27.36
CA ASP F 47 28.21 -3.90 27.17
C ASP F 47 28.58 -2.72 28.08
N ILE F 48 29.17 -1.68 27.47
CA ILE F 48 29.74 -0.59 28.26
C ILE F 48 28.66 0.16 29.04
N GLU F 49 27.46 0.28 28.48
CA GLU F 49 26.44 1.06 29.18
C GLU F 49 26.01 0.38 30.47
N LYS F 50 25.89 -0.95 30.46
CA LYS F 50 25.48 -1.68 31.65
C LYS F 50 26.60 -1.76 32.68
N VAL F 51 27.84 -1.93 32.21
CA VAL F 51 28.99 -1.98 33.12
C VAL F 51 29.15 -0.66 33.88
N GLN F 52 29.12 0.48 33.18
CA GLN F 52 29.13 1.77 33.88
C GLN F 52 28.01 1.86 34.90
N LEU F 53 26.82 1.40 34.51
CA LEU F 53 25.67 1.50 35.40
C LEU F 53 25.84 0.62 36.64
N LEU F 54 26.14 -0.67 36.43
CA LEU F 54 26.32 -1.64 37.51
C LEU F 54 27.37 -1.20 38.53
N TYR F 55 28.57 -0.84 38.06
CA TYR F 55 29.61 -0.39 38.99
C TYR F 55 29.36 1.01 39.53
N SER F 56 28.43 1.76 38.94
CA SER F 56 28.03 2.98 39.60
C SER F 56 27.10 2.68 40.77
N TYR F 57 26.45 1.51 40.77
CA TYR F 57 25.72 1.03 41.95
C TYR F 57 26.69 0.60 43.05
N LYS F 58 27.71 -0.21 42.71
CA LYS F 58 28.73 -0.55 43.70
C LYS F 58 29.31 0.69 44.36
N ARG F 59 29.55 1.76 43.58
CA ARG F 59 30.09 2.97 44.17
C ARG F 59 29.12 3.60 45.19
N LEU F 60 27.82 3.31 45.11
CA LEU F 60 26.86 3.84 46.08
C LEU F 60 26.50 2.82 47.17
N GLY F 61 27.09 1.63 47.16
CA GLY F 61 26.89 0.68 48.24
C GLY F 61 26.26 -0.63 47.82
N ALA F 62 25.65 -0.68 46.65
CA ALA F 62 25.08 -1.91 46.13
C ALA F 62 26.17 -2.95 45.98
N ARG F 63 25.73 -4.20 45.98
CA ARG F 63 26.63 -5.30 45.65
C ARG F 63 26.05 -6.03 44.47
N LEU F 64 26.93 -6.47 43.59
CA LEU F 64 26.57 -7.21 42.40
C LEU F 64 26.66 -8.72 42.67
N ILE F 65 25.81 -9.48 42.01
CA ILE F 65 25.79 -10.93 42.09
C ILE F 65 25.82 -11.44 40.67
N GLU F 66 26.89 -12.13 40.30
CA GLU F 66 26.96 -12.70 38.96
C GLU F 66 26.03 -13.90 38.88
N ALA F 67 25.19 -13.94 37.84
CA ALA F 67 24.26 -15.05 37.61
C ALA F 67 23.71 -14.94 36.20
N SER F 68 23.18 -16.04 35.68
CA SER F 68 22.50 -16.05 34.39
C SER F 68 21.07 -16.54 34.57
N PHE F 69 20.23 -16.28 33.57
CA PHE F 69 18.85 -16.76 33.59
C PHE F 69 18.71 -18.15 33.01
N SER F 70 19.70 -18.64 32.27
CA SER F 70 19.69 -19.98 31.70
C SER F 70 20.43 -21.00 32.58
N ASP F 71 20.97 -20.56 33.72
CA ASP F 71 21.58 -21.43 34.72
C ASP F 71 20.76 -21.30 36.00
N HIS F 72 19.98 -22.34 36.32
CA HIS F 72 19.00 -22.20 37.38
C HIS F 72 19.64 -22.04 38.75
N GLN F 73 20.83 -22.61 38.98
CA GLN F 73 21.36 -22.61 40.34
C GLN F 73 21.93 -21.27 40.77
N SER F 74 22.50 -20.49 39.83
CA SER F 74 22.91 -19.13 40.21
C SER F 74 21.71 -18.27 40.56
N LEU F 75 20.56 -18.53 39.93
CA LEU F 75 19.32 -17.89 40.33
C LEU F 75 18.98 -18.20 41.78
N VAL F 76 18.97 -19.49 42.16
CA VAL F 76 18.66 -19.83 43.54
C VAL F 76 19.77 -19.34 44.46
N SER F 77 21.03 -19.46 44.03
CA SER F 77 22.15 -18.97 44.82
C SER F 77 22.03 -17.46 45.07
N ALA F 78 21.59 -16.72 44.05
CA ALA F 78 21.47 -15.26 44.19
C ALA F 78 20.30 -14.87 45.07
N VAL F 79 19.19 -15.62 45.01
CA VAL F 79 18.02 -15.28 45.81
C VAL F 79 18.26 -15.57 47.30
N LYS F 80 19.11 -16.56 47.61
CA LYS F 80 19.42 -16.90 48.99
C LYS F 80 20.18 -15.80 49.73
N GLN F 81 20.90 -14.93 49.02
CA GLN F 81 21.67 -13.85 49.65
C GLN F 81 20.79 -12.70 50.14
N VAL F 82 19.48 -12.77 49.91
CA VAL F 82 18.65 -11.59 50.02
C VAL F 82 17.31 -11.94 50.67
N ASP F 83 16.66 -10.93 51.25
CA ASP F 83 15.35 -11.12 51.83
C ASP F 83 14.22 -10.93 50.81
N ILE F 84 14.28 -9.85 50.02
CA ILE F 84 13.15 -9.39 49.19
C ILE F 84 13.60 -9.24 47.74
N VAL F 85 12.80 -9.75 46.80
CA VAL F 85 13.10 -9.70 45.37
C VAL F 85 12.15 -8.74 44.67
N VAL F 86 12.71 -7.75 43.96
CA VAL F 86 11.92 -6.77 43.19
C VAL F 86 12.33 -6.89 41.73
N ALA F 87 11.38 -7.26 40.87
CA ALA F 87 11.70 -7.35 39.44
C ALA F 87 11.19 -6.10 38.72
N ALA F 88 11.85 -5.76 37.60
CA ALA F 88 11.46 -4.61 36.79
C ALA F 88 12.00 -4.83 35.39
N MET F 89 11.12 -5.13 34.44
CA MET F 89 11.53 -5.65 33.14
C MET F 89 11.42 -4.61 32.02
N SER F 90 12.23 -4.83 30.98
CA SER F 90 12.60 -3.81 30.02
C SER F 90 13.55 -4.41 28.97
N SER F 98 9.44 -11.53 27.50
CA SER F 98 10.47 -11.05 28.42
C SER F 98 9.91 -10.85 29.85
N ILE F 99 8.63 -10.48 29.97
CA ILE F 99 7.97 -10.49 31.29
C ILE F 99 7.93 -11.92 31.83
N LEU F 100 7.87 -12.91 30.96
CA LEU F 100 7.71 -14.30 31.37
C LEU F 100 9.04 -15.01 31.63
N VAL F 101 10.11 -14.27 31.93
CA VAL F 101 11.25 -14.88 32.60
C VAL F 101 11.21 -14.64 34.10
N GLN F 102 10.26 -13.84 34.57
CA GLN F 102 9.94 -13.83 36.00
C GLN F 102 9.45 -15.19 36.47
N LEU F 103 9.05 -16.08 35.56
CA LEU F 103 8.68 -17.43 35.97
C LEU F 103 9.90 -18.23 36.40
N LYS F 104 11.04 -18.06 35.71
CA LYS F 104 12.29 -18.69 36.17
C LYS F 104 12.72 -18.13 37.51
N LEU F 105 12.53 -16.83 37.70
CA LEU F 105 12.75 -16.23 39.02
C LEU F 105 11.85 -16.90 40.06
N VAL F 106 10.57 -17.12 39.72
CA VAL F 106 9.58 -17.64 40.67
C VAL F 106 9.91 -19.06 41.12
N GLU F 107 10.54 -19.86 40.25
CA GLU F 107 10.95 -21.20 40.67
C GLU F 107 12.24 -21.15 41.49
N ALA F 108 13.17 -20.28 41.13
CA ALA F 108 14.38 -20.12 41.93
C ALA F 108 14.03 -19.68 43.35
N ILE F 109 13.10 -18.74 43.48
CA ILE F 109 12.74 -18.24 44.81
C ILE F 109 11.90 -19.29 45.55
N LYS F 110 11.20 -20.16 44.81
CA LYS F 110 10.57 -21.33 45.42
C LYS F 110 11.61 -22.28 45.97
N GLU F 111 12.67 -22.54 45.19
CA GLU F 111 13.71 -23.45 45.64
C GLU F 111 14.49 -22.89 46.82
N ALA F 112 14.73 -21.58 46.84
CA ALA F 112 15.52 -20.98 47.92
C ALA F 112 14.70 -20.81 49.19
N GLY F 113 13.39 -20.62 49.08
CA GLY F 113 12.50 -20.61 50.23
C GLY F 113 12.70 -19.53 51.27
N ASN F 114 13.69 -18.65 51.12
CA ASN F 114 14.07 -17.73 52.18
C ASN F 114 13.49 -16.32 52.00
N ILE F 115 12.60 -16.11 51.03
CA ILE F 115 12.23 -14.77 50.60
C ILE F 115 10.96 -14.31 51.32
N LYS F 116 11.07 -13.20 52.04
CA LYS F 116 9.93 -12.59 52.72
C LYS F 116 8.93 -11.99 51.74
N ARG F 117 9.38 -11.55 50.56
CA ARG F 117 8.47 -10.86 49.68
C ARG F 117 9.05 -10.70 48.28
N PHE F 118 8.20 -10.93 47.28
CA PHE F 118 8.51 -10.78 45.87
C PHE F 118 7.59 -9.69 45.34
N LEU F 119 8.17 -8.64 44.75
CA LEU F 119 7.42 -7.66 43.98
C LEU F 119 7.74 -7.84 42.51
N PRO F 120 6.78 -8.23 41.68
CA PRO F 120 7.06 -8.50 40.27
C PRO F 120 6.87 -7.26 39.39
N SER F 121 7.36 -7.34 38.16
CA SER F 121 7.33 -6.21 37.23
C SER F 121 5.91 -5.79 36.90
N GLU F 122 5.39 -4.78 37.60
CA GLU F 122 3.98 -4.44 37.54
C GLU F 122 3.69 -3.01 37.16
N PHE F 123 4.66 -2.11 37.29
CA PHE F 123 4.42 -0.79 37.89
C PHE F 123 3.45 0.09 37.11
N GLY F 124 3.18 -0.25 35.85
CA GLY F 124 2.19 0.49 35.11
C GLY F 124 0.76 0.19 35.50
N MET F 125 -0.06 -0.17 34.51
CA MET F 125 -1.49 -0.32 34.69
C MET F 125 -1.82 -1.76 35.09
N ASP F 126 -2.74 -1.90 36.06
CA ASP F 126 -3.16 -3.09 36.78
C ASP F 126 -3.94 -4.07 35.89
N PRO F 127 -3.34 -5.21 35.47
CA PRO F 127 -3.93 -6.02 34.38
C PRO F 127 -5.15 -6.84 34.78
N SER F 128 -5.64 -6.68 36.02
CA SER F 128 -6.92 -7.26 36.38
C SER F 128 -8.07 -6.70 35.54
N ARG F 129 -7.80 -5.68 34.71
CA ARG F 129 -8.78 -5.09 33.80
C ARG F 129 -8.43 -5.51 32.37
N MET F 130 -9.15 -6.53 31.89
CA MET F 130 -9.54 -6.69 30.49
C MET F 130 -10.45 -7.90 30.39
N GLU F 139 0.25 -10.50 24.91
CA GLU F 139 -0.17 -9.29 25.60
C GLU F 139 0.50 -9.19 26.99
N THR F 140 1.08 -8.01 27.30
CA THR F 140 1.77 -7.86 28.58
C THR F 140 0.80 -7.98 29.75
N PHE F 141 -0.49 -7.70 29.54
CA PHE F 141 -1.47 -7.98 30.60
C PHE F 141 -1.39 -9.46 30.92
N ASP F 142 -1.90 -10.31 30.02
CA ASP F 142 -1.81 -11.76 30.15
C ASP F 142 -0.50 -12.23 30.80
N GLN F 143 0.64 -11.68 30.37
CA GLN F 143 1.91 -12.13 30.92
C GLN F 143 2.04 -11.81 32.41
N LYS F 144 1.67 -10.59 32.82
CA LYS F 144 1.80 -10.19 34.22
C LYS F 144 0.95 -11.03 35.17
N LEU F 145 -0.22 -11.51 34.72
CA LEU F 145 -1.05 -12.32 35.61
C LEU F 145 -0.58 -13.78 35.67
N GLU F 146 -0.08 -14.31 34.54
CA GLU F 146 0.60 -15.61 34.57
C GLU F 146 1.73 -15.61 35.61
N VAL F 147 2.51 -14.52 35.64
CA VAL F 147 3.51 -14.37 36.70
C VAL F 147 2.82 -14.25 38.07
N ARG F 148 1.71 -13.51 38.14
CA ARG F 148 0.98 -13.42 39.42
C ARG F 148 0.51 -14.78 39.91
N ASN F 149 0.13 -15.65 38.97
CA ASN F 149 -0.41 -16.95 39.34
C ASN F 149 0.70 -17.92 39.73
N ALA F 150 1.86 -17.84 39.10
CA ALA F 150 3.01 -18.60 39.59
C ALA F 150 3.38 -18.17 41.01
N ILE F 151 3.39 -16.85 41.27
CA ILE F 151 3.73 -16.33 42.60
C ILE F 151 2.78 -16.90 43.66
N GLU F 152 1.48 -16.79 43.40
CA GLU F 152 0.50 -17.18 44.41
C GLU F 152 0.38 -18.70 44.51
N ALA F 153 0.59 -19.43 43.42
CA ALA F 153 0.66 -20.88 43.50
C ALA F 153 1.83 -21.31 44.37
N ALA F 154 3.04 -20.86 44.02
CA ALA F 154 4.25 -21.29 44.71
C ALA F 154 4.35 -20.77 46.13
N GLY F 155 3.39 -19.99 46.61
CA GLY F 155 3.32 -19.62 48.01
C GLY F 155 4.07 -18.37 48.42
N ILE F 156 4.54 -17.55 47.50
CA ILE F 156 5.45 -16.47 47.87
C ILE F 156 4.71 -15.19 48.26
N PRO F 157 4.92 -14.68 49.47
CA PRO F 157 4.35 -13.39 49.82
C PRO F 157 4.75 -12.33 48.79
N HIS F 158 3.80 -11.47 48.44
CA HIS F 158 3.96 -10.60 47.28
C HIS F 158 3.48 -9.20 47.61
N THR F 159 3.89 -8.24 46.80
CA THR F 159 3.19 -6.96 46.69
C THR F 159 3.13 -6.57 45.22
N TYR F 160 1.98 -6.06 44.79
CA TYR F 160 1.78 -5.59 43.43
C TYR F 160 1.62 -4.08 43.52
N VAL F 161 2.57 -3.35 42.94
CA VAL F 161 2.55 -1.89 42.89
C VAL F 161 2.09 -1.51 41.48
N VAL F 162 0.92 -0.86 41.40
CA VAL F 162 0.19 -0.65 40.15
C VAL F 162 -0.44 0.74 40.13
N GLY F 163 -1.04 1.07 38.98
CA GLY F 163 -1.97 2.17 38.87
C GLY F 163 -1.45 3.53 38.40
N ALA F 164 -0.53 3.57 37.45
CA ALA F 164 0.08 4.85 37.12
C ALA F 164 0.45 4.94 35.64
N CYS F 165 0.35 6.15 35.10
CA CYS F 165 0.96 6.53 33.83
C CYS F 165 2.35 7.08 34.11
N PHE F 166 3.36 6.49 33.50
CA PHE F 166 4.71 7.00 33.70
C PHE F 166 4.82 8.41 33.11
N ALA F 167 5.25 9.37 33.93
CA ALA F 167 5.25 10.75 33.48
C ALA F 167 6.20 10.98 32.29
N ALA F 168 7.26 10.18 32.16
CA ALA F 168 8.16 10.37 31.02
C ALA F 168 7.50 9.98 29.70
N TYR F 169 6.52 9.09 29.74
CA TYR F 169 5.83 8.70 28.52
C TYR F 169 4.50 9.42 28.30
N PHE F 170 3.92 10.07 29.33
CA PHE F 170 2.59 10.65 29.21
C PHE F 170 2.47 12.08 29.69
N ALA F 171 3.36 12.57 30.56
CA ALA F 171 3.31 13.94 31.05
C ALA F 171 4.25 14.89 30.30
N GLY F 172 5.53 14.54 30.19
CA GLY F 172 6.46 15.45 29.58
C GLY F 172 6.12 15.78 28.14
N ASN F 173 5.44 14.87 27.45
CA ASN F 173 4.98 15.11 26.09
C ASN F 173 3.55 15.62 26.02
N LEU F 174 2.97 16.07 27.14
CA LEU F 174 1.54 16.37 27.28
C LEU F 174 0.66 15.36 26.58
N SER F 175 1.04 14.07 26.66
CA SER F 175 0.29 12.93 26.13
C SER F 175 0.25 12.90 24.62
N GLN F 176 1.15 13.61 23.95
CA GLN F 176 1.32 13.45 22.50
C GLN F 176 2.06 12.14 22.20
N MET F 177 1.83 11.61 21.02
CA MET F 177 2.52 10.42 20.56
C MET F 177 3.66 10.79 19.61
N GLY F 178 4.68 9.94 19.58
CA GLY F 178 5.84 10.18 18.75
C GLY F 178 6.85 11.14 19.29
N THR F 179 6.69 11.57 20.55
CA THR F 179 7.59 12.55 21.16
C THR F 179 7.60 12.35 22.67
N LEU F 180 8.64 12.85 23.33
CA LEU F 180 8.73 12.82 24.78
C LEU F 180 8.83 14.20 25.40
N ILE F 181 8.90 15.26 24.59
CA ILE F 181 9.01 16.62 25.10
C ILE F 181 7.79 17.38 24.62
N PRO F 182 7.41 18.48 25.29
CA PRO F 182 6.11 19.07 25.02
C PRO F 182 6.07 19.71 23.65
N PRO F 183 4.90 19.83 23.05
CA PRO F 183 4.81 20.44 21.72
C PRO F 183 5.01 21.96 21.78
N LYS F 184 5.54 22.51 20.68
CA LYS F 184 5.81 23.94 20.57
C LYS F 184 4.53 24.77 20.41
N LYS F 185 3.58 24.32 19.59
CA LYS F 185 2.47 25.21 19.25
C LYS F 185 1.11 24.52 19.11
N LYS F 186 1.10 23.32 18.53
CA LYS F 186 -0.11 22.53 18.37
C LYS F 186 -0.10 21.39 19.38
N VAL F 187 -1.25 21.15 20.00
CA VAL F 187 -1.44 19.98 20.87
C VAL F 187 -2.69 19.24 20.43
N ASN F 188 -2.64 17.91 20.48
CA ASN F 188 -3.81 17.08 20.25
C ASN F 188 -4.48 16.77 21.58
N ILE F 189 -5.80 16.88 21.61
CA ILE F 189 -6.60 16.61 22.79
C ILE F 189 -7.46 15.39 22.48
N TYR F 190 -7.32 14.35 23.29
CA TYR F 190 -8.06 13.12 23.06
C TYR F 190 -9.48 13.28 23.60
N GLY F 191 -10.46 13.21 22.69
CA GLY F 191 -11.84 13.39 23.11
C GLY F 191 -12.08 14.86 23.36
N ASP F 192 -12.75 15.16 24.47
CA ASP F 192 -12.74 16.53 25.00
C ASP F 192 -11.68 16.72 26.06
N GLY F 193 -10.78 15.75 26.23
CA GLY F 193 -9.70 15.84 27.18
C GLY F 193 -10.11 15.87 28.62
N ASN F 194 -11.31 15.38 28.96
CA ASN F 194 -11.79 15.45 30.33
C ASN F 194 -11.95 14.07 30.94
N VAL F 195 -11.06 13.16 30.56
CA VAL F 195 -11.00 11.80 31.09
C VAL F 195 -9.81 11.73 32.05
N LYS F 196 -10.08 11.47 33.33
CA LYS F 196 -9.03 11.52 34.34
C LYS F 196 -8.00 10.42 34.09
N VAL F 197 -6.73 10.82 34.20
CA VAL F 197 -5.53 10.02 34.04
C VAL F 197 -4.74 10.23 35.33
N VAL F 198 -3.87 9.28 35.69
CA VAL F 198 -2.99 9.43 36.84
C VAL F 198 -1.57 9.55 36.33
N TYR F 199 -0.89 10.65 36.66
CA TYR F 199 0.43 10.93 36.12
C TYR F 199 1.43 10.95 37.27
N VAL F 200 2.36 10.01 37.31
CA VAL F 200 3.32 9.96 38.40
C VAL F 200 4.73 9.94 37.83
N ASP F 201 5.58 10.79 38.39
CA ASP F 201 7.03 10.68 38.23
C ASP F 201 7.48 9.26 38.54
N GLU F 202 8.26 8.65 37.64
CA GLU F 202 8.69 7.28 37.91
C GLU F 202 9.61 7.16 39.12
N ASP F 203 10.26 8.25 39.52
CA ASP F 203 11.06 8.21 40.75
C ASP F 203 10.20 8.04 42.00
N ASP F 204 8.99 8.63 42.01
CA ASP F 204 8.08 8.38 43.11
C ASP F 204 7.52 6.97 43.07
N ILE F 205 7.40 6.34 41.90
CA ILE F 205 7.06 4.92 41.88
C ILE F 205 8.17 4.12 42.56
N ALA F 206 9.42 4.40 42.20
CA ALA F 206 10.55 3.70 42.81
C ALA F 206 10.58 3.95 44.31
N GLU F 207 10.49 5.22 44.72
CA GLU F 207 10.54 5.55 46.15
C GLU F 207 9.44 4.83 46.93
N TYR F 208 8.17 4.96 46.47
CA TYR F 208 7.06 4.20 47.09
C TYR F 208 7.32 2.70 47.08
N THR F 209 8.02 2.19 46.05
CA THR F 209 8.32 0.77 45.99
C THR F 209 9.34 0.38 47.06
N ALA F 210 10.20 1.33 47.45
CA ALA F 210 11.23 1.07 48.45
C ALA F 210 10.66 1.14 49.86
N LYS F 211 9.71 2.04 50.07
CA LYS F 211 9.00 2.16 51.35
C LYS F 211 7.96 1.06 51.57
N THR F 212 7.51 0.37 50.51
CA THR F 212 6.46 -0.62 50.66
C THR F 212 6.97 -2.06 50.72
N LEU F 213 8.19 -2.34 50.24
CA LEU F 213 8.54 -3.74 50.02
C LEU F 213 8.66 -4.53 51.31
N ASP F 214 8.90 -3.84 52.43
CA ASP F 214 9.02 -4.44 53.76
C ASP F 214 8.05 -3.85 54.78
N ASP F 215 7.08 -3.05 54.34
CA ASP F 215 6.01 -2.56 55.21
C ASP F 215 5.09 -3.71 55.62
N PRO F 216 4.77 -3.88 56.91
CA PRO F 216 3.81 -4.93 57.31
C PRO F 216 2.43 -4.78 56.67
N ARG F 217 1.96 -3.54 56.47
CA ARG F 217 0.59 -3.34 56.01
C ARG F 217 0.35 -3.78 54.57
N THR F 218 1.39 -3.86 53.74
CA THR F 218 1.19 -4.14 52.32
C THR F 218 1.66 -5.53 51.91
N ILE F 219 1.94 -6.41 52.88
CA ILE F 219 2.27 -7.79 52.49
C ILE F 219 1.01 -8.43 51.92
N ASN F 220 1.16 -9.07 50.76
CA ASN F 220 0.08 -9.74 50.03
C ASN F 220 -1.08 -8.80 49.70
N LYS F 221 -0.81 -7.51 49.57
CA LYS F 221 -1.80 -6.58 49.10
C LYS F 221 -1.43 -6.07 47.71
N THR F 222 -2.33 -5.27 47.14
CA THR F 222 -2.07 -4.48 45.95
C THR F 222 -2.04 -3.02 46.35
N VAL F 223 -0.94 -2.32 46.01
CA VAL F 223 -0.74 -0.92 46.39
C VAL F 223 -0.91 -0.04 45.16
N TYR F 224 -1.75 1.00 45.27
CA TYR F 224 -2.11 1.88 44.16
C TYR F 224 -1.31 3.16 44.26
N VAL F 225 -0.57 3.48 43.21
CA VAL F 225 0.17 4.73 43.13
C VAL F 225 -0.77 5.74 42.47
N ARG F 226 -1.40 6.58 43.27
CA ARG F 226 -2.36 7.55 42.79
C ARG F 226 -2.23 8.82 43.62
N PRO F 227 -1.11 9.53 43.48
CA PRO F 227 -0.98 10.81 44.19
C PRO F 227 -2.15 11.69 43.80
N THR F 228 -2.88 12.15 44.82
CA THR F 228 -4.18 12.80 44.60
C THR F 228 -4.06 13.99 43.66
N GLU F 229 -3.09 14.88 43.93
CA GLU F 229 -2.95 16.06 43.09
C GLU F 229 -2.45 15.75 41.68
N ASN F 230 -2.09 14.51 41.37
CA ASN F 230 -1.67 14.16 40.01
C ASN F 230 -2.73 13.39 39.26
N VAL F 231 -3.94 13.29 39.81
CA VAL F 231 -5.08 12.75 39.09
C VAL F 231 -5.62 13.89 38.25
N LEU F 232 -5.37 13.85 36.93
CA LEU F 232 -5.58 15.00 36.07
C LEU F 232 -6.20 14.57 34.75
N THR F 233 -7.00 15.47 34.17
CA THR F 233 -7.40 15.19 32.80
C THR F 233 -6.32 15.72 31.86
N GLN F 234 -6.37 15.27 30.62
CA GLN F 234 -5.33 15.73 29.70
C GLN F 234 -5.43 17.23 29.46
N MET F 235 -6.64 17.79 29.55
CA MET F 235 -6.79 19.22 29.39
C MET F 235 -6.27 19.97 30.61
N GLU F 236 -6.51 19.43 31.83
CA GLU F 236 -5.86 20.02 32.98
C GLU F 236 -4.32 19.92 32.92
N LEU F 237 -3.79 18.85 32.33
CA LEU F 237 -2.34 18.78 32.19
C LEU F 237 -1.85 19.82 31.21
N VAL F 238 -2.54 19.92 30.07
CA VAL F 238 -2.24 20.93 29.04
C VAL F 238 -2.38 22.33 29.62
N GLN F 239 -3.23 22.49 30.63
CA GLN F 239 -3.38 23.80 31.25
C GLN F 239 -2.29 24.09 32.26
N ILE F 240 -1.75 23.08 32.94
CA ILE F 240 -0.59 23.31 33.77
C ILE F 240 0.56 23.81 32.92
N TRP F 241 0.72 23.25 31.71
CA TRP F 241 1.74 23.74 30.78
C TRP F 241 1.45 25.17 30.36
N GLU F 242 0.20 25.47 29.99
CA GLU F 242 -0.13 26.82 29.53
C GLU F 242 0.10 27.85 30.63
N LYS F 243 -0.05 27.46 31.89
CA LYS F 243 0.22 28.40 32.96
C LYS F 243 1.72 28.66 33.12
N LEU F 244 2.56 27.64 32.94
CA LEU F 244 4.00 27.82 33.10
C LEU F 244 4.59 28.61 31.95
N THR F 245 4.13 28.35 30.72
CA THR F 245 4.67 29.03 29.55
C THR F 245 3.99 30.38 29.30
N GLY F 246 2.78 30.58 29.82
CA GLY F 246 1.97 31.74 29.47
C GLY F 246 1.53 31.83 28.03
N LYS F 247 1.72 30.78 27.22
CA LYS F 247 1.18 30.70 25.87
C LYS F 247 0.01 29.72 25.83
N GLU F 248 -0.90 29.95 24.92
CA GLU F 248 -1.96 28.99 24.64
C GLU F 248 -1.56 28.17 23.43
N LEU F 249 -1.54 26.84 23.59
CA LEU F 249 -1.38 25.94 22.45
C LEU F 249 -2.68 25.86 21.66
N GLU F 250 -2.54 25.62 20.35
CA GLU F 250 -3.70 25.39 19.49
C GLU F 250 -4.15 23.95 19.63
N LYS F 251 -5.38 23.74 20.09
CA LYS F 251 -5.90 22.42 20.39
C LYS F 251 -6.74 21.89 19.24
N THR F 252 -6.35 20.75 18.68
CA THR F 252 -7.20 19.95 17.80
C THR F 252 -7.82 18.80 18.61
N ASN F 253 -9.14 18.76 18.69
CA ASN F 253 -9.85 17.70 19.41
C ASN F 253 -10.01 16.47 18.52
N ILE F 254 -9.39 15.36 18.94
CA ILE F 254 -9.39 14.08 18.22
C ILE F 254 -10.50 13.21 18.80
N SER F 255 -11.43 12.76 17.97
CA SER F 255 -12.46 11.87 18.48
C SER F 255 -11.96 10.42 18.54
N ALA F 256 -12.60 9.62 19.42
CA ALA F 256 -12.31 8.20 19.52
C ALA F 256 -12.15 7.52 18.16
N ASN F 257 -13.07 7.77 17.22
CA ASN F 257 -12.98 7.10 15.93
C ASN F 257 -11.85 7.65 15.09
N ASP F 258 -11.49 8.93 15.29
CA ASP F 258 -10.31 9.46 14.57
C ASP F 258 -9.03 8.84 15.08
N PHE F 259 -8.99 8.43 16.35
CA PHE F 259 -7.83 7.73 16.88
C PHE F 259 -7.65 6.39 16.16
N LEU F 260 -6.80 6.34 15.12
CA LEU F 260 -6.43 5.06 14.49
C LEU F 260 -4.97 5.04 14.04
N ALA F 261 -4.26 3.99 14.45
CA ALA F 261 -3.05 3.59 13.74
C ALA F 261 -3.41 3.26 12.29
N LEU F 274 -0.22 -0.02 21.98
CA LEU F 274 -0.60 1.32 22.41
C LEU F 274 -1.51 2.05 21.39
N GLY F 275 -2.79 1.67 21.28
CA GLY F 275 -3.40 0.59 22.04
C GLY F 275 -3.83 1.02 23.43
N HIS F 276 -2.82 1.13 24.32
CA HIS F 276 -3.03 1.59 25.69
C HIS F 276 -3.56 3.02 25.73
N PHE F 277 -3.12 3.88 24.81
CA PHE F 277 -3.59 5.26 24.80
C PHE F 277 -5.11 5.33 24.77
N TYR F 278 -5.74 4.48 23.98
CA TYR F 278 -7.20 4.51 23.85
C TYR F 278 -7.90 4.09 25.15
N HIS F 279 -7.33 3.14 25.90
CA HIS F 279 -7.98 2.74 27.13
C HIS F 279 -7.79 3.78 28.22
N ILE F 280 -6.65 4.45 28.24
CA ILE F 280 -6.38 5.44 29.29
C ILE F 280 -7.17 6.72 29.05
N PHE F 281 -7.18 7.22 27.80
CA PHE F 281 -7.65 8.57 27.49
C PHE F 281 -9.10 8.63 27.00
N TYR F 282 -9.60 7.55 26.38
CA TYR F 282 -11.01 7.52 25.99
C TYR F 282 -11.87 6.66 26.91
N GLU F 283 -11.33 5.61 27.55
CA GLU F 283 -12.14 4.79 28.45
C GLU F 283 -11.88 5.06 29.93
N GLY F 284 -10.89 5.88 30.27
CA GLY F 284 -10.69 6.26 31.66
C GLY F 284 -10.21 5.16 32.58
N CYS F 285 -9.57 4.13 32.03
CA CYS F 285 -9.21 2.92 32.79
C CYS F 285 -8.56 3.25 34.13
N LEU F 286 -7.69 4.25 34.15
CA LEU F 286 -6.92 4.52 35.36
C LEU F 286 -7.72 5.21 36.47
N THR F 287 -9.04 5.42 36.34
CA THR F 287 -9.79 5.99 37.47
C THR F 287 -11.23 5.48 37.50
N ASP F 288 -11.50 4.30 36.94
CA ASP F 288 -12.82 3.67 37.13
C ASP F 288 -13.07 3.33 38.60
N HIS F 289 -12.02 2.86 39.28
CA HIS F 289 -12.10 2.36 40.65
C HIS F 289 -11.47 3.41 41.56
N GLU F 290 -12.25 3.90 42.53
CA GLU F 290 -11.72 4.81 43.54
C GLU F 290 -11.11 4.00 44.68
N VAL F 291 -9.91 4.38 45.10
CA VAL F 291 -9.11 3.56 45.97
C VAL F 291 -9.21 4.06 47.41
N GLY F 292 -8.92 3.19 48.35
CA GLY F 292 -8.94 3.57 49.74
C GLY F 292 -7.59 4.02 50.24
N ASP F 293 -7.61 4.79 51.33
CA ASP F 293 -6.39 5.24 51.99
C ASP F 293 -5.59 4.11 52.62
N ASP F 294 -6.17 2.91 52.65
CA ASP F 294 -5.50 1.69 53.09
C ASP F 294 -4.59 1.09 52.04
N GLU F 295 -4.78 1.45 50.76
CA GLU F 295 -4.16 0.78 49.62
C GLU F 295 -3.47 1.74 48.66
N GLU F 296 -3.17 2.97 49.09
CA GLU F 296 -2.74 4.03 48.18
C GLU F 296 -1.46 4.68 48.71
N ALA F 297 -0.41 4.64 47.89
CA ALA F 297 0.94 4.90 48.37
C ALA F 297 1.08 6.28 48.98
N SER F 298 0.39 7.29 48.46
CA SER F 298 0.61 8.63 49.00
C SER F 298 -0.15 8.86 50.30
N LYS F 299 -0.98 7.90 50.72
CA LYS F 299 -1.61 7.92 52.04
C LYS F 299 -0.90 7.00 53.02
N LEU F 300 -0.41 5.85 52.54
CA LEU F 300 0.45 5.02 53.35
C LEU F 300 1.75 5.73 53.70
N TYR F 301 2.29 6.49 52.77
CA TYR F 301 3.60 7.14 52.91
C TYR F 301 3.46 8.60 52.55
N PRO F 302 2.82 9.39 53.42
CA PRO F 302 2.64 10.82 53.13
C PRO F 302 3.90 11.67 53.28
N ASP F 303 4.98 11.12 53.85
CA ASP F 303 6.24 11.82 53.90
C ASP F 303 6.93 11.87 52.54
N VAL F 304 6.61 10.93 51.64
CA VAL F 304 7.03 11.01 50.24
C VAL F 304 6.34 12.21 49.60
N LYS F 305 7.09 13.31 49.43
CA LYS F 305 6.55 14.50 48.78
C LYS F 305 6.73 14.34 47.27
N TYR F 306 5.80 13.57 46.69
CA TYR F 306 5.78 13.23 45.28
C TYR F 306 5.80 14.49 44.40
N THR F 307 6.17 14.31 43.14
CA THR F 307 6.35 15.42 42.22
C THR F 307 5.02 15.79 41.57
N ARG F 308 4.61 17.05 41.71
CA ARG F 308 3.45 17.53 41.00
C ARG F 308 3.82 17.85 39.56
N MET F 309 2.85 17.65 38.65
CA MET F 309 3.09 17.88 37.24
C MET F 309 3.45 19.33 36.96
N ASP F 310 2.99 20.26 37.78
CA ASP F 310 3.48 21.63 37.61
C ASP F 310 4.96 21.74 37.94
N GLU F 311 5.52 20.81 38.72
CA GLU F 311 6.95 20.79 38.98
C GLU F 311 7.68 19.92 37.97
N TYR F 312 7.14 18.74 37.68
CA TYR F 312 7.75 17.83 36.71
C TYR F 312 8.00 18.49 35.36
N LEU F 313 7.05 19.31 34.88
CA LEU F 313 7.16 19.93 33.56
C LEU F 313 8.13 21.12 33.52
N LYS F 314 8.61 21.62 34.66
CA LYS F 314 9.50 22.78 34.65
C LYS F 314 10.78 22.51 33.89
N ILE F 315 11.28 21.26 33.91
CA ILE F 315 12.54 20.98 33.25
C ILE F 315 12.46 21.28 31.75
N PHE F 316 11.26 21.35 31.18
CA PHE F 316 11.10 21.48 29.74
C PHE F 316 10.97 22.91 29.25
N LEU F 317 10.85 23.90 30.14
CA LEU F 317 10.76 25.30 29.71
C LEU F 317 12.05 25.84 29.07
#